data_7CGA
#
_entry.id   7CGA
#
_cell.length_a   183.631
_cell.length_b   183.631
_cell.length_c   294.242
_cell.angle_alpha   90.000
_cell.angle_beta   90.000
_cell.angle_gamma   120.000
#
_symmetry.space_group_name_H-M   'P 63 2 2'
#
loop_
_entity.id
_entity.type
_entity.pdbx_description
1 polymer 'Mitogen-activated protein kinase 12'
2 water water
#
_entity_poly.entity_id   1
_entity_poly.type   'polypeptide(L)'
_entity_poly.pdbx_seq_one_letter_code
;SNASGFYRQEVTKTAWEVRAVYRDLQPVGSGAYGAVCSAVDGRTGAKVAIKKLYRPFQSELFAKRAYRELRLLKHMRHEN
VIGLLDVFTPDETLDDFTDFYLVMPFMGTDLGKLMKHEKLGEDRIQFLVYQMLKGLRYIHAAGIIHRDLKPGNLAVNEDC
ELKILDFGLARQADSEMTGYVVTRWYRAPEVILNWMRYTQTVDIWSVGCIMAEMITGKTLFKGSDHLDQLKEIMKVTGTP
PAEFVQRLQSDEAKNYMKGLPELEKKDFASILTNASPLAVNLLEKMLVLDAEQRVTAGEALAHPYFESLHDTEDEPQVQK
YDDSFDDVDRTLDEWKRVTYKEVLSFKP
;
_entity_poly.pdbx_strand_id   A,B,C,D
#
# COMPACT_ATOMS: atom_id res chain seq x y z
N ASN A 2 14.30 14.18 -21.35
CA ASN A 2 13.85 14.33 -19.91
C ASN A 2 14.15 15.76 -19.42
N ALA A 3 13.11 16.54 -19.03
CA ALA A 3 13.19 17.89 -18.44
C ALA A 3 14.51 18.03 -17.66
N SER A 4 15.44 18.87 -18.14
CA SER A 4 16.88 18.92 -17.74
C SER A 4 17.09 19.48 -16.32
N GLY A 5 16.23 20.43 -15.91
CA GLY A 5 16.38 21.29 -14.73
C GLY A 5 17.01 22.62 -15.09
N PHE A 6 17.82 22.68 -16.15
CA PHE A 6 18.72 23.84 -16.44
C PHE A 6 18.76 24.19 -17.93
N TYR A 7 18.95 25.47 -18.29
CA TYR A 7 19.31 25.93 -19.66
C TYR A 7 20.65 26.67 -19.67
N ARG A 8 21.27 26.72 -20.85
CA ARG A 8 22.58 27.38 -21.13
C ARG A 8 22.28 28.71 -21.81
N GLN A 9 23.07 29.74 -21.49
CA GLN A 9 22.99 31.13 -22.02
C GLN A 9 24.40 31.74 -22.05
N GLU A 10 24.96 32.08 -23.21
CA GLU A 10 26.25 32.81 -23.26
C GLU A 10 25.94 34.19 -22.71
N VAL A 11 26.69 34.65 -21.72
CA VAL A 11 26.55 36.02 -21.13
C VAL A 11 27.94 36.63 -21.08
N THR A 12 28.21 37.74 -21.77
CA THR A 12 29.58 38.29 -21.88
C THR A 12 30.49 37.12 -22.27
N LYS A 13 30.15 36.43 -23.34
CA LYS A 13 31.04 35.43 -23.97
C LYS A 13 31.48 34.38 -22.96
N THR A 14 30.73 34.18 -21.87
CA THR A 14 30.95 33.06 -20.90
C THR A 14 29.61 32.33 -20.66
N ALA A 15 29.66 31.00 -20.63
CA ALA A 15 28.48 30.09 -20.62
C ALA A 15 27.92 29.98 -19.20
N TRP A 16 26.79 30.63 -18.93
CA TRP A 16 25.95 30.38 -17.73
C TRP A 16 25.01 29.20 -18.02
N GLU A 17 24.88 28.28 -17.06
CA GLU A 17 23.84 27.23 -17.01
C GLU A 17 23.14 27.33 -15.66
N VAL A 18 21.89 27.75 -15.70
CA VAL A 18 21.13 28.09 -14.46
C VAL A 18 19.85 27.28 -14.48
N ARG A 19 19.17 27.22 -13.34
CA ARG A 19 17.83 26.60 -13.21
C ARG A 19 16.86 27.19 -14.26
N ALA A 20 15.99 26.35 -14.82
CA ALA A 20 14.86 26.74 -15.70
C ALA A 20 14.06 27.85 -15.03
N VAL A 21 14.03 27.90 -13.73
CA VAL A 21 13.21 28.90 -12.99
C VAL A 21 13.80 30.32 -13.15
N TYR A 22 15.10 30.47 -13.38
CA TYR A 22 15.77 31.78 -13.33
C TYR A 22 16.00 32.27 -14.76
N ARG A 23 15.22 33.26 -15.16
CA ARG A 23 15.15 33.73 -16.56
C ARG A 23 15.63 35.18 -16.67
N ASP A 24 16.09 35.51 -17.87
CA ASP A 24 16.39 36.89 -18.31
C ASP A 24 17.68 37.33 -17.60
N LEU A 25 18.79 36.67 -17.89
CA LEU A 25 20.09 36.93 -17.21
C LEU A 25 20.69 38.21 -17.75
N GLN A 26 20.63 39.30 -17.00
CA GLN A 26 21.41 40.53 -17.32
C GLN A 26 22.69 40.45 -16.49
N PRO A 27 23.88 40.74 -17.07
CA PRO A 27 25.13 40.90 -16.30
C PRO A 27 25.16 42.16 -15.43
N VAL A 28 25.68 42.11 -14.21
CA VAL A 28 25.74 43.31 -13.32
C VAL A 28 27.12 43.52 -12.67
N GLY A 29 28.05 42.56 -12.61
CA GLY A 29 29.30 42.72 -11.83
C GLY A 29 30.33 41.66 -12.11
N SER A 30 31.61 42.01 -11.97
CA SER A 30 32.77 41.07 -11.99
C SER A 30 33.60 41.28 -10.71
N GLY A 31 34.20 40.20 -10.23
CA GLY A 31 34.92 40.13 -8.95
C GLY A 31 36.13 39.23 -9.11
N ALA A 32 37.00 39.20 -8.11
CA ALA A 32 38.19 38.29 -8.07
C ALA A 32 37.70 36.86 -8.19
N TYR A 33 36.57 36.56 -7.53
CA TYR A 33 36.15 35.18 -7.16
C TYR A 33 34.92 34.72 -7.96
N GLY A 34 34.32 35.63 -8.74
CA GLY A 34 33.09 35.32 -9.48
C GLY A 34 32.51 36.51 -10.21
N ALA A 35 31.51 36.23 -11.04
CA ALA A 35 30.73 37.20 -11.86
C ALA A 35 29.25 37.10 -11.49
N VAL A 36 28.55 38.22 -11.46
CA VAL A 36 27.13 38.30 -11.02
C VAL A 36 26.23 38.72 -12.19
N CYS A 37 25.06 38.09 -12.29
CA CYS A 37 23.97 38.41 -13.23
C CYS A 37 22.71 38.62 -12.42
N SER A 38 21.84 39.54 -12.85
CA SER A 38 20.45 39.70 -12.34
C SER A 38 19.58 38.72 -13.13
N ALA A 39 18.47 38.30 -12.54
CA ALA A 39 17.51 37.37 -13.19
C ALA A 39 16.18 37.45 -12.46
N VAL A 40 15.15 37.04 -13.18
CA VAL A 40 13.77 36.97 -12.65
C VAL A 40 13.51 35.52 -12.29
N ASP A 41 12.93 35.35 -11.11
CA ASP A 41 12.57 34.01 -10.58
C ASP A 41 11.16 33.70 -11.09
N GLY A 42 11.07 32.86 -12.12
CA GLY A 42 9.84 32.38 -12.79
C GLY A 42 8.69 32.10 -11.83
N ARG A 43 8.94 31.35 -10.74
CA ARG A 43 7.97 31.10 -9.63
C ARG A 43 7.24 32.39 -9.24
N THR A 44 7.98 33.38 -8.77
CA THR A 44 7.49 34.46 -7.88
C THR A 44 7.56 35.83 -8.58
N GLY A 45 8.39 36.02 -9.60
CA GLY A 45 8.55 37.35 -10.24
C GLY A 45 9.63 38.20 -9.58
N ALA A 46 9.92 37.91 -8.28
CA ALA A 46 11.13 38.31 -7.51
C ALA A 46 12.39 38.47 -8.38
N LYS A 47 13.02 39.64 -8.30
CA LYS A 47 14.35 39.89 -8.92
C LYS A 47 15.41 39.22 -8.05
N VAL A 48 16.50 38.82 -8.66
CA VAL A 48 17.44 37.85 -8.04
C VAL A 48 18.84 38.04 -8.67
N ALA A 49 19.87 37.93 -7.82
CA ALA A 49 21.30 37.98 -8.20
C ALA A 49 21.84 36.56 -8.19
N ILE A 50 22.56 36.17 -9.23
CA ILE A 50 23.23 34.85 -9.30
C ILE A 50 24.74 35.05 -9.50
N LYS A 51 25.57 34.60 -8.57
CA LYS A 51 27.05 34.65 -8.72
C LYS A 51 27.55 33.31 -9.25
N LYS A 52 28.15 33.29 -10.45
CA LYS A 52 28.93 32.14 -10.99
C LYS A 52 30.37 32.27 -10.47
N LEU A 53 30.70 31.55 -9.41
CA LEU A 53 32.06 31.39 -8.83
C LEU A 53 33.10 31.19 -9.94
N TYR A 54 34.18 31.98 -9.94
CA TYR A 54 35.36 31.80 -10.82
C TYR A 54 36.09 30.54 -10.34
N ARG A 55 36.03 29.50 -11.18
CA ARG A 55 36.85 28.26 -11.09
C ARG A 55 37.14 27.94 -9.64
N PRO A 56 36.10 27.65 -8.84
CA PRO A 56 36.27 27.48 -7.40
C PRO A 56 37.12 26.26 -6.99
N PHE A 57 37.25 25.23 -7.84
CA PHE A 57 38.02 24.00 -7.52
C PHE A 57 39.37 24.02 -8.23
N GLN A 58 39.94 25.22 -8.46
CA GLN A 58 41.30 25.38 -9.04
C GLN A 58 42.34 24.94 -8.00
N SER A 59 42.05 25.01 -6.70
CA SER A 59 43.01 24.71 -5.61
C SER A 59 42.26 24.42 -4.31
N GLU A 60 42.91 23.69 -3.39
CA GLU A 60 42.36 23.40 -2.04
C GLU A 60 41.80 24.70 -1.47
N LEU A 61 42.60 25.77 -1.49
CA LEU A 61 42.29 27.03 -0.76
C LEU A 61 41.25 27.88 -1.51
N PHE A 62 41.07 27.64 -2.81
CA PHE A 62 40.06 28.40 -3.60
C PHE A 62 38.67 27.83 -3.28
N ALA A 63 38.59 26.49 -3.29
CA ALA A 63 37.45 25.69 -2.79
C ALA A 63 37.15 26.04 -1.33
N LYS A 64 38.19 26.14 -0.51
CA LYS A 64 37.96 26.48 0.91
C LYS A 64 37.33 27.87 0.99
N ARG A 65 37.77 28.85 0.18
CA ARG A 65 37.25 30.22 0.37
C ARG A 65 35.81 30.31 -0.16
N ALA A 66 35.49 29.54 -1.19
CA ALA A 66 34.16 29.52 -1.83
C ALA A 66 33.20 28.83 -0.86
N TYR A 67 33.62 27.69 -0.29
CA TYR A 67 32.88 27.01 0.80
C TYR A 67 32.63 28.00 1.94
N ARG A 68 33.66 28.76 2.33
CA ARG A 68 33.55 29.70 3.46
C ARG A 68 32.49 30.76 3.13
N GLU A 69 32.45 31.25 1.88
CA GLU A 69 31.57 32.38 1.47
C GLU A 69 30.14 31.89 1.63
N LEU A 70 29.89 30.73 1.04
CA LEU A 70 28.59 30.03 1.03
C LEU A 70 28.18 29.83 2.50
N ARG A 71 28.99 29.17 3.34
CA ARG A 71 28.62 28.80 4.73
C ARG A 71 28.23 30.06 5.54
N LEU A 72 28.88 31.18 5.26
CA LEU A 72 28.71 32.48 5.93
C LEU A 72 27.34 33.08 5.55
N LEU A 73 27.08 33.20 4.25
CA LEU A 73 25.82 33.72 3.67
C LEU A 73 24.63 32.91 4.19
N LYS A 74 24.84 31.59 4.28
CA LYS A 74 23.85 30.61 4.77
C LYS A 74 23.59 30.86 6.26
N HIS A 75 24.60 31.32 6.98
CA HIS A 75 24.56 31.58 8.45
C HIS A 75 23.74 32.81 8.78
N MET A 76 23.62 33.74 7.85
CA MET A 76 23.26 35.14 8.19
C MET A 76 21.87 35.51 7.66
N ARG A 77 20.99 35.61 8.65
CA ARG A 77 19.55 35.93 8.47
C ARG A 77 19.29 37.25 9.18
N HIS A 78 19.23 38.37 8.43
CA HIS A 78 18.95 39.73 8.95
C HIS A 78 18.52 40.66 7.81
N GLU A 79 17.54 41.54 8.06
CA GLU A 79 16.91 42.42 7.03
C GLU A 79 17.94 43.14 6.19
N ASN A 80 19.02 43.60 6.83
CA ASN A 80 20.05 44.47 6.19
C ASN A 80 21.32 43.69 5.85
N VAL A 81 21.25 42.37 5.81
CA VAL A 81 22.40 41.52 5.36
C VAL A 81 21.92 40.62 4.22
N ILE A 82 22.63 40.61 3.11
CA ILE A 82 22.24 39.74 1.98
C ILE A 82 22.20 38.29 2.47
N GLY A 83 21.24 37.54 1.96
CA GLY A 83 21.03 36.15 2.39
C GLY A 83 21.15 35.21 1.22
N LEU A 84 21.35 33.92 1.51
CA LEU A 84 21.42 32.86 0.48
C LEU A 84 20.02 32.26 0.28
N LEU A 85 19.42 32.49 -0.89
CA LEU A 85 18.12 31.91 -1.31
C LEU A 85 18.32 30.52 -1.91
N ASP A 86 19.46 30.28 -2.54
CA ASP A 86 19.64 29.04 -3.34
C ASP A 86 21.12 28.89 -3.65
N VAL A 87 21.51 27.67 -4.01
CA VAL A 87 22.86 27.35 -4.58
C VAL A 87 22.72 26.04 -5.35
N PHE A 88 23.21 26.02 -6.58
CA PHE A 88 23.00 24.92 -7.54
C PHE A 88 24.23 24.76 -8.44
N THR A 89 24.27 23.62 -9.12
CA THR A 89 25.26 23.28 -10.17
C THR A 89 24.48 22.59 -11.26
N PRO A 90 24.78 22.84 -12.54
CA PRO A 90 24.28 22.01 -13.63
C PRO A 90 25.08 20.71 -13.77
N ASP A 91 26.20 20.56 -13.08
CA ASP A 91 26.97 19.30 -13.21
C ASP A 91 26.08 18.23 -12.59
N GLU A 92 25.90 17.10 -13.27
CA GLU A 92 24.85 16.09 -12.94
C GLU A 92 25.44 14.98 -12.06
N THR A 93 26.75 15.04 -11.80
CA THR A 93 27.51 14.06 -10.98
C THR A 93 28.67 14.77 -10.26
N LEU A 94 29.08 14.22 -9.11
CA LEU A 94 30.29 14.64 -8.36
C LEU A 94 31.51 14.58 -9.27
N ASP A 95 31.61 13.61 -10.16
CA ASP A 95 32.84 13.49 -11.00
C ASP A 95 32.88 14.61 -12.06
N ASP A 96 31.75 15.23 -12.38
CA ASP A 96 31.68 16.34 -13.37
C ASP A 96 31.67 17.71 -12.66
N PHE A 97 31.57 17.74 -11.33
CA PHE A 97 31.34 18.95 -10.53
C PHE A 97 32.51 19.93 -10.63
N THR A 98 32.35 21.01 -11.40
CA THR A 98 33.43 21.99 -11.64
C THR A 98 32.91 23.40 -11.42
N ASP A 99 31.61 23.64 -11.51
CA ASP A 99 31.14 25.04 -11.26
C ASP A 99 29.79 25.04 -10.55
N PHE A 100 29.60 26.04 -9.69
CA PHE A 100 28.38 26.18 -8.88
C PHE A 100 28.06 27.66 -8.70
N TYR A 101 26.80 27.93 -8.33
CA TYR A 101 26.15 29.25 -8.44
C TYR A 101 25.45 29.57 -7.10
N LEU A 102 25.71 30.74 -6.52
CA LEU A 102 24.96 31.23 -5.33
C LEU A 102 23.86 32.19 -5.77
N VAL A 103 22.74 32.19 -5.08
CA VAL A 103 21.58 33.02 -5.47
C VAL A 103 21.14 33.83 -4.26
N MET A 104 21.27 35.16 -4.37
CA MET A 104 20.80 36.15 -3.37
C MET A 104 19.64 36.95 -3.95
N PRO A 105 18.88 37.66 -3.09
CA PRO A 105 18.00 38.74 -3.52
C PRO A 105 18.77 39.79 -4.33
N PHE A 106 18.11 40.48 -5.26
CA PHE A 106 18.65 41.63 -6.03
C PHE A 106 17.85 42.88 -5.72
N MET A 107 18.38 43.77 -4.89
CA MET A 107 17.66 44.98 -4.36
C MET A 107 17.32 45.96 -5.48
N GLY A 108 18.09 46.00 -6.56
CA GLY A 108 17.81 46.85 -7.73
C GLY A 108 18.92 47.85 -8.03
N THR A 109 19.51 48.45 -7.00
CA THR A 109 20.72 49.30 -7.16
C THR A 109 21.64 49.20 -5.93
N ASP A 110 22.74 49.98 -5.91
CA ASP A 110 23.61 50.23 -4.72
C ASP A 110 23.86 51.74 -4.57
N LEU A 111 24.18 52.20 -3.34
CA LEU A 111 24.89 53.49 -3.09
C LEU A 111 25.99 53.58 -4.15
N GLY A 112 26.56 54.74 -4.37
CA GLY A 112 27.66 54.77 -5.35
C GLY A 112 27.13 54.79 -6.77
N LYS A 113 26.34 53.79 -7.19
CA LYS A 113 25.48 53.99 -8.39
C LYS A 113 24.47 55.09 -8.04
N LEU A 114 23.93 55.08 -6.83
CA LEU A 114 23.01 56.12 -6.33
C LEU A 114 23.75 57.47 -6.25
N MET A 115 25.01 57.49 -5.82
CA MET A 115 25.79 58.74 -5.56
C MET A 115 26.34 59.29 -6.87
N LYS A 116 26.75 58.42 -7.80
CA LYS A 116 27.28 58.81 -9.13
C LYS A 116 26.24 59.71 -9.81
N HIS A 117 24.98 59.23 -9.91
CA HIS A 117 23.81 59.95 -10.49
C HIS A 117 23.13 60.86 -9.45
N GLU A 118 23.80 61.21 -8.35
CA GLU A 118 23.49 62.35 -7.43
C GLU A 118 22.15 62.20 -6.70
N LYS A 119 21.29 61.25 -7.10
CA LYS A 119 19.95 60.91 -6.50
C LYS A 119 19.97 60.64 -4.98
N LEU A 120 21.10 60.64 -4.28
CA LEU A 120 21.10 60.33 -2.81
C LEU A 120 20.60 61.56 -2.02
N GLY A 121 19.32 61.54 -1.66
CA GLY A 121 18.64 62.59 -0.85
C GLY A 121 19.40 62.87 0.42
N GLU A 122 19.48 64.13 0.83
CA GLU A 122 20.06 64.58 2.12
C GLU A 122 19.28 63.91 3.28
N ASP A 123 17.95 63.73 3.12
CA ASP A 123 17.00 63.17 4.13
C ASP A 123 17.18 61.64 4.28
N ARG A 124 17.61 60.96 3.20
CA ARG A 124 17.79 59.49 3.11
C ARG A 124 19.04 59.04 3.92
N ILE A 125 19.95 59.95 4.28
CA ILE A 125 21.31 59.57 4.75
C ILE A 125 21.24 58.95 6.15
N GLN A 126 20.48 59.54 7.08
CA GLN A 126 20.42 58.99 8.47
C GLN A 126 19.89 57.54 8.38
N PHE A 127 18.86 57.30 7.56
CA PHE A 127 18.18 55.98 7.48
C PHE A 127 19.12 54.94 6.84
N LEU A 128 19.92 55.36 5.87
CA LEU A 128 20.83 54.43 5.15
C LEU A 128 21.98 54.06 6.09
N VAL A 129 22.58 55.07 6.74
CA VAL A 129 23.71 54.81 7.67
C VAL A 129 23.20 53.98 8.84
N TYR A 130 21.93 54.18 9.23
CA TYR A 130 21.27 53.42 10.33
C TYR A 130 21.15 51.93 9.95
N GLN A 131 20.69 51.64 8.73
CA GLN A 131 20.54 50.26 8.23
C GLN A 131 21.92 49.58 8.14
N MET A 132 22.97 50.25 7.63
CA MET A 132 24.36 49.68 7.59
C MET A 132 24.74 49.18 8.99
N LEU A 133 24.50 50.03 9.98
CA LEU A 133 24.97 49.76 11.36
C LEU A 133 24.08 48.67 11.98
N LYS A 134 22.76 48.68 11.73
CA LYS A 134 21.89 47.55 12.15
C LYS A 134 22.53 46.25 11.61
N GLY A 135 22.82 46.25 10.30
CA GLY A 135 23.40 45.11 9.58
C GLY A 135 24.72 44.68 10.18
N LEU A 136 25.65 45.63 10.35
CA LEU A 136 26.97 45.38 10.98
C LEU A 136 26.81 44.86 12.41
N ARG A 137 25.91 45.45 13.21
CA ARG A 137 25.67 44.99 14.60
C ARG A 137 25.44 43.47 14.57
N TYR A 138 24.71 42.96 13.58
CA TYR A 138 24.40 41.52 13.46
C TYR A 138 25.63 40.76 12.98
N ILE A 139 26.29 41.22 11.92
CA ILE A 139 27.46 40.52 11.30
C ILE A 139 28.52 40.32 12.39
N HIS A 140 28.78 41.37 13.16
CA HIS A 140 29.78 41.41 14.24
C HIS A 140 29.38 40.50 15.39
N ALA A 141 28.07 40.43 15.68
CA ALA A 141 27.50 39.58 16.75
C ALA A 141 27.66 38.10 16.39
N ALA A 142 27.63 37.73 15.11
CA ALA A 142 28.05 36.39 14.66
C ALA A 142 29.59 36.24 14.70
N GLY A 143 30.31 37.23 15.23
CA GLY A 143 31.78 37.22 15.31
C GLY A 143 32.43 37.17 13.93
N ILE A 144 31.96 38.01 13.00
CA ILE A 144 32.55 38.07 11.64
C ILE A 144 33.02 39.51 11.38
N ILE A 145 34.05 39.65 10.57
CA ILE A 145 34.49 40.96 10.01
C ILE A 145 34.25 40.89 8.52
N HIS A 146 33.57 41.89 7.96
CA HIS A 146 33.27 41.96 6.51
C HIS A 146 34.57 42.21 5.72
N ARG A 147 35.30 43.27 6.12
CA ARG A 147 36.65 43.62 5.64
C ARG A 147 36.59 44.36 4.30
N ASP A 148 35.44 44.50 3.65
CA ASP A 148 35.40 45.16 2.33
C ASP A 148 34.07 45.92 2.13
N LEU A 149 33.60 46.64 3.15
CA LEU A 149 32.50 47.62 3.01
C LEU A 149 32.92 48.75 2.06
N LYS A 150 32.02 49.06 1.13
CA LYS A 150 32.12 50.16 0.15
C LYS A 150 30.72 50.46 -0.41
N PRO A 151 30.53 51.61 -1.09
CA PRO A 151 29.22 51.88 -1.67
C PRO A 151 28.71 50.74 -2.56
N GLY A 152 29.57 50.20 -3.44
CA GLY A 152 29.22 49.07 -4.31
C GLY A 152 28.59 47.90 -3.56
N ASN A 153 29.00 47.65 -2.32
CA ASN A 153 28.52 46.47 -1.54
C ASN A 153 27.36 46.85 -0.61
N LEU A 154 26.71 48.00 -0.80
CA LEU A 154 25.45 48.35 -0.10
C LEU A 154 24.32 48.46 -1.14
N ALA A 155 23.58 47.39 -1.35
CA ALA A 155 22.38 47.36 -2.22
C ALA A 155 21.25 48.14 -1.53
N VAL A 156 20.48 48.88 -2.33
CA VAL A 156 19.33 49.74 -1.90
C VAL A 156 18.19 49.52 -2.88
N ASN A 157 16.96 49.31 -2.40
CA ASN A 157 15.76 49.13 -3.25
C ASN A 157 15.00 50.45 -3.44
N GLU A 158 13.95 50.41 -4.26
CA GLU A 158 12.93 51.47 -4.49
C GLU A 158 12.73 52.26 -3.19
N ASP A 159 12.41 51.60 -2.07
CA ASP A 159 11.95 52.27 -0.82
C ASP A 159 13.11 52.56 0.15
N CYS A 160 14.33 52.76 -0.36
CA CYS A 160 15.57 53.08 0.40
C CYS A 160 15.86 52.09 1.53
N GLU A 161 15.61 50.80 1.29
CA GLU A 161 15.99 49.70 2.21
C GLU A 161 17.31 49.12 1.72
N LEU A 162 18.22 48.82 2.64
CA LEU A 162 19.65 48.57 2.34
C LEU A 162 20.07 47.20 2.86
N LYS A 163 20.95 46.55 2.12
CA LYS A 163 21.54 45.24 2.44
C LYS A 163 23.06 45.25 2.15
N ILE A 164 23.85 44.79 3.11
CA ILE A 164 25.33 44.60 2.96
C ILE A 164 25.56 43.41 2.04
N LEU A 165 26.34 43.60 0.97
CA LEU A 165 26.66 42.56 -0.04
C LEU A 165 28.07 42.02 0.17
N ASP A 166 28.41 41.02 -0.61
CA ASP A 166 29.79 40.53 -0.91
C ASP A 166 30.56 40.08 0.34
N PHE A 167 30.43 38.80 0.71
CA PHE A 167 31.12 38.21 1.88
C PHE A 167 32.39 37.46 1.45
N GLY A 168 32.90 37.69 0.24
CA GLY A 168 33.96 36.85 -0.33
C GLY A 168 35.33 37.17 0.27
N LEU A 169 35.40 38.14 1.19
CA LEU A 169 36.64 38.50 1.92
C LEU A 169 36.44 38.39 3.44
N ALA A 170 35.19 38.26 3.89
CA ALA A 170 34.86 38.20 5.33
C ALA A 170 35.46 36.93 5.93
N ARG A 171 35.80 37.05 7.20
CA ARG A 171 36.55 36.05 8.00
C ARG A 171 36.06 36.17 9.43
N GLN A 172 36.11 35.05 10.13
CA GLN A 172 35.82 34.97 11.58
C GLN A 172 36.73 35.99 12.29
N ALA A 173 36.19 36.74 13.24
CA ALA A 173 36.87 37.94 13.80
C ALA A 173 38.12 37.56 14.57
N ASP A 174 38.16 36.40 15.24
CA ASP A 174 39.31 35.95 16.07
C ASP A 174 40.32 35.20 15.21
N SER A 175 40.02 34.88 13.96
CA SER A 175 40.95 34.12 13.10
C SER A 175 41.92 35.06 12.36
N GLU A 176 42.66 34.50 11.42
CA GLU A 176 43.71 35.21 10.66
C GLU A 176 43.07 35.96 9.51
N MET A 177 43.53 37.16 9.22
CA MET A 177 42.93 37.97 8.14
C MET A 177 43.70 37.69 6.85
N THR A 178 43.58 36.44 6.36
CA THR A 178 44.08 36.06 5.03
C THR A 178 43.23 36.74 3.96
N GLY A 179 43.77 36.86 2.75
CA GLY A 179 43.09 37.50 1.62
C GLY A 179 43.48 38.95 1.50
N TYR A 180 43.75 39.42 0.29
CA TYR A 180 44.13 40.84 0.01
C TYR A 180 42.88 41.67 -0.24
N VAL A 181 42.68 42.71 0.58
CA VAL A 181 41.62 43.73 0.32
C VAL A 181 42.19 44.70 -0.71
N VAL A 182 41.50 44.73 -1.85
CA VAL A 182 41.83 45.44 -3.12
C VAL A 182 41.28 46.86 -3.02
N THR A 183 39.97 47.01 -2.79
CA THR A 183 39.25 48.31 -2.68
C THR A 183 40.04 49.21 -1.74
N ARG A 184 40.28 50.48 -2.11
CA ARG A 184 41.36 51.26 -1.44
C ARG A 184 40.84 52.32 -0.48
N TRP A 185 39.78 53.05 -0.81
CA TRP A 185 39.44 54.31 -0.11
C TRP A 185 38.95 54.05 1.33
N TYR A 186 38.25 52.94 1.58
CA TYR A 186 37.41 52.75 2.80
C TYR A 186 38.07 51.84 3.82
N ARG A 187 39.32 51.41 3.61
CA ARG A 187 39.97 50.45 4.53
C ARG A 187 40.68 51.21 5.65
N ALA A 188 40.54 50.66 6.87
CA ALA A 188 41.12 51.15 8.14
C ALA A 188 42.62 51.03 8.06
N PRO A 189 43.38 51.71 8.96
CA PRO A 189 44.83 51.61 8.97
C PRO A 189 45.31 50.16 8.99
N GLU A 190 44.81 49.37 9.94
CA GLU A 190 45.28 47.99 10.20
C GLU A 190 45.10 47.10 8.96
N VAL A 191 44.05 47.29 8.15
CA VAL A 191 43.98 46.65 6.80
C VAL A 191 45.15 47.16 5.93
N ILE A 192 45.36 48.48 5.91
CA ILE A 192 46.39 49.10 5.02
C ILE A 192 47.76 48.59 5.45
N LEU A 193 47.98 48.54 6.75
CA LEU A 193 49.19 47.98 7.40
C LEU A 193 49.32 46.47 7.16
N ASN A 194 48.29 45.77 6.67
CA ASN A 194 48.36 44.34 6.31
C ASN A 194 48.60 43.45 7.54
N TRP A 195 48.02 43.84 8.68
CA TRP A 195 47.97 43.01 9.91
C TRP A 195 47.25 41.69 9.64
N MET A 196 47.71 40.63 10.33
CA MET A 196 47.11 39.28 10.28
C MET A 196 46.06 39.13 11.40
N ARG A 197 45.99 40.05 12.35
CA ARG A 197 44.90 40.13 13.34
C ARG A 197 44.43 41.57 13.52
N TYR A 198 43.13 41.79 13.40
CA TYR A 198 42.48 43.06 13.80
C TYR A 198 41.06 42.74 14.23
N THR A 199 40.25 43.76 14.50
CA THR A 199 38.92 43.60 15.10
C THR A 199 37.84 44.09 14.15
N GLN A 200 36.59 44.01 14.61
CA GLN A 200 35.41 44.38 13.82
C GLN A 200 35.37 45.90 13.60
N THR A 201 36.12 46.70 14.37
CA THR A 201 36.08 48.18 14.24
C THR A 201 36.79 48.62 12.94
N VAL A 202 37.38 47.70 12.16
CA VAL A 202 37.85 48.03 10.78
C VAL A 202 36.63 48.35 9.89
N ASP A 203 35.51 47.69 10.13
CA ASP A 203 34.23 47.88 9.37
C ASP A 203 33.60 49.23 9.77
N ILE A 204 33.71 49.62 11.05
CA ILE A 204 33.22 50.94 11.54
C ILE A 204 34.00 52.06 10.83
N TRP A 205 35.31 51.89 10.69
CA TRP A 205 36.14 52.87 9.95
C TRP A 205 35.55 53.06 8.53
N SER A 206 35.29 51.96 7.84
CA SER A 206 34.78 51.95 6.45
C SER A 206 33.45 52.70 6.42
N VAL A 207 32.58 52.50 7.42
CA VAL A 207 31.25 53.17 7.45
C VAL A 207 31.47 54.70 7.49
N GLY A 208 32.31 55.15 8.42
CA GLY A 208 32.78 56.55 8.52
C GLY A 208 33.11 57.11 7.15
N CYS A 209 34.03 56.48 6.44
CA CYS A 209 34.44 56.88 5.05
C CYS A 209 33.22 56.98 4.13
N ILE A 210 32.26 56.05 4.27
CA ILE A 210 31.09 55.98 3.36
C ILE A 210 30.16 57.15 3.72
N MET A 211 29.87 57.33 5.00
CA MET A 211 28.98 58.41 5.50
C MET A 211 29.49 59.78 5.02
N ALA A 212 30.74 60.12 5.34
CA ALA A 212 31.41 61.37 4.90
C ALA A 212 31.17 61.57 3.40
N GLU A 213 31.50 60.56 2.59
CA GLU A 213 31.43 60.63 1.12
C GLU A 213 29.98 60.87 0.67
N MET A 214 29.00 60.32 1.37
CA MET A 214 27.54 60.50 1.07
C MET A 214 27.16 61.96 1.24
N ILE A 215 27.56 62.54 2.38
CA ILE A 215 27.31 63.95 2.82
C ILE A 215 27.97 64.95 1.86
N THR A 216 29.24 64.72 1.51
CA THR A 216 30.04 65.68 0.74
C THR A 216 30.11 65.30 -0.73
N GLY A 217 29.57 64.13 -1.13
CA GLY A 217 29.70 63.60 -2.50
C GLY A 217 31.15 63.55 -2.94
N LYS A 218 32.08 63.38 -2.00
CA LYS A 218 33.53 63.37 -2.31
C LYS A 218 34.21 62.37 -1.38
N THR A 219 34.92 61.40 -1.97
CA THR A 219 35.75 60.37 -1.31
C THR A 219 36.64 61.03 -0.25
N LEU A 220 36.52 60.63 1.02
CA LEU A 220 37.26 61.24 2.17
C LEU A 220 38.78 61.04 1.99
N PHE A 221 39.26 59.80 1.82
CA PHE A 221 40.71 59.49 1.68
C PHE A 221 41.03 58.98 0.29
N LYS A 222 41.88 59.68 -0.46
CA LYS A 222 42.47 59.15 -1.72
C LYS A 222 43.86 58.65 -1.37
N GLY A 223 44.62 58.12 -2.32
CA GLY A 223 45.96 57.57 -2.03
C GLY A 223 46.42 56.66 -3.15
N SER A 224 47.65 56.86 -3.61
CA SER A 224 48.25 56.06 -4.73
C SER A 224 48.47 54.63 -4.25
N ASP A 225 49.30 54.45 -3.21
CA ASP A 225 49.62 53.14 -2.60
C ASP A 225 49.33 53.14 -1.09
N HIS A 226 49.58 52.01 -0.41
CA HIS A 226 49.28 51.78 1.02
C HIS A 226 49.85 52.92 1.87
N LEU A 227 51.14 53.20 1.71
CA LEU A 227 51.89 54.15 2.59
C LEU A 227 51.34 55.58 2.41
N ASP A 228 50.92 55.94 1.20
CA ASP A 228 50.41 57.30 0.83
C ASP A 228 49.01 57.47 1.42
N GLN A 229 48.15 56.47 1.23
CA GLN A 229 46.79 56.36 1.82
C GLN A 229 46.90 56.54 3.34
N LEU A 230 47.97 56.09 4.00
CA LEU A 230 48.19 56.34 5.46
C LEU A 230 48.51 57.82 5.69
N LYS A 231 49.37 58.43 4.87
CA LYS A 231 49.72 59.88 4.91
C LYS A 231 48.42 60.71 4.90
N GLU A 232 47.57 60.46 3.91
CA GLU A 232 46.24 61.12 3.77
C GLU A 232 45.43 60.98 5.07
N ILE A 233 45.48 59.82 5.68
CA ILE A 233 44.69 59.57 6.91
C ILE A 233 45.24 60.51 7.99
N MET A 234 46.58 60.63 8.10
CA MET A 234 47.28 61.47 9.12
C MET A 234 46.87 62.93 8.92
N LYS A 235 46.66 63.39 7.69
CA LYS A 235 46.22 64.78 7.40
C LYS A 235 44.85 65.09 8.01
N VAL A 236 43.97 64.11 8.21
CA VAL A 236 42.64 64.37 8.83
C VAL A 236 42.69 64.02 10.33
N THR A 237 43.60 63.16 10.75
CA THR A 237 43.57 62.54 12.11
C THR A 237 44.68 63.09 13.01
N GLY A 238 45.86 63.45 12.48
CA GLY A 238 47.08 63.81 13.26
C GLY A 238 48.04 62.63 13.42
N THR A 239 49.31 62.86 13.76
CA THR A 239 50.36 61.80 13.90
C THR A 239 50.22 61.12 15.25
N PRO A 240 50.46 59.78 15.35
CA PRO A 240 50.54 59.08 16.64
C PRO A 240 51.92 58.65 17.16
N PRO A 241 52.04 58.25 18.45
CA PRO A 241 53.34 58.05 19.11
C PRO A 241 54.07 56.70 18.93
N ALA A 242 53.42 55.58 19.30
CA ALA A 242 53.98 54.19 19.35
C ALA A 242 53.68 53.44 18.04
N GLU A 243 53.87 54.10 16.88
CA GLU A 243 53.54 53.58 15.53
C GLU A 243 54.76 53.82 14.61
N PHE A 244 55.10 55.09 14.39
CA PHE A 244 56.18 55.54 13.47
C PHE A 244 57.56 55.26 14.09
N VAL A 245 57.67 55.09 15.43
CA VAL A 245 58.92 54.71 16.15
C VAL A 245 58.81 53.24 16.65
N GLN A 246 57.89 52.44 16.08
CA GLN A 246 57.64 51.04 16.51
C GLN A 246 57.09 50.17 15.37
N ARG A 247 55.79 50.28 15.07
CA ARG A 247 54.98 49.14 14.55
C ARG A 247 54.81 49.15 13.03
N LEU A 248 55.83 49.49 12.24
CA LEU A 248 55.73 49.47 10.75
C LEU A 248 56.64 48.40 10.16
N GLN A 249 57.37 47.69 11.02
CA GLN A 249 58.02 46.41 10.66
C GLN A 249 58.88 46.62 9.42
N SER A 250 59.41 47.84 9.24
CA SER A 250 59.89 48.43 7.97
C SER A 250 60.55 49.80 8.22
N ASP A 251 61.88 49.86 8.15
CA ASP A 251 62.70 51.08 8.38
C ASP A 251 62.37 52.18 7.37
N GLU A 252 62.38 51.85 6.07
CA GLU A 252 61.99 52.75 4.94
C GLU A 252 60.71 53.52 5.26
N ALA A 253 59.66 52.83 5.75
CA ALA A 253 58.33 53.41 6.09
C ALA A 253 58.41 54.24 7.38
N LYS A 254 59.04 53.69 8.42
CA LYS A 254 59.35 54.43 9.67
C LYS A 254 59.92 55.80 9.32
N ASN A 255 60.93 55.83 8.44
CA ASN A 255 61.67 57.06 8.04
C ASN A 255 60.67 58.04 7.39
N TYR A 256 60.05 57.65 6.27
CA TYR A 256 59.02 58.45 5.53
C TYR A 256 58.14 59.22 6.53
N MET A 257 57.54 58.54 7.50
CA MET A 257 56.57 59.15 8.45
C MET A 257 57.31 60.12 9.38
N LYS A 258 58.53 59.77 9.80
CA LYS A 258 59.32 60.57 10.76
C LYS A 258 59.95 61.77 10.04
N GLY A 259 60.02 61.74 8.71
CA GLY A 259 60.60 62.84 7.91
C GLY A 259 59.57 63.51 7.02
N LEU A 260 58.41 63.93 7.55
CA LEU A 260 57.43 64.73 6.75
C LEU A 260 56.83 65.86 7.58
N PRO A 261 56.41 66.97 6.89
CA PRO A 261 55.75 68.12 7.54
C PRO A 261 54.62 67.81 8.53
N GLU A 262 54.78 68.22 9.81
CA GLU A 262 54.05 67.66 11.00
C GLU A 262 52.84 68.52 11.40
N LEU A 263 51.68 68.30 10.77
CA LEU A 263 50.39 69.01 11.06
C LEU A 263 49.47 68.07 11.89
N GLU A 264 48.39 68.61 12.49
CA GLU A 264 47.56 67.93 13.52
C GLU A 264 46.05 68.03 13.19
N LYS A 265 45.23 67.17 13.82
CA LYS A 265 43.82 66.81 13.45
C LYS A 265 43.04 68.04 12.95
N LYS A 266 42.71 68.11 11.65
CA LYS A 266 41.84 69.16 11.05
C LYS A 266 40.43 68.94 11.59
N ASP A 267 39.66 70.01 11.83
CA ASP A 267 38.31 69.87 12.44
C ASP A 267 37.38 69.39 11.34
N PHE A 268 36.73 68.24 11.58
CA PHE A 268 35.92 67.52 10.56
C PHE A 268 34.91 68.51 9.97
N ALA A 269 34.38 69.39 10.83
CA ALA A 269 33.43 70.46 10.46
C ALA A 269 33.91 71.19 9.19
N SER A 270 35.21 71.48 9.06
CA SER A 270 35.80 72.27 7.96
C SER A 270 35.97 71.39 6.70
N ILE A 271 36.02 70.07 6.83
CA ILE A 271 36.05 69.12 5.67
C ILE A 271 34.60 68.89 5.23
N LEU A 272 33.71 68.62 6.18
CA LEU A 272 32.28 68.26 5.96
C LEU A 272 31.43 69.50 6.20
N THR A 273 31.68 70.55 5.41
CA THR A 273 31.18 71.95 5.60
C THR A 273 29.63 71.98 5.59
N ASN A 274 28.95 70.92 5.15
CA ASN A 274 27.46 70.92 5.10
C ASN A 274 26.86 69.85 6.02
N ALA A 275 27.53 69.49 7.12
CA ALA A 275 27.14 68.35 7.98
C ALA A 275 26.52 68.81 9.31
N SER A 276 25.34 68.28 9.67
CA SER A 276 24.77 68.28 11.05
C SER A 276 25.95 68.26 12.02
N PRO A 277 25.97 69.03 13.13
CA PRO A 277 27.09 68.97 14.07
C PRO A 277 27.10 67.63 14.81
N LEU A 278 25.91 67.07 15.00
CA LEU A 278 25.70 65.67 15.47
C LEU A 278 26.42 64.67 14.55
N ALA A 279 26.23 64.81 13.23
CA ALA A 279 26.82 63.90 12.22
C ALA A 279 28.34 63.96 12.34
N VAL A 280 28.92 65.15 12.19
CA VAL A 280 30.37 65.42 12.46
C VAL A 280 30.80 64.66 13.72
N ASN A 281 30.03 64.77 14.79
CA ASN A 281 30.43 64.15 16.08
C ASN A 281 30.58 62.64 15.87
N LEU A 282 29.54 61.92 15.40
CA LEU A 282 29.59 60.46 15.12
C LEU A 282 30.82 60.17 14.24
N LEU A 283 31.00 60.89 13.14
CA LEU A 283 32.17 60.69 12.24
C LEU A 283 33.51 60.79 13.00
N GLU A 284 33.65 61.70 13.97
CA GLU A 284 34.91 61.84 14.76
C GLU A 284 35.12 60.62 15.64
N LYS A 285 34.03 59.93 16.00
CA LYS A 285 34.04 58.73 16.87
C LYS A 285 34.34 57.47 16.05
N MET A 286 34.02 57.50 14.76
CA MET A 286 34.23 56.35 13.84
C MET A 286 35.66 56.43 13.28
N LEU A 287 36.17 57.63 13.02
CA LEU A 287 37.45 57.80 12.29
C LEU A 287 38.59 58.17 13.25
N VAL A 288 38.84 57.26 14.20
CA VAL A 288 39.95 57.25 15.19
C VAL A 288 41.00 56.25 14.71
N LEU A 289 42.31 56.51 14.88
CA LEU A 289 43.36 55.49 14.56
C LEU A 289 43.33 54.32 15.55
N ASP A 290 43.33 54.60 16.86
CA ASP A 290 43.24 53.52 17.89
C ASP A 290 41.92 52.78 17.63
N ALA A 291 42.01 51.48 17.32
CA ALA A 291 40.84 50.64 17.00
C ALA A 291 40.02 50.39 18.27
N GLU A 292 40.66 50.33 19.44
CA GLU A 292 39.97 50.11 20.74
C GLU A 292 39.13 51.35 21.03
N GLN A 293 39.61 52.54 20.64
CA GLN A 293 38.88 53.83 20.82
C GLN A 293 37.75 53.98 19.79
N ARG A 294 37.82 53.33 18.63
CA ARG A 294 36.70 53.38 17.65
C ARG A 294 35.41 52.92 18.33
N VAL A 295 34.34 53.66 18.12
CA VAL A 295 32.96 53.26 18.47
C VAL A 295 32.66 51.96 17.70
N THR A 296 31.97 51.00 18.32
CA THR A 296 31.52 49.73 17.68
C THR A 296 30.13 49.93 17.06
N ALA A 297 29.63 48.93 16.34
CA ALA A 297 28.34 49.02 15.64
C ALA A 297 27.24 49.47 16.62
N GLY A 298 27.09 48.80 17.77
CA GLY A 298 26.02 49.09 18.73
C GLY A 298 26.23 50.43 19.41
N GLU A 299 27.47 50.74 19.77
CA GLU A 299 27.85 52.06 20.33
C GLU A 299 27.41 53.15 19.33
N ALA A 300 27.65 52.95 18.04
CA ALA A 300 27.32 53.92 16.99
C ALA A 300 25.80 54.16 16.97
N LEU A 301 25.01 53.09 17.07
CA LEU A 301 23.53 53.17 16.88
C LEU A 301 22.90 53.89 18.06
N ALA A 302 23.58 53.87 19.20
CA ALA A 302 23.14 54.49 20.47
C ALA A 302 23.56 55.96 20.51
N HIS A 303 24.30 56.45 19.52
CA HIS A 303 24.67 57.88 19.38
C HIS A 303 23.40 58.71 19.18
N PRO A 304 23.41 59.96 19.70
CA PRO A 304 22.36 60.94 19.43
C PRO A 304 21.97 61.17 17.96
N TYR A 305 22.88 61.01 17.00
CA TYR A 305 22.61 61.27 15.56
C TYR A 305 21.45 60.40 15.06
N PHE A 306 21.12 59.32 15.80
CA PHE A 306 20.05 58.35 15.47
C PHE A 306 18.88 58.41 16.48
N GLU A 307 18.97 59.25 17.52
CA GLU A 307 17.92 59.41 18.56
C GLU A 307 16.55 59.56 17.88
N SER A 308 16.50 60.32 16.77
CA SER A 308 15.28 60.66 15.96
C SER A 308 14.59 59.43 15.41
N LEU A 309 15.18 58.23 15.52
CA LEU A 309 14.65 57.00 14.89
C LEU A 309 13.81 56.22 15.90
N HIS A 310 13.68 56.73 17.13
CA HIS A 310 12.81 56.20 18.22
C HIS A 310 12.72 54.66 18.15
N ASP A 311 13.79 53.98 17.72
CA ASP A 311 13.76 52.51 17.56
C ASP A 311 14.89 51.94 18.40
N THR A 312 14.67 52.03 19.70
CA THR A 312 15.20 51.15 20.77
C THR A 312 15.51 49.77 20.19
N GLU A 313 14.55 49.08 19.55
CA GLU A 313 14.73 47.69 19.01
C GLU A 313 14.99 46.76 20.21
N ASP A 314 16.16 46.11 20.31
CA ASP A 314 16.69 45.50 21.57
C ASP A 314 18.20 45.17 21.43
N GLU A 315 18.56 44.03 20.82
CA GLU A 315 19.97 43.54 20.63
C GLU A 315 19.92 42.21 19.89
N PRO A 316 19.20 42.08 18.74
CA PRO A 316 18.76 40.78 18.23
C PRO A 316 19.82 39.66 18.30
N GLN A 317 19.67 38.76 19.27
CA GLN A 317 20.61 37.65 19.55
C GLN A 317 20.80 36.80 18.29
N VAL A 318 22.04 36.38 18.04
CA VAL A 318 22.45 35.57 16.86
C VAL A 318 23.59 34.64 17.29
N GLN A 319 23.72 33.51 16.61
CA GLN A 319 24.74 32.48 16.93
C GLN A 319 26.07 32.93 16.35
N LYS A 320 27.16 32.76 17.10
CA LYS A 320 28.54 33.01 16.57
C LYS A 320 28.83 31.95 15.51
N TYR A 321 29.40 32.34 14.38
CA TYR A 321 29.88 31.44 13.30
C TYR A 321 30.99 30.54 13.87
N ASP A 322 31.14 29.30 13.39
CA ASP A 322 32.24 28.40 13.83
C ASP A 322 33.27 28.13 12.71
N ASP A 323 34.36 28.89 12.78
CA ASP A 323 35.68 28.65 12.15
C ASP A 323 35.88 27.16 11.83
N SER A 324 35.78 26.31 12.86
CA SER A 324 36.49 25.01 13.01
C SER A 324 36.19 24.01 11.88
N PHE A 325 34.93 23.88 11.45
CA PHE A 325 34.53 22.91 10.40
C PHE A 325 35.25 23.24 9.08
N ASP A 326 35.53 24.51 8.79
CA ASP A 326 36.13 24.90 7.48
C ASP A 326 37.65 24.69 7.58
N ASP A 327 38.22 24.91 8.77
CA ASP A 327 39.68 24.76 8.99
C ASP A 327 40.11 23.29 8.93
N VAL A 328 39.20 22.31 9.02
CA VAL A 328 39.51 20.85 8.81
C VAL A 328 40.33 20.72 7.51
N ASP A 329 41.53 20.10 7.55
CA ASP A 329 42.32 19.82 6.32
C ASP A 329 41.44 18.94 5.43
N ARG A 330 41.41 19.22 4.14
CA ARG A 330 40.70 18.42 3.11
C ARG A 330 41.46 18.55 1.81
N THR A 331 41.59 17.47 1.07
CA THR A 331 42.14 17.50 -0.30
C THR A 331 41.11 18.18 -1.21
N LEU A 332 41.40 18.30 -2.50
CA LEU A 332 40.47 19.00 -3.43
C LEU A 332 39.22 18.13 -3.57
N ASP A 333 39.42 16.81 -3.69
CA ASP A 333 38.31 15.84 -3.81
C ASP A 333 37.44 15.95 -2.56
N GLU A 334 38.05 16.02 -1.37
CA GLU A 334 37.29 16.17 -0.10
C GLU A 334 36.48 17.47 -0.11
N TRP A 335 36.95 18.53 -0.78
CA TRP A 335 36.26 19.86 -0.82
C TRP A 335 35.08 19.80 -1.77
N LYS A 336 35.30 19.23 -2.96
CA LYS A 336 34.21 18.93 -3.93
C LYS A 336 33.07 18.18 -3.22
N ARG A 337 33.38 17.13 -2.44
CA ARG A 337 32.34 16.29 -1.77
C ARG A 337 31.65 17.09 -0.65
N VAL A 338 32.30 17.99 0.06
CA VAL A 338 31.63 18.74 1.15
C VAL A 338 30.75 19.83 0.54
N THR A 339 31.17 20.38 -0.59
CA THR A 339 30.44 21.46 -1.33
C THR A 339 29.21 20.85 -2.02
N TYR A 340 29.35 19.66 -2.63
CA TYR A 340 28.27 18.95 -3.37
C TYR A 340 27.16 18.55 -2.38
N LYS A 341 27.56 18.16 -1.18
CA LYS A 341 26.66 17.97 -0.02
C LYS A 341 25.87 19.26 0.23
N GLU A 342 26.47 20.42 0.08
CA GLU A 342 25.76 21.70 0.39
C GLU A 342 24.74 21.98 -0.72
N VAL A 343 25.07 21.58 -1.95
CA VAL A 343 24.18 21.81 -3.12
C VAL A 343 22.93 20.95 -2.97
N LEU A 344 23.11 19.64 -2.83
CA LEU A 344 22.04 18.64 -2.58
C LEU A 344 21.13 19.14 -1.47
N SER A 345 21.68 19.70 -0.40
CA SER A 345 20.87 20.25 0.73
C SER A 345 19.92 21.34 0.21
N PHE A 346 20.18 21.91 -0.97
CA PHE A 346 19.55 23.16 -1.48
C PHE A 346 18.64 22.89 -2.69
N LYS A 347 18.47 21.61 -3.08
CA LYS A 347 17.52 21.17 -4.13
C LYS A 347 16.09 21.57 -3.76
N PRO A 348 15.24 21.94 -4.76
CA PRO A 348 14.05 22.76 -4.49
C PRO A 348 12.85 21.94 -3.98
N ASN B 2 -13.34 16.32 -9.51
CA ASN B 2 -12.76 15.37 -10.50
C ASN B 2 -11.36 14.93 -10.03
N ALA B 3 -10.63 15.81 -9.33
CA ALA B 3 -9.31 15.55 -8.70
C ALA B 3 -9.47 15.34 -7.17
N SER B 4 -10.71 15.40 -6.67
CA SER B 4 -11.06 15.29 -5.22
C SER B 4 -11.67 13.91 -4.92
N GLY B 5 -11.91 13.65 -3.62
CA GLY B 5 -12.45 12.39 -3.10
C GLY B 5 -11.51 11.23 -3.34
N PHE B 6 -12.05 10.04 -3.63
CA PHE B 6 -11.28 8.78 -3.78
C PHE B 6 -11.77 7.99 -4.98
N TYR B 7 -11.10 6.89 -5.27
CA TYR B 7 -11.31 6.06 -6.47
C TYR B 7 -10.74 4.66 -6.22
N ARG B 8 -11.39 3.66 -6.78
CA ARG B 8 -11.13 2.26 -6.43
C ARG B 8 -10.49 1.56 -7.64
N GLN B 9 -9.49 0.73 -7.35
CA GLN B 9 -8.66 0.04 -8.37
C GLN B 9 -8.15 -1.25 -7.76
N GLU B 10 -8.30 -2.38 -8.43
CA GLU B 10 -7.69 -3.66 -7.98
C GLU B 10 -6.22 -3.57 -8.34
N VAL B 11 -5.34 -4.00 -7.43
CA VAL B 11 -3.87 -4.14 -7.63
C VAL B 11 -3.51 -5.46 -6.95
N THR B 12 -3.01 -6.43 -7.71
CA THR B 12 -2.57 -7.74 -7.17
C THR B 12 -3.70 -8.27 -6.29
N LYS B 13 -4.92 -8.25 -6.82
CA LYS B 13 -6.15 -8.88 -6.26
C LYS B 13 -6.61 -8.20 -4.96
N THR B 14 -6.15 -7.00 -4.61
CA THR B 14 -6.63 -6.27 -3.41
C THR B 14 -7.19 -4.92 -3.85
N ALA B 15 -8.23 -4.44 -3.18
CA ALA B 15 -8.83 -3.14 -3.54
C ALA B 15 -7.95 -2.03 -2.99
N TRP B 16 -7.49 -1.12 -3.83
CA TRP B 16 -6.90 0.16 -3.39
C TRP B 16 -7.90 1.29 -3.62
N GLU B 17 -8.21 2.00 -2.53
CA GLU B 17 -9.08 3.18 -2.58
C GLU B 17 -8.23 4.35 -2.12
N VAL B 18 -7.54 4.99 -3.08
CA VAL B 18 -6.62 6.13 -2.79
C VAL B 18 -7.32 7.42 -3.20
N ARG B 19 -6.82 8.57 -2.75
CA ARG B 19 -7.34 9.90 -3.21
C ARG B 19 -7.08 10.01 -4.71
N ALA B 20 -7.96 10.76 -5.40
CA ALA B 20 -8.03 10.97 -6.86
C ALA B 20 -6.72 11.56 -7.36
N VAL B 21 -6.13 12.44 -6.55
CA VAL B 21 -4.84 13.15 -6.80
C VAL B 21 -3.70 12.17 -7.08
N TYR B 22 -3.61 11.05 -6.37
CA TYR B 22 -2.58 10.01 -6.63
C TYR B 22 -3.08 9.20 -7.81
N ARG B 23 -2.26 9.01 -8.85
CA ARG B 23 -2.65 8.33 -10.11
C ARG B 23 -1.51 7.42 -10.56
N ASP B 24 -1.82 6.39 -11.34
CA ASP B 24 -0.87 5.36 -11.82
C ASP B 24 -0.32 4.63 -10.58
N LEU B 25 -1.12 3.74 -9.99
CA LEU B 25 -0.68 2.81 -8.93
C LEU B 25 0.10 1.67 -9.59
N GLN B 26 1.24 1.31 -9.03
CA GLN B 26 2.01 0.11 -9.43
C GLN B 26 2.43 -0.61 -8.17
N PRO B 27 2.31 -1.95 -8.10
CA PRO B 27 2.75 -2.70 -6.94
C PRO B 27 4.28 -2.59 -6.87
N VAL B 28 4.87 -2.49 -5.67
CA VAL B 28 6.35 -2.43 -5.49
C VAL B 28 6.77 -3.47 -4.45
N GLY B 29 5.99 -3.69 -3.41
CA GLY B 29 6.40 -4.58 -2.32
C GLY B 29 5.25 -4.94 -1.41
N SER B 30 5.25 -6.19 -0.98
CA SER B 30 4.43 -6.74 0.13
C SER B 30 5.30 -6.77 1.39
N GLY B 31 4.69 -6.78 2.56
CA GLY B 31 5.36 -6.71 3.87
C GLY B 31 4.42 -7.29 4.91
N ALA B 32 4.93 -7.73 6.08
CA ALA B 32 4.11 -8.42 7.08
C ALA B 32 2.84 -7.61 7.35
N TYR B 33 2.93 -6.30 7.54
CA TYR B 33 1.84 -5.47 8.08
C TYR B 33 1.21 -4.59 6.99
N GLY B 34 1.37 -4.92 5.70
CA GLY B 34 0.70 -4.21 4.58
C GLY B 34 1.50 -4.23 3.30
N ALA B 35 0.89 -3.80 2.20
CA ALA B 35 1.46 -3.80 0.83
C ALA B 35 1.72 -2.36 0.37
N VAL B 36 2.66 -2.21 -0.57
CA VAL B 36 3.08 -0.88 -1.11
C VAL B 36 2.94 -0.84 -2.64
N CYS B 37 2.44 0.32 -3.09
CA CYS B 37 2.31 0.74 -4.51
C CYS B 37 3.08 2.04 -4.65
N SER B 38 3.70 2.24 -5.81
CA SER B 38 4.21 3.56 -6.25
C SER B 38 3.00 4.30 -6.82
N ALA B 39 3.06 5.62 -6.91
CA ALA B 39 1.98 6.42 -7.52
C ALA B 39 2.51 7.82 -7.82
N VAL B 40 1.85 8.56 -8.69
CA VAL B 40 2.25 9.95 -9.01
C VAL B 40 1.27 10.93 -8.40
N ASP B 41 1.76 11.85 -7.57
CA ASP B 41 1.00 13.05 -7.13
C ASP B 41 0.69 13.86 -8.39
N GLY B 42 -0.44 14.58 -8.40
CA GLY B 42 -0.83 15.50 -9.50
C GLY B 42 -0.57 16.94 -9.09
N ARG B 43 -1.00 17.30 -7.87
CA ARG B 43 -0.59 18.52 -7.09
C ARG B 43 0.91 18.90 -7.24
N THR B 44 1.80 17.96 -7.63
CA THR B 44 3.29 18.17 -7.67
C THR B 44 3.97 17.47 -8.86
N GLY B 45 3.46 16.38 -9.45
CA GLY B 45 4.18 15.60 -10.50
C GLY B 45 5.12 14.53 -9.92
N ALA B 46 5.37 14.58 -8.60
CA ALA B 46 6.20 13.67 -7.78
C ALA B 46 5.76 12.20 -7.82
N LYS B 47 6.72 11.28 -7.91
CA LYS B 47 6.57 9.86 -7.49
C LYS B 47 6.50 9.76 -5.96
N VAL B 48 5.73 8.78 -5.50
CA VAL B 48 5.22 8.66 -4.12
C VAL B 48 5.04 7.17 -3.86
N ALA B 49 5.22 6.75 -2.61
CA ALA B 49 4.90 5.38 -2.18
C ALA B 49 3.68 5.42 -1.25
N ILE B 50 2.74 4.52 -1.51
CA ILE B 50 1.52 4.36 -0.70
C ILE B 50 1.54 2.97 -0.09
N LYS B 51 1.37 2.91 1.21
CA LYS B 51 1.27 1.64 1.96
C LYS B 51 -0.18 1.49 2.38
N LYS B 52 -0.77 0.33 2.09
CA LYS B 52 -2.10 -0.04 2.61
C LYS B 52 -1.86 -1.05 3.74
N LEU B 53 -2.15 -0.67 4.99
CA LEU B 53 -2.06 -1.60 6.15
C LEU B 53 -2.89 -2.85 5.81
N TYR B 54 -2.42 -4.04 6.19
CA TYR B 54 -3.11 -5.33 5.93
C TYR B 54 -4.11 -5.51 7.07
N ARG B 55 -5.42 -5.50 6.78
CA ARG B 55 -6.47 -5.69 7.80
C ARG B 55 -5.97 -5.22 9.17
N PRO B 56 -5.72 -3.91 9.41
CA PRO B 56 -5.18 -3.46 10.69
C PRO B 56 -6.00 -3.74 11.94
N PHE B 57 -7.33 -3.88 11.82
CA PHE B 57 -8.26 -4.01 12.97
C PHE B 57 -8.76 -5.43 13.13
N GLN B 58 -7.99 -6.42 12.67
CA GLN B 58 -8.28 -7.87 12.80
C GLN B 58 -8.07 -8.31 14.26
N SER B 59 -7.52 -7.47 15.13
CA SER B 59 -7.39 -7.77 16.58
C SER B 59 -6.93 -6.51 17.31
N GLU B 60 -6.99 -6.50 18.63
CA GLU B 60 -6.55 -5.31 19.40
C GLU B 60 -5.09 -5.06 19.08
N LEU B 61 -4.30 -6.12 19.19
CA LEU B 61 -2.83 -6.01 19.12
C LEU B 61 -2.40 -5.62 17.69
N PHE B 62 -3.10 -6.07 16.66
CA PHE B 62 -2.77 -5.64 15.27
C PHE B 62 -3.03 -4.13 15.13
N ALA B 63 -4.16 -3.67 15.68
CA ALA B 63 -4.62 -2.26 15.65
C ALA B 63 -3.63 -1.39 16.42
N LYS B 64 -3.17 -1.84 17.58
CA LYS B 64 -2.18 -1.11 18.40
C LYS B 64 -0.87 -0.95 17.62
N ARG B 65 -0.44 -1.97 16.86
CA ARG B 65 0.87 -1.88 16.17
C ARG B 65 0.69 -0.94 14.97
N ALA B 66 -0.44 -1.02 14.25
CA ALA B 66 -0.77 -0.04 13.19
C ALA B 66 -0.70 1.39 13.77
N TYR B 67 -1.32 1.58 14.93
CA TYR B 67 -1.41 2.91 15.58
C TYR B 67 -0.01 3.43 15.87
N ARG B 68 0.77 2.63 16.58
CA ARG B 68 2.17 2.96 16.91
C ARG B 68 2.94 3.33 15.65
N GLU B 69 2.89 2.48 14.62
CA GLU B 69 3.68 2.67 13.38
C GLU B 69 3.29 4.02 12.76
N LEU B 70 1.99 4.34 12.76
CA LEU B 70 1.49 5.66 12.31
C LEU B 70 2.10 6.78 13.16
N ARG B 71 1.95 6.74 14.50
CA ARG B 71 2.39 7.81 15.43
C ARG B 71 3.89 8.06 15.24
N LEU B 72 4.62 6.97 15.01
CA LEU B 72 6.10 6.91 14.95
C LEU B 72 6.56 7.65 13.69
N LEU B 73 6.02 7.25 12.53
CA LEU B 73 6.27 7.88 11.22
C LEU B 73 5.90 9.36 11.24
N LYS B 74 4.72 9.68 11.78
CA LYS B 74 4.24 11.04 12.06
C LYS B 74 5.32 11.85 12.79
N HIS B 75 6.07 11.23 13.72
CA HIS B 75 7.09 11.88 14.60
C HIS B 75 8.41 12.18 13.87
N MET B 76 8.64 11.57 12.72
CA MET B 76 9.97 11.52 12.05
C MET B 76 10.02 12.61 10.98
N ARG B 77 10.61 13.75 11.33
CA ARG B 77 10.86 14.86 10.39
C ARG B 77 12.38 15.08 10.33
N HIS B 78 13.11 14.34 9.48
CA HIS B 78 14.58 14.46 9.30
C HIS B 78 14.98 14.04 7.87
N GLU B 79 15.95 14.73 7.26
CA GLU B 79 16.33 14.58 5.83
C GLU B 79 16.72 13.12 5.53
N ASN B 80 17.12 12.32 6.52
CA ASN B 80 17.61 10.94 6.28
C ASN B 80 16.63 9.87 6.80
N VAL B 81 15.43 10.27 7.16
CA VAL B 81 14.41 9.33 7.71
C VAL B 81 13.08 9.54 6.99
N ILE B 82 12.62 8.47 6.37
CA ILE B 82 11.34 8.47 5.60
C ILE B 82 10.29 9.13 6.49
N GLY B 83 9.49 10.00 5.89
CA GLY B 83 8.48 10.74 6.64
C GLY B 83 7.16 10.73 5.90
N LEU B 84 6.12 11.11 6.62
CA LEU B 84 4.72 11.09 6.12
C LEU B 84 4.42 12.36 5.29
N LEU B 85 4.15 12.22 3.99
CA LEU B 85 3.62 13.31 3.12
C LEU B 85 2.09 13.43 3.33
N ASP B 86 1.44 12.31 3.63
CA ASP B 86 -0.04 12.21 3.72
C ASP B 86 -0.44 10.91 4.43
N VAL B 87 -1.55 10.92 5.16
CA VAL B 87 -2.21 9.66 5.65
C VAL B 87 -3.72 9.82 5.46
N PHE B 88 -4.43 8.78 5.04
CA PHE B 88 -5.87 8.93 4.71
C PHE B 88 -6.66 7.63 4.88
N THR B 89 -7.98 7.77 4.95
CA THR B 89 -8.91 6.61 4.87
C THR B 89 -10.05 6.94 3.91
N PRO B 90 -10.41 6.01 3.00
CA PRO B 90 -11.53 6.22 2.10
C PRO B 90 -12.89 6.04 2.82
N ASP B 91 -12.88 5.37 3.97
CA ASP B 91 -14.07 5.11 4.82
C ASP B 91 -14.65 6.46 5.32
N GLU B 92 -15.98 6.60 5.28
CA GLU B 92 -16.69 7.90 5.46
C GLU B 92 -17.12 8.09 6.92
N THR B 93 -17.14 7.05 7.74
CA THR B 93 -17.51 7.17 9.18
C THR B 93 -16.70 6.18 10.02
N LEU B 94 -16.71 6.36 11.35
CA LEU B 94 -15.96 5.49 12.28
C LEU B 94 -16.49 4.04 12.25
N ASP B 95 -17.71 3.81 11.76
CA ASP B 95 -18.33 2.44 11.80
C ASP B 95 -18.10 1.76 10.45
N ASP B 96 -17.70 2.53 9.44
CA ASP B 96 -17.22 1.99 8.16
C ASP B 96 -15.70 1.77 8.23
N PHE B 97 -15.04 2.38 9.20
CA PHE B 97 -13.56 2.50 9.27
C PHE B 97 -12.96 1.10 9.30
N THR B 98 -12.19 0.71 8.28
CA THR B 98 -11.50 -0.62 8.25
C THR B 98 -10.07 -0.51 7.69
N ASP B 99 -9.76 0.39 6.76
CA ASP B 99 -8.36 0.49 6.25
C ASP B 99 -7.94 1.96 6.11
N PHE B 100 -6.66 2.20 6.37
CA PHE B 100 -5.99 3.49 6.15
C PHE B 100 -4.69 3.23 5.38
N TYR B 101 -4.16 4.32 4.81
CA TYR B 101 -3.03 4.37 3.86
C TYR B 101 -2.03 5.45 4.31
N LEU B 102 -0.74 5.11 4.21
CA LEU B 102 0.40 6.03 4.48
C LEU B 102 1.00 6.43 3.13
N VAL B 103 1.29 7.72 2.95
CA VAL B 103 1.98 8.24 1.74
C VAL B 103 3.37 8.74 2.15
N MET B 104 4.41 8.08 1.63
CA MET B 104 5.83 8.45 1.82
C MET B 104 6.39 8.93 0.48
N PRO B 105 7.51 9.70 0.48
CA PRO B 105 8.28 9.98 -0.72
C PRO B 105 8.77 8.71 -1.43
N PHE B 106 8.83 8.72 -2.76
CA PHE B 106 9.44 7.61 -3.53
C PHE B 106 10.87 8.00 -3.89
N MET B 107 11.84 7.34 -3.27
CA MET B 107 13.27 7.65 -3.49
C MET B 107 13.73 7.10 -4.86
N GLY B 108 13.43 5.83 -5.15
CA GLY B 108 13.83 5.15 -6.39
C GLY B 108 14.94 4.20 -6.07
N THR B 109 14.58 2.97 -5.73
CA THR B 109 15.49 1.87 -5.28
C THR B 109 16.13 2.14 -3.91
N ASP B 110 17.07 1.26 -3.57
CA ASP B 110 17.55 1.05 -2.19
C ASP B 110 18.93 0.38 -2.23
N LEU B 111 19.63 0.40 -1.11
CA LEU B 111 21.03 -0.04 -1.04
C LEU B 111 21.14 -1.53 -1.40
N GLY B 112 20.09 -2.31 -1.20
CA GLY B 112 20.06 -3.73 -1.60
C GLY B 112 20.24 -3.84 -3.10
N LYS B 113 19.29 -3.30 -3.88
CA LYS B 113 19.29 -3.35 -5.37
C LYS B 113 20.59 -2.71 -5.89
N LEU B 114 21.00 -1.58 -5.33
CA LEU B 114 22.22 -0.82 -5.73
C LEU B 114 23.45 -1.71 -5.57
N MET B 115 23.68 -2.25 -4.38
CA MET B 115 24.87 -3.08 -4.00
C MET B 115 24.98 -4.34 -4.89
N LYS B 116 23.84 -4.83 -5.39
CA LYS B 116 23.74 -6.08 -6.20
C LYS B 116 24.35 -5.79 -7.57
N HIS B 117 24.00 -4.64 -8.16
CA HIS B 117 24.24 -4.28 -9.57
C HIS B 117 25.62 -3.64 -9.78
N GLU B 118 26.36 -3.31 -8.72
CA GLU B 118 27.67 -2.61 -8.81
C GLU B 118 28.34 -2.58 -7.44
N LYS B 119 29.65 -2.82 -7.37
CA LYS B 119 30.39 -2.64 -6.10
C LYS B 119 30.52 -1.13 -5.94
N LEU B 120 30.55 -0.67 -4.68
CA LEU B 120 30.41 0.74 -4.28
C LEU B 120 31.82 1.29 -4.11
N GLY B 121 32.06 2.50 -4.62
CA GLY B 121 33.28 3.29 -4.38
C GLY B 121 33.52 3.52 -2.91
N GLU B 122 34.76 3.80 -2.53
CA GLU B 122 35.22 4.14 -1.15
C GLU B 122 34.50 5.40 -0.63
N ASP B 123 34.16 6.32 -1.53
CA ASP B 123 33.69 7.69 -1.22
C ASP B 123 32.17 7.68 -1.17
N ARG B 124 31.55 6.92 -2.08
CA ARG B 124 30.09 6.63 -2.03
C ARG B 124 29.75 5.99 -0.67
N ILE B 125 30.53 4.99 -0.24
CA ILE B 125 30.30 4.29 1.06
C ILE B 125 30.32 5.33 2.17
N GLN B 126 31.35 6.16 2.18
CA GLN B 126 31.55 7.16 3.25
C GLN B 126 30.30 8.04 3.37
N PHE B 127 29.80 8.53 2.24
CA PHE B 127 28.66 9.50 2.16
C PHE B 127 27.36 8.80 2.57
N LEU B 128 27.11 7.61 1.99
CA LEU B 128 25.94 6.75 2.33
C LEU B 128 25.98 6.37 3.83
N VAL B 129 27.07 5.84 4.34
CA VAL B 129 27.14 5.40 5.77
C VAL B 129 26.99 6.63 6.67
N TYR B 130 27.52 7.78 6.28
CA TYR B 130 27.39 9.04 7.05
C TYR B 130 25.90 9.36 7.21
N GLN B 131 25.15 9.31 6.10
CA GLN B 131 23.70 9.61 6.08
C GLN B 131 22.93 8.62 6.95
N MET B 132 23.26 7.32 6.92
CA MET B 132 22.64 6.27 7.79
C MET B 132 22.73 6.72 9.23
N LEU B 133 23.91 7.15 9.66
CA LEU B 133 24.18 7.41 11.09
C LEU B 133 23.56 8.76 11.46
N LYS B 134 23.62 9.72 10.56
CA LYS B 134 22.97 11.04 10.78
C LYS B 134 21.45 10.84 10.98
N GLY B 135 20.81 10.00 10.16
CA GLY B 135 19.39 9.61 10.32
C GLY B 135 19.17 8.80 11.57
N LEU B 136 20.09 7.89 11.86
CA LEU B 136 19.95 6.95 13.00
C LEU B 136 20.03 7.75 14.29
N ARG B 137 20.82 8.80 14.30
CA ARG B 137 21.08 9.61 15.52
C ARG B 137 19.77 10.28 15.92
N TYR B 138 19.10 10.87 14.94
CA TYR B 138 17.76 11.47 15.08
C TYR B 138 16.82 10.44 15.72
N ILE B 139 16.70 9.27 15.10
CA ILE B 139 15.73 8.23 15.55
C ILE B 139 16.01 7.96 17.02
N HIS B 140 17.28 7.72 17.33
CA HIS B 140 17.76 7.37 18.69
C HIS B 140 17.48 8.56 19.61
N ALA B 141 17.76 9.78 19.17
CA ALA B 141 17.45 11.04 19.86
C ALA B 141 16.01 11.04 20.37
N ALA B 142 15.06 10.64 19.53
CA ALA B 142 13.62 10.58 19.91
C ALA B 142 13.36 9.39 20.83
N GLY B 143 14.39 8.65 21.24
CA GLY B 143 14.25 7.48 22.13
C GLY B 143 13.60 6.28 21.45
N ILE B 144 13.92 6.01 20.19
CA ILE B 144 13.34 4.86 19.44
C ILE B 144 14.45 3.91 19.02
N ILE B 145 14.13 2.63 18.85
CA ILE B 145 14.98 1.62 18.18
C ILE B 145 14.27 1.14 16.91
N HIS B 146 14.88 1.31 15.74
CA HIS B 146 14.40 0.75 14.44
C HIS B 146 14.86 -0.68 14.50
N ARG B 147 14.05 -1.70 14.54
CA ARG B 147 14.78 -2.96 14.91
C ARG B 147 15.21 -3.74 13.66
N ASP B 148 15.10 -3.16 12.47
CA ASP B 148 15.28 -3.99 11.25
C ASP B 148 15.98 -3.13 10.19
N LEU B 149 17.08 -2.46 10.56
CA LEU B 149 18.01 -1.82 9.59
C LEU B 149 18.58 -2.91 8.67
N LYS B 150 18.63 -2.63 7.37
CA LYS B 150 19.16 -3.54 6.34
C LYS B 150 19.14 -2.82 4.99
N PRO B 151 19.89 -3.31 3.99
CA PRO B 151 19.97 -2.62 2.70
C PRO B 151 18.59 -2.32 2.08
N GLY B 152 17.63 -3.24 2.21
CA GLY B 152 16.25 -3.04 1.71
C GLY B 152 15.58 -1.82 2.32
N ASN B 153 15.85 -1.53 3.60
CA ASN B 153 15.25 -0.40 4.36
C ASN B 153 16.08 0.89 4.21
N LEU B 154 17.06 0.93 3.33
CA LEU B 154 17.87 2.15 3.05
C LEU B 154 17.57 2.59 1.63
N ALA B 155 16.61 3.49 1.49
CA ALA B 155 16.18 4.07 0.19
C ALA B 155 17.23 5.07 -0.24
N VAL B 156 17.61 4.99 -1.51
CA VAL B 156 18.67 5.82 -2.13
C VAL B 156 18.10 6.40 -3.42
N ASN B 157 18.21 7.70 -3.66
CA ASN B 157 17.79 8.34 -4.93
C ASN B 157 19.00 8.50 -5.87
N GLU B 158 18.73 9.07 -7.04
CA GLU B 158 19.69 9.29 -8.15
C GLU B 158 20.94 10.04 -7.64
N ASP B 159 20.82 10.97 -6.68
CA ASP B 159 21.93 11.83 -6.16
C ASP B 159 22.64 11.17 -4.96
N CYS B 160 22.47 9.86 -4.75
CA CYS B 160 23.03 9.08 -3.61
C CYS B 160 22.61 9.64 -2.24
N GLU B 161 21.45 10.28 -2.14
CA GLU B 161 20.83 10.72 -0.87
C GLU B 161 20.05 9.55 -0.28
N LEU B 162 20.00 9.43 1.05
CA LEU B 162 19.53 8.20 1.74
C LEU B 162 18.45 8.51 2.77
N LYS B 163 17.38 7.72 2.78
CA LYS B 163 16.38 7.70 3.87
C LYS B 163 16.27 6.30 4.49
N ILE B 164 16.21 6.23 5.81
CA ILE B 164 15.90 4.99 6.57
C ILE B 164 14.39 4.73 6.44
N LEU B 165 13.98 3.47 6.27
CA LEU B 165 12.63 3.16 5.75
C LEU B 165 11.70 2.55 6.79
N ASP B 166 11.92 1.38 7.38
CA ASP B 166 10.73 0.56 7.79
C ASP B 166 10.43 0.65 9.30
N PHE B 167 9.36 1.37 9.67
CA PHE B 167 9.03 1.60 11.11
C PHE B 167 8.02 0.56 11.64
N GLY B 168 7.92 -0.60 11.00
CA GLY B 168 6.92 -1.63 11.31
C GLY B 168 7.25 -2.39 12.57
N LEU B 169 8.54 -2.44 12.93
CA LEU B 169 9.05 -3.14 14.14
C LEU B 169 9.59 -2.13 15.14
N ALA B 170 9.79 -0.88 14.72
CA ALA B 170 10.31 0.17 15.63
C ALA B 170 9.52 0.13 16.94
N ARG B 171 10.22 0.21 18.07
CA ARG B 171 9.69 0.34 19.45
C ARG B 171 10.43 1.47 20.15
N GLN B 172 9.83 2.07 21.18
CA GLN B 172 10.50 3.06 22.07
C GLN B 172 11.49 2.25 22.93
N ALA B 173 12.68 2.80 23.15
CA ALA B 173 13.91 2.09 23.60
C ALA B 173 13.68 1.29 24.90
N ASP B 174 12.81 1.81 25.76
CA ASP B 174 12.64 1.33 27.15
C ASP B 174 11.43 0.40 27.19
N SER B 175 10.71 0.28 26.07
CA SER B 175 9.53 -0.62 25.95
C SER B 175 10.01 -2.07 25.74
N GLU B 176 9.09 -3.03 25.82
CA GLU B 176 9.34 -4.46 25.51
C GLU B 176 9.52 -4.60 24.00
N MET B 177 10.52 -5.37 23.59
CA MET B 177 10.82 -5.67 22.18
C MET B 177 9.94 -6.84 21.72
N THR B 178 8.67 -6.57 21.49
CA THR B 178 7.70 -7.54 20.94
C THR B 178 7.85 -7.53 19.44
N GLY B 179 7.29 -8.51 18.76
CA GLY B 179 7.50 -8.66 17.30
C GLY B 179 8.76 -9.46 17.04
N TYR B 180 8.80 -10.20 15.93
CA TYR B 180 9.93 -11.07 15.50
C TYR B 180 10.61 -10.42 14.28
N VAL B 181 11.79 -9.84 14.49
CA VAL B 181 12.71 -9.42 13.39
C VAL B 181 13.02 -10.65 12.52
N VAL B 182 12.58 -10.62 11.25
CA VAL B 182 12.67 -11.76 10.30
C VAL B 182 14.05 -11.74 9.63
N THR B 183 14.48 -10.61 9.07
CA THR B 183 15.76 -10.45 8.33
C THR B 183 16.90 -11.00 9.20
N ARG B 184 17.73 -11.91 8.67
CA ARG B 184 18.68 -12.66 9.54
C ARG B 184 20.04 -11.94 9.63
N TRP B 185 20.65 -11.50 8.52
CA TRP B 185 22.11 -11.21 8.48
C TRP B 185 22.52 -10.07 9.42
N TYR B 186 21.70 -9.03 9.56
CA TYR B 186 22.15 -7.73 10.11
C TYR B 186 21.78 -7.61 11.59
N ARG B 187 21.17 -8.63 12.20
CA ARG B 187 20.64 -8.46 13.58
C ARG B 187 21.76 -8.58 14.61
N ALA B 188 21.72 -7.75 15.66
CA ALA B 188 22.68 -7.78 16.79
C ALA B 188 22.47 -9.06 17.58
N PRO B 189 23.50 -9.48 18.34
CA PRO B 189 23.38 -10.67 19.19
C PRO B 189 22.09 -10.73 20.01
N GLU B 190 21.77 -9.67 20.75
CA GLU B 190 20.62 -9.61 21.71
C GLU B 190 19.29 -9.79 20.93
N VAL B 191 19.26 -9.42 19.65
CA VAL B 191 18.11 -9.69 18.76
C VAL B 191 18.09 -11.19 18.38
N ILE B 192 19.26 -11.77 18.10
CA ILE B 192 19.30 -13.21 17.76
C ILE B 192 18.88 -14.02 18.99
N LEU B 193 19.40 -13.64 20.16
CA LEU B 193 19.07 -14.24 21.48
C LEU B 193 17.61 -13.96 21.91
N ASN B 194 16.88 -13.07 21.23
CA ASN B 194 15.41 -12.91 21.40
C ASN B 194 15.10 -12.15 22.70
N TRP B 195 16.08 -11.43 23.25
CA TRP B 195 15.89 -10.69 24.53
C TRP B 195 14.67 -9.79 24.40
N MET B 196 13.89 -9.68 25.48
CA MET B 196 12.68 -8.82 25.56
C MET B 196 13.09 -7.36 25.75
N ARG B 197 14.32 -7.10 26.25
CA ARG B 197 14.86 -5.74 26.50
C ARG B 197 16.23 -5.59 25.86
N TYR B 198 16.43 -4.50 25.10
CA TYR B 198 17.77 -4.13 24.58
C TYR B 198 17.84 -2.63 24.37
N THR B 199 18.96 -2.18 23.78
CA THR B 199 19.30 -0.74 23.63
C THR B 199 19.49 -0.37 22.16
N GLN B 200 19.73 0.91 21.90
CA GLN B 200 19.66 1.46 20.53
C GLN B 200 20.91 1.02 19.76
N THR B 201 21.90 0.45 20.44
CA THR B 201 23.14 -0.03 19.77
C THR B 201 22.88 -1.32 18.99
N VAL B 202 21.70 -1.93 19.02
CA VAL B 202 21.41 -3.05 18.07
C VAL B 202 21.40 -2.49 16.64
N ASP B 203 20.97 -1.24 16.47
CA ASP B 203 20.91 -0.54 15.17
C ASP B 203 22.35 -0.26 14.70
N ILE B 204 23.24 0.01 15.65
CA ILE B 204 24.67 0.34 15.34
C ILE B 204 25.34 -0.92 14.82
N TRP B 205 25.09 -2.03 15.50
CA TRP B 205 25.57 -3.38 15.08
C TRP B 205 25.14 -3.61 13.63
N SER B 206 23.88 -3.32 13.32
CA SER B 206 23.27 -3.47 11.97
C SER B 206 24.03 -2.61 10.95
N VAL B 207 24.31 -1.35 11.30
CA VAL B 207 25.03 -0.40 10.41
C VAL B 207 26.38 -1.01 10.08
N GLY B 208 27.05 -1.56 11.08
CA GLY B 208 28.36 -2.23 10.91
C GLY B 208 28.29 -3.39 9.93
N CYS B 209 27.32 -4.28 10.09
CA CYS B 209 27.08 -5.42 9.18
C CYS B 209 26.87 -4.88 7.77
N ILE B 210 26.13 -3.77 7.65
CA ILE B 210 25.68 -3.19 6.36
C ILE B 210 26.87 -2.52 5.68
N MET B 211 27.69 -1.80 6.46
CA MET B 211 28.87 -1.06 5.94
C MET B 211 29.91 -2.05 5.39
N ALA B 212 30.26 -3.04 6.21
CA ALA B 212 31.15 -4.18 5.86
C ALA B 212 30.70 -4.82 4.54
N GLU B 213 29.41 -5.08 4.36
CA GLU B 213 28.88 -5.68 3.11
C GLU B 213 29.07 -4.71 1.91
N MET B 214 28.98 -3.40 2.12
CA MET B 214 29.17 -2.40 1.03
C MET B 214 30.62 -2.49 0.55
N ILE B 215 31.54 -2.57 1.52
CA ILE B 215 33.02 -2.56 1.31
C ILE B 215 33.45 -3.84 0.59
N THR B 216 32.88 -5.00 0.94
CA THR B 216 33.32 -6.33 0.45
C THR B 216 32.33 -6.94 -0.56
N GLY B 217 31.10 -6.44 -0.66
CA GLY B 217 30.09 -6.96 -1.61
C GLY B 217 29.60 -8.34 -1.21
N LYS B 218 30.07 -8.82 -0.06
CA LYS B 218 29.86 -10.18 0.52
C LYS B 218 29.29 -9.97 1.95
N THR B 219 28.20 -10.67 2.25
CA THR B 219 27.46 -10.61 3.55
C THR B 219 28.38 -10.98 4.70
N LEU B 220 28.49 -10.16 5.73
CA LEU B 220 29.52 -10.36 6.78
C LEU B 220 29.16 -11.61 7.58
N PHE B 221 27.91 -11.80 7.98
CA PHE B 221 27.48 -12.97 8.79
C PHE B 221 26.30 -13.66 8.14
N LYS B 222 26.52 -14.78 7.43
CA LYS B 222 25.43 -15.72 7.06
C LYS B 222 25.20 -16.72 8.21
N GLY B 223 24.17 -17.55 8.11
CA GLY B 223 23.68 -18.39 9.22
C GLY B 223 22.34 -19.03 8.85
N SER B 224 22.24 -20.36 8.92
CA SER B 224 21.01 -21.09 8.51
C SER B 224 19.91 -20.78 9.53
N ASP B 225 20.29 -20.78 10.81
CA ASP B 225 19.37 -20.62 11.97
C ASP B 225 19.99 -19.61 12.94
N HIS B 226 19.30 -19.29 14.04
CA HIS B 226 19.74 -18.28 15.04
C HIS B 226 21.10 -18.68 15.64
N LEU B 227 21.25 -19.92 16.05
CA LEU B 227 22.44 -20.38 16.82
C LEU B 227 23.65 -20.30 15.91
N ASP B 228 23.45 -20.77 14.68
CA ASP B 228 24.49 -20.79 13.61
C ASP B 228 25.02 -19.36 13.43
N GLN B 229 24.10 -18.42 13.22
CA GLN B 229 24.40 -16.97 13.05
C GLN B 229 25.28 -16.49 14.21
N LEU B 230 25.10 -17.00 15.43
CA LEU B 230 25.95 -16.59 16.60
C LEU B 230 27.33 -17.22 16.45
N LYS B 231 27.44 -18.43 15.90
CA LYS B 231 28.75 -19.07 15.59
C LYS B 231 29.54 -18.13 14.65
N GLU B 232 28.99 -17.81 13.47
CA GLU B 232 29.62 -16.90 12.47
C GLU B 232 30.13 -15.63 13.15
N ILE B 233 29.34 -15.06 14.05
CA ILE B 233 29.70 -13.81 14.78
C ILE B 233 30.93 -14.11 15.65
N MET B 234 30.90 -15.22 16.42
CA MET B 234 31.96 -15.61 17.40
C MET B 234 33.30 -15.90 16.67
N LYS B 235 33.27 -16.34 15.40
CA LYS B 235 34.47 -16.50 14.53
C LYS B 235 35.17 -15.16 14.33
N VAL B 236 34.42 -14.15 13.93
CA VAL B 236 34.97 -12.79 13.63
C VAL B 236 35.34 -12.03 14.92
N THR B 237 34.79 -12.36 16.10
CA THR B 237 34.93 -11.54 17.33
C THR B 237 35.55 -12.29 18.53
N GLY B 238 35.38 -13.62 18.65
CA GLY B 238 36.04 -14.48 19.68
C GLY B 238 35.13 -14.76 20.87
N THR B 239 35.29 -15.94 21.52
CA THR B 239 34.39 -16.50 22.58
C THR B 239 34.32 -15.56 23.78
N PRO B 240 33.15 -15.40 24.45
CA PRO B 240 32.98 -14.47 25.58
C PRO B 240 33.03 -15.09 26.98
N PRO B 241 33.30 -14.28 28.06
CA PRO B 241 33.37 -14.78 29.43
C PRO B 241 32.07 -15.28 30.14
N ALA B 242 31.20 -14.39 30.64
CA ALA B 242 29.97 -14.76 31.40
C ALA B 242 28.73 -14.65 30.49
N GLU B 243 28.72 -15.36 29.34
CA GLU B 243 27.66 -15.30 28.29
C GLU B 243 27.03 -16.69 28.14
N PHE B 244 27.65 -17.57 27.33
CA PHE B 244 27.29 -19.02 27.21
C PHE B 244 27.58 -19.70 28.56
N VAL B 245 27.72 -18.90 29.65
CA VAL B 245 27.98 -19.32 31.07
C VAL B 245 26.67 -19.25 31.88
N GLN B 246 25.69 -18.44 31.48
CA GLN B 246 24.37 -18.38 32.17
C GLN B 246 23.25 -17.89 31.23
N ARG B 247 23.59 -17.02 30.26
CA ARG B 247 22.61 -16.12 29.60
C ARG B 247 21.89 -16.80 28.42
N LEU B 248 22.26 -18.03 28.02
CA LEU B 248 21.72 -18.65 26.78
C LEU B 248 20.46 -19.46 27.06
N GLN B 249 20.09 -19.59 28.36
CA GLN B 249 18.72 -19.93 28.83
C GLN B 249 18.28 -21.26 28.22
N SER B 250 19.26 -22.08 27.82
CA SER B 250 19.12 -23.30 26.98
C SER B 250 20.36 -24.18 27.17
N ASP B 251 20.20 -25.42 27.64
CA ASP B 251 21.34 -26.35 27.87
C ASP B 251 21.97 -26.71 26.51
N GLU B 252 21.16 -27.05 25.49
CA GLU B 252 21.63 -27.59 24.18
C GLU B 252 22.39 -26.49 23.44
N ALA B 253 21.99 -25.24 23.65
CA ALA B 253 22.66 -24.04 23.08
C ALA B 253 24.08 -23.95 23.66
N LYS B 254 24.17 -23.79 24.99
CA LYS B 254 25.42 -23.73 25.81
C LYS B 254 26.40 -24.87 25.47
N ASN B 255 25.88 -26.06 25.15
CA ASN B 255 26.66 -27.30 24.89
C ASN B 255 27.26 -27.26 23.48
N TYR B 256 26.51 -26.80 22.48
CA TYR B 256 27.01 -26.58 21.09
C TYR B 256 28.06 -25.45 21.11
N MET B 257 28.07 -24.58 22.13
CA MET B 257 29.05 -23.45 22.22
C MET B 257 30.35 -23.97 22.85
N LYS B 258 30.32 -24.43 24.09
CA LYS B 258 31.53 -24.92 24.79
C LYS B 258 32.24 -25.98 23.91
N GLY B 259 31.47 -26.80 23.20
CA GLY B 259 31.98 -27.93 22.39
C GLY B 259 33.02 -27.53 21.35
N LEU B 260 32.57 -27.20 20.13
CA LEU B 260 33.37 -26.90 18.90
C LEU B 260 34.60 -26.02 19.23
N PRO B 261 35.65 -26.02 18.37
CA PRO B 261 36.94 -25.38 18.69
C PRO B 261 36.95 -23.88 19.01
N GLU B 262 37.48 -23.51 20.19
CA GLU B 262 37.80 -22.12 20.64
C GLU B 262 38.57 -21.37 19.54
N LEU B 263 38.44 -20.03 19.43
CA LEU B 263 39.06 -19.20 18.34
C LEU B 263 39.39 -17.77 18.81
N GLU B 264 40.03 -16.97 17.95
CA GLU B 264 40.69 -15.66 18.27
C GLU B 264 39.76 -14.49 17.92
N LYS B 265 40.19 -13.23 18.14
CA LYS B 265 39.47 -11.97 17.78
C LYS B 265 39.94 -11.54 16.37
N LYS B 266 39.42 -12.19 15.31
CA LYS B 266 39.96 -12.17 13.92
C LYS B 266 40.26 -10.72 13.48
N ASP B 267 41.45 -10.51 12.89
CA ASP B 267 41.96 -9.20 12.40
C ASP B 267 41.02 -8.65 11.32
N PHE B 268 40.35 -7.54 11.62
CA PHE B 268 39.32 -6.93 10.74
C PHE B 268 39.96 -6.58 9.39
N ALA B 269 41.10 -5.86 9.41
CA ALA B 269 41.83 -5.37 8.21
C ALA B 269 41.99 -6.48 7.17
N SER B 270 42.10 -7.75 7.61
CA SER B 270 42.32 -8.94 6.74
C SER B 270 41.01 -9.49 6.16
N ILE B 271 39.87 -9.34 6.85
CA ILE B 271 38.51 -9.74 6.36
C ILE B 271 38.01 -8.66 5.41
N LEU B 272 38.07 -7.41 5.87
CA LEU B 272 37.62 -6.18 5.17
C LEU B 272 38.78 -5.73 4.30
N THR B 273 39.19 -6.62 3.41
CA THR B 273 40.40 -6.54 2.56
C THR B 273 40.44 -5.16 1.88
N ASN B 274 39.26 -4.70 1.44
CA ASN B 274 39.10 -3.66 0.39
C ASN B 274 39.07 -2.25 1.00
N ALA B 275 39.35 -2.09 2.29
CA ALA B 275 38.80 -1.01 3.17
C ALA B 275 39.89 -0.05 3.65
N SER B 276 39.57 1.24 3.79
CA SER B 276 40.42 2.26 4.45
C SER B 276 40.82 1.79 5.85
N PRO B 277 41.95 2.26 6.41
CA PRO B 277 42.29 2.03 7.82
C PRO B 277 41.42 2.77 8.84
N LEU B 278 40.77 3.88 8.47
CA LEU B 278 39.81 4.60 9.34
C LEU B 278 38.50 3.83 9.34
N ALA B 279 38.11 3.33 8.16
CA ALA B 279 36.88 2.54 7.93
C ALA B 279 36.92 1.34 8.89
N VAL B 280 38.07 0.69 8.93
CA VAL B 280 38.36 -0.45 9.85
C VAL B 280 38.30 0.02 11.31
N ASN B 281 39.13 0.94 11.74
CA ASN B 281 39.04 1.44 13.14
C ASN B 281 37.57 1.59 13.55
N LEU B 282 36.71 2.17 12.70
CA LEU B 282 35.32 2.56 13.07
C LEU B 282 34.47 1.30 13.19
N LEU B 283 34.50 0.43 12.17
CA LEU B 283 33.82 -0.88 12.19
C LEU B 283 34.23 -1.66 13.45
N GLU B 284 35.47 -1.57 13.90
CA GLU B 284 35.92 -2.26 15.13
C GLU B 284 35.17 -1.70 16.35
N LYS B 285 34.75 -0.43 16.35
CA LYS B 285 34.11 0.20 17.55
C LYS B 285 32.60 -0.06 17.50
N MET B 286 32.12 -0.54 16.35
CA MET B 286 30.70 -0.76 16.02
C MET B 286 30.35 -2.24 16.22
N LEU B 287 31.16 -3.17 15.69
CA LEU B 287 30.88 -4.64 15.67
C LEU B 287 31.52 -5.32 16.89
N VAL B 288 30.93 -5.07 18.05
CA VAL B 288 31.46 -5.37 19.39
C VAL B 288 30.38 -6.16 20.12
N LEU B 289 30.71 -7.32 20.70
CA LEU B 289 29.70 -8.17 21.36
C LEU B 289 29.02 -7.42 22.50
N ASP B 290 29.73 -6.63 23.31
CA ASP B 290 29.11 -5.94 24.46
C ASP B 290 28.39 -4.69 23.95
N ALA B 291 27.05 -4.68 24.02
CA ALA B 291 26.17 -3.57 23.60
C ALA B 291 26.62 -2.24 24.23
N GLU B 292 27.13 -2.26 25.47
CA GLU B 292 27.51 -1.05 26.25
C GLU B 292 28.79 -0.42 25.68
N GLN B 293 29.70 -1.24 25.12
CA GLN B 293 31.03 -0.79 24.60
C GLN B 293 30.87 -0.30 23.16
N ARG B 294 30.04 -0.99 22.39
CA ARG B 294 29.48 -0.53 21.08
C ARG B 294 29.28 0.98 21.10
N VAL B 295 29.69 1.62 20.02
CA VAL B 295 29.66 3.10 19.84
C VAL B 295 28.21 3.53 19.55
N THR B 296 27.73 4.63 20.13
CA THR B 296 26.44 5.27 19.75
C THR B 296 26.56 5.89 18.34
N ALA B 297 25.46 6.34 17.75
CA ALA B 297 25.49 6.95 16.39
C ALA B 297 26.26 8.27 16.46
N GLY B 298 26.00 9.07 17.50
CA GLY B 298 26.72 10.35 17.72
C GLY B 298 28.23 10.15 17.80
N GLU B 299 28.66 9.23 18.66
CA GLU B 299 30.09 8.83 18.83
C GLU B 299 30.65 8.39 17.47
N ALA B 300 29.87 7.70 16.65
CA ALA B 300 30.33 7.16 15.35
C ALA B 300 30.51 8.30 14.34
N LEU B 301 29.64 9.31 14.37
CA LEU B 301 29.73 10.45 13.42
C LEU B 301 30.99 11.29 13.69
N ALA B 302 31.39 11.32 14.96
CA ALA B 302 32.56 12.05 15.51
C ALA B 302 33.85 11.29 15.17
N HIS B 303 33.77 10.01 14.84
CA HIS B 303 34.98 9.24 14.44
C HIS B 303 35.70 10.01 13.36
N PRO B 304 37.05 10.00 13.43
CA PRO B 304 37.91 10.49 12.37
C PRO B 304 37.51 10.21 10.90
N TYR B 305 36.89 9.07 10.62
CA TYR B 305 36.50 8.58 9.27
C TYR B 305 35.60 9.59 8.56
N PHE B 306 34.87 10.41 9.35
CA PHE B 306 33.80 11.35 8.92
C PHE B 306 34.26 12.81 9.11
N GLU B 307 35.52 13.01 9.46
CA GLU B 307 36.06 14.36 9.77
C GLU B 307 35.69 15.34 8.64
N SER B 308 35.96 14.97 7.39
CA SER B 308 35.72 15.84 6.22
C SER B 308 34.27 16.34 6.20
N LEU B 309 33.32 15.42 6.39
CA LEU B 309 31.86 15.58 6.13
C LEU B 309 31.11 16.08 7.35
N HIS B 310 31.50 15.67 8.57
CA HIS B 310 30.63 15.81 9.78
C HIS B 310 30.86 17.15 10.48
N ASP B 311 29.82 17.97 10.59
CA ASP B 311 29.87 19.27 11.32
C ASP B 311 29.24 19.09 12.71
N THR B 312 30.03 18.95 13.77
CA THR B 312 29.51 18.79 15.17
C THR B 312 28.40 19.82 15.46
N GLU B 313 27.22 19.67 14.84
CA GLU B 313 26.15 20.71 14.91
C GLU B 313 24.90 20.39 14.05
N ASP B 314 24.74 19.21 13.39
CA ASP B 314 23.36 18.64 13.17
C ASP B 314 22.98 17.94 14.49
N GLU B 315 23.19 18.62 15.63
CA GLU B 315 22.58 18.29 16.94
C GLU B 315 21.10 18.08 16.68
N PRO B 316 20.58 16.83 16.59
CA PRO B 316 19.18 16.61 16.23
C PRO B 316 18.23 17.41 17.13
N GLN B 317 17.26 18.08 16.50
CA GLN B 317 16.13 18.75 17.17
C GLN B 317 14.97 17.75 17.12
N VAL B 318 14.75 17.01 18.22
CA VAL B 318 13.60 16.06 18.34
C VAL B 318 13.19 16.00 19.79
N GLN B 319 11.92 16.22 20.09
CA GLN B 319 11.32 15.81 21.39
C GLN B 319 11.38 14.26 21.41
N LYS B 320 11.49 13.66 22.61
CA LYS B 320 11.33 12.20 22.80
C LYS B 320 9.91 11.80 22.36
N TYR B 321 9.77 10.70 21.65
CA TYR B 321 8.45 10.10 21.39
C TYR B 321 7.82 9.74 22.74
N ASP B 322 6.54 10.10 22.92
CA ASP B 322 5.75 9.81 24.15
C ASP B 322 4.98 8.50 23.97
N ASP B 323 5.38 7.47 24.71
CA ASP B 323 4.92 6.06 24.65
C ASP B 323 3.50 5.95 25.26
N SER B 324 3.23 6.74 26.30
CA SER B 324 1.95 6.93 27.03
C SER B 324 0.70 6.50 26.26
N PHE B 325 0.30 7.20 25.19
CA PHE B 325 -0.96 6.90 24.46
C PHE B 325 -0.95 5.48 23.92
N ASP B 326 0.25 4.90 23.70
CA ASP B 326 0.42 3.50 23.23
C ASP B 326 0.11 2.53 24.37
N ASP B 327 0.62 2.81 25.58
CA ASP B 327 0.67 1.87 26.74
C ASP B 327 -0.67 1.83 27.48
N VAL B 328 -1.76 2.19 26.82
CA VAL B 328 -3.11 2.36 27.42
C VAL B 328 -3.94 1.15 26.99
N ASP B 329 -4.38 0.34 27.95
CA ASP B 329 -5.27 -0.81 27.65
C ASP B 329 -6.49 -0.29 26.91
N ARG B 330 -6.84 -0.87 25.76
CA ARG B 330 -7.97 -0.41 24.92
C ARG B 330 -8.69 -1.62 24.29
N THR B 331 -10.01 -1.55 24.20
CA THR B 331 -10.80 -2.46 23.34
C THR B 331 -10.34 -2.24 21.90
N LEU B 332 -10.80 -3.06 20.97
CA LEU B 332 -10.55 -2.89 19.52
C LEU B 332 -11.26 -1.63 19.07
N ASP B 333 -12.55 -1.53 19.44
CA ASP B 333 -13.45 -0.41 19.08
C ASP B 333 -12.76 0.92 19.40
N GLU B 334 -12.18 1.03 20.60
CA GLU B 334 -11.45 2.21 21.10
C GLU B 334 -10.21 2.49 20.23
N TRP B 335 -9.50 1.45 19.80
CA TRP B 335 -8.26 1.61 18.98
C TRP B 335 -8.66 2.23 17.63
N LYS B 336 -9.77 1.75 17.06
CA LYS B 336 -10.33 2.29 15.81
C LYS B 336 -10.72 3.76 16.06
N ARG B 337 -11.21 4.08 17.25
CA ARG B 337 -11.67 5.47 17.54
C ARG B 337 -10.43 6.36 17.51
N VAL B 338 -9.48 6.05 18.38
CA VAL B 338 -8.18 6.76 18.53
C VAL B 338 -7.49 6.87 17.16
N THR B 339 -7.40 5.77 16.41
CA THR B 339 -6.68 5.70 15.11
C THR B 339 -7.38 6.61 14.08
N TYR B 340 -8.70 6.49 13.92
CA TYR B 340 -9.55 7.35 13.05
C TYR B 340 -9.25 8.83 13.31
N LYS B 341 -9.07 9.20 14.58
CA LYS B 341 -8.80 10.59 15.01
C LYS B 341 -7.40 10.98 14.56
N GLU B 342 -6.42 10.08 14.70
CA GLU B 342 -5.01 10.33 14.30
C GLU B 342 -4.95 10.47 12.78
N VAL B 343 -5.72 9.68 12.04
CA VAL B 343 -5.75 9.74 10.55
C VAL B 343 -6.36 11.08 10.16
N LEU B 344 -7.50 11.44 10.73
CA LEU B 344 -8.27 12.62 10.24
C LEU B 344 -7.52 13.89 10.62
N SER B 345 -6.85 13.93 11.76
CA SER B 345 -6.24 15.19 12.30
C SER B 345 -5.02 15.58 11.47
N PHE B 346 -4.32 14.60 10.91
CA PHE B 346 -2.97 14.73 10.29
C PHE B 346 -2.95 15.82 9.21
N LYS B 347 -1.93 16.67 9.27
CA LYS B 347 -1.70 17.80 8.33
C LYS B 347 -0.21 17.77 7.96
N PRO B 348 0.15 17.75 6.64
CA PRO B 348 1.56 17.60 6.25
C PRO B 348 2.41 18.82 6.62
N ASN C 2 -11.26 -16.80 -12.84
CA ASN C 2 -11.05 -16.66 -14.33
C ASN C 2 -10.88 -18.05 -14.96
N ALA C 3 -9.79 -18.78 -14.65
CA ALA C 3 -9.37 -20.08 -15.27
C ALA C 3 -10.53 -21.11 -15.27
N SER C 4 -10.49 -22.09 -16.17
CA SER C 4 -11.46 -23.22 -16.22
C SER C 4 -11.23 -24.08 -14.96
N GLY C 5 -12.30 -24.32 -14.20
CA GLY C 5 -12.28 -25.01 -12.90
C GLY C 5 -12.34 -24.04 -11.75
N PHE C 6 -12.39 -22.72 -12.05
CA PHE C 6 -12.30 -21.61 -11.06
C PHE C 6 -13.27 -20.48 -11.39
N TYR C 7 -13.61 -19.66 -10.39
CA TYR C 7 -14.46 -18.44 -10.53
C TYR C 7 -13.96 -17.40 -9.53
N ARG C 8 -13.90 -16.12 -9.95
CA ARG C 8 -13.51 -14.97 -9.10
C ARG C 8 -14.75 -14.59 -8.27
N GLN C 9 -14.55 -14.27 -6.99
CA GLN C 9 -15.53 -13.56 -6.12
C GLN C 9 -14.76 -12.56 -5.27
N GLU C 10 -15.17 -11.29 -5.27
CA GLU C 10 -14.65 -10.26 -4.32
C GLU C 10 -15.31 -10.56 -2.96
N VAL C 11 -14.53 -10.60 -1.89
CA VAL C 11 -15.03 -10.89 -0.50
C VAL C 11 -14.33 -9.95 0.45
N THR C 12 -15.02 -8.93 0.93
CA THR C 12 -14.39 -7.87 1.76
C THR C 12 -13.26 -7.27 0.91
N LYS C 13 -13.56 -6.95 -0.34
CA LYS C 13 -12.73 -6.13 -1.26
C LYS C 13 -11.46 -6.88 -1.65
N THR C 14 -11.43 -8.19 -1.45
CA THR C 14 -10.26 -9.02 -1.85
C THR C 14 -10.78 -10.09 -2.80
N ALA C 15 -10.12 -10.26 -3.95
CA ALA C 15 -10.49 -11.18 -5.03
C ALA C 15 -10.04 -12.60 -4.69
N TRP C 16 -11.00 -13.45 -4.33
CA TRP C 16 -10.82 -14.92 -4.21
C TRP C 16 -11.12 -15.53 -5.58
N GLU C 17 -10.32 -16.50 -5.99
CA GLU C 17 -10.50 -17.33 -7.19
C GLU C 17 -10.46 -18.77 -6.70
N VAL C 18 -11.59 -19.47 -6.68
CA VAL C 18 -11.69 -20.81 -6.03
C VAL C 18 -12.20 -21.88 -7.01
N ARG C 19 -11.88 -23.15 -6.79
CA ARG C 19 -12.45 -24.31 -7.52
C ARG C 19 -13.97 -24.08 -7.68
N ALA C 20 -14.52 -24.44 -8.84
CA ALA C 20 -15.96 -24.32 -9.18
C ALA C 20 -16.80 -25.12 -8.19
N VAL C 21 -16.23 -26.22 -7.70
CA VAL C 21 -16.88 -27.14 -6.74
C VAL C 21 -17.22 -26.40 -5.43
N TYR C 22 -16.46 -25.39 -5.02
CA TYR C 22 -16.64 -24.67 -3.73
C TYR C 22 -17.50 -23.42 -3.98
N ARG C 23 -18.67 -23.33 -3.36
CA ARG C 23 -19.59 -22.19 -3.55
C ARG C 23 -20.05 -21.60 -2.22
N ASP C 24 -20.65 -20.41 -2.29
CA ASP C 24 -21.21 -19.66 -1.14
C ASP C 24 -20.08 -19.22 -0.21
N LEU C 25 -19.13 -18.45 -0.74
CA LEU C 25 -17.99 -17.93 0.04
C LEU C 25 -18.56 -16.96 1.06
N GLN C 26 -18.40 -17.25 2.36
CA GLN C 26 -18.77 -16.33 3.48
C GLN C 26 -17.53 -16.14 4.36
N PRO C 27 -17.16 -14.88 4.68
CA PRO C 27 -15.95 -14.60 5.45
C PRO C 27 -16.15 -15.00 6.90
N VAL C 28 -15.15 -15.63 7.54
CA VAL C 28 -15.19 -16.05 8.96
C VAL C 28 -13.99 -15.48 9.70
N GLY C 29 -12.88 -15.17 9.01
CA GLY C 29 -11.53 -15.10 9.60
C GLY C 29 -10.66 -14.03 8.96
N SER C 30 -9.68 -13.55 9.73
CA SER C 30 -8.50 -12.76 9.30
C SER C 30 -7.38 -13.08 10.29
N GLY C 31 -6.21 -13.43 9.80
CA GLY C 31 -5.04 -13.81 10.63
C GLY C 31 -3.82 -13.09 10.13
N ALA C 32 -2.65 -13.32 10.72
CA ALA C 32 -1.44 -12.59 10.32
C ALA C 32 -0.99 -13.12 8.96
N TYR C 33 -1.41 -14.35 8.63
CA TYR C 33 -0.79 -15.18 7.56
C TYR C 33 -1.84 -15.57 6.49
N GLY C 34 -3.09 -15.15 6.67
CA GLY C 34 -4.15 -15.43 5.69
C GLY C 34 -5.50 -14.89 6.12
N ALA C 35 -6.52 -15.14 5.31
CA ALA C 35 -7.94 -14.92 5.68
C ALA C 35 -8.73 -16.19 5.39
N VAL C 36 -9.76 -16.45 6.19
CA VAL C 36 -10.59 -17.68 6.01
C VAL C 36 -12.01 -17.32 5.58
N CYS C 37 -12.53 -18.04 4.59
CA CYS C 37 -13.96 -18.06 4.21
C CYS C 37 -14.49 -19.48 4.41
N SER C 38 -15.79 -19.60 4.72
CA SER C 38 -16.55 -20.87 4.72
C SER C 38 -17.11 -21.03 3.32
N ALA C 39 -17.31 -22.25 2.88
CA ALA C 39 -17.85 -22.56 1.54
C ALA C 39 -18.58 -23.90 1.61
N VAL C 40 -19.28 -24.23 0.54
CA VAL C 40 -20.00 -25.52 0.38
C VAL C 40 -19.35 -26.31 -0.75
N ASP C 41 -18.99 -27.56 -0.46
CA ASP C 41 -18.46 -28.52 -1.45
C ASP C 41 -19.66 -28.94 -2.29
N GLY C 42 -19.70 -28.51 -3.55
CA GLY C 42 -20.82 -28.75 -4.49
C GLY C 42 -21.21 -30.22 -4.57
N ARG C 43 -20.26 -31.16 -4.42
CA ARG C 43 -20.54 -32.61 -4.60
C ARG C 43 -21.16 -33.22 -3.35
N THR C 44 -20.42 -33.19 -2.21
CA THR C 44 -20.79 -33.70 -0.87
C THR C 44 -21.96 -32.90 -0.29
N GLY C 45 -22.09 -31.60 -0.56
CA GLY C 45 -22.94 -30.68 0.23
C GLY C 45 -22.25 -30.23 1.53
N ALA C 46 -20.98 -30.63 1.73
CA ALA C 46 -20.20 -30.45 2.99
C ALA C 46 -19.73 -29.00 3.16
N LYS C 47 -19.87 -28.44 4.36
CA LYS C 47 -19.29 -27.13 4.74
C LYS C 47 -17.76 -27.30 4.87
N VAL C 48 -17.04 -26.25 4.51
CA VAL C 48 -15.58 -26.31 4.23
C VAL C 48 -15.00 -24.92 4.56
N ALA C 49 -13.76 -24.87 5.02
CA ALA C 49 -13.08 -23.59 5.31
C ALA C 49 -11.90 -23.46 4.35
N ILE C 50 -11.82 -22.33 3.65
CA ILE C 50 -10.73 -22.04 2.68
C ILE C 50 -9.93 -20.86 3.21
N LYS C 51 -8.63 -21.03 3.36
CA LYS C 51 -7.66 -20.00 3.76
C LYS C 51 -6.90 -19.55 2.50
N LYS C 52 -7.09 -18.30 2.10
CA LYS C 52 -6.23 -17.59 1.13
C LYS C 52 -5.01 -17.08 1.91
N LEU C 53 -3.81 -17.64 1.67
CA LEU C 53 -2.53 -17.23 2.30
C LEU C 53 -2.27 -15.74 2.00
N TYR C 54 -1.79 -14.96 2.97
CA TYR C 54 -1.49 -13.52 2.75
C TYR C 54 -0.12 -13.43 2.10
N ARG C 55 -0.11 -13.10 0.80
CA ARG C 55 1.11 -12.81 -0.02
C ARG C 55 2.26 -13.73 0.41
N PRO C 56 2.10 -15.06 0.27
CA PRO C 56 3.11 -15.98 0.79
C PRO C 56 4.50 -15.84 0.15
N PHE C 57 4.59 -15.25 -1.04
CA PHE C 57 5.89 -15.08 -1.75
C PHE C 57 6.39 -13.64 -1.64
N GLN C 58 6.02 -12.93 -0.58
CA GLN C 58 6.55 -11.58 -0.23
C GLN C 58 8.05 -11.66 0.09
N SER C 59 8.59 -12.81 0.47
CA SER C 59 10.00 -12.93 0.92
C SER C 59 10.37 -14.40 1.03
N GLU C 60 11.67 -14.66 1.14
CA GLU C 60 12.21 -16.05 1.19
C GLU C 60 11.59 -16.75 2.41
N LEU C 61 11.69 -16.12 3.58
CA LEU C 61 11.29 -16.73 4.87
C LEU C 61 9.76 -16.78 5.02
N PHE C 62 9.02 -15.87 4.38
CA PHE C 62 7.54 -15.89 4.43
C PHE C 62 7.03 -17.09 3.62
N ALA C 63 7.68 -17.31 2.48
CA ALA C 63 7.42 -18.47 1.58
C ALA C 63 7.75 -19.74 2.36
N LYS C 64 8.88 -19.75 3.05
CA LYS C 64 9.31 -20.92 3.84
C LYS C 64 8.20 -21.30 4.85
N ARG C 65 7.60 -20.33 5.55
CA ARG C 65 6.73 -20.62 6.72
C ARG C 65 5.38 -21.15 6.22
N ALA C 66 4.95 -20.71 5.03
CA ALA C 66 3.73 -21.16 4.32
C ALA C 66 3.92 -22.60 3.85
N TYR C 67 5.10 -22.92 3.29
CA TYR C 67 5.43 -24.31 2.88
C TYR C 67 5.35 -25.21 4.13
N ARG C 68 5.90 -24.75 5.25
CA ARG C 68 5.90 -25.49 6.53
C ARG C 68 4.47 -25.74 7.00
N GLU C 69 3.65 -24.68 7.08
CA GLU C 69 2.26 -24.81 7.57
C GLU C 69 1.58 -25.89 6.72
N LEU C 70 1.67 -25.76 5.38
CA LEU C 70 1.10 -26.73 4.40
C LEU C 70 1.58 -28.14 4.76
N ARG C 71 2.87 -28.36 4.97
CA ARG C 71 3.35 -29.75 5.11
C ARG C 71 2.93 -30.33 6.46
N LEU C 72 2.95 -29.52 7.52
CA LEU C 72 2.44 -29.94 8.86
C LEU C 72 0.98 -30.45 8.75
N LEU C 73 0.07 -29.67 8.16
CA LEU C 73 -1.37 -30.03 8.00
C LEU C 73 -1.48 -31.34 7.22
N LYS C 74 -0.74 -31.42 6.13
CA LYS C 74 -0.75 -32.59 5.21
C LYS C 74 -0.31 -33.83 6.00
N HIS C 75 0.72 -33.67 6.83
CA HIS C 75 1.38 -34.79 7.57
C HIS C 75 0.49 -35.32 8.68
N MET C 76 -0.52 -34.58 9.11
CA MET C 76 -1.27 -34.92 10.33
C MET C 76 -2.65 -35.45 9.97
N ARG C 77 -2.94 -36.67 10.47
CA ARG C 77 -4.23 -37.38 10.35
C ARG C 77 -4.65 -37.82 11.76
N HIS C 78 -5.52 -37.06 12.42
CA HIS C 78 -6.14 -37.41 13.72
C HIS C 78 -7.47 -36.68 13.89
N GLU C 79 -8.46 -37.37 14.44
CA GLU C 79 -9.88 -36.90 14.49
C GLU C 79 -10.00 -35.56 15.24
N ASN C 80 -9.00 -35.22 16.04
CA ASN C 80 -9.08 -34.04 16.94
C ASN C 80 -8.10 -32.97 16.46
N VAL C 81 -7.58 -33.11 15.24
CA VAL C 81 -6.61 -32.17 14.61
C VAL C 81 -7.06 -31.85 13.18
N ILE C 82 -7.20 -30.56 12.84
CA ILE C 82 -7.84 -30.16 11.55
C ILE C 82 -7.01 -30.71 10.38
N GLY C 83 -7.68 -31.48 9.53
CA GLY C 83 -7.07 -32.13 8.36
C GLY C 83 -7.09 -31.20 7.18
N LEU C 84 -6.43 -31.59 6.10
CA LEU C 84 -6.24 -30.74 4.91
C LEU C 84 -6.92 -31.46 3.74
N LEU C 85 -8.19 -31.14 3.45
CA LEU C 85 -9.02 -31.82 2.41
C LEU C 85 -8.48 -31.53 1.01
N ASP C 86 -7.80 -30.39 0.83
CA ASP C 86 -7.37 -29.94 -0.51
C ASP C 86 -6.53 -28.68 -0.38
N VAL C 87 -5.68 -28.44 -1.37
CA VAL C 87 -5.00 -27.14 -1.58
C VAL C 87 -4.89 -26.94 -3.10
N PHE C 88 -4.91 -25.69 -3.57
CA PHE C 88 -5.17 -25.36 -4.99
C PHE C 88 -4.66 -23.96 -5.34
N THR C 89 -4.36 -23.70 -6.62
CA THR C 89 -4.05 -22.34 -7.11
C THR C 89 -4.82 -22.06 -8.41
N PRO C 90 -5.39 -20.85 -8.57
CA PRO C 90 -6.02 -20.45 -9.82
C PRO C 90 -5.01 -20.06 -10.91
N ASP C 91 -3.74 -19.91 -10.48
CA ASP C 91 -2.57 -19.54 -11.33
C ASP C 91 -2.22 -20.73 -12.21
N GLU C 92 -2.06 -20.46 -13.51
CA GLU C 92 -2.10 -21.50 -14.57
C GLU C 92 -0.69 -22.02 -14.84
N THR C 93 0.32 -21.18 -14.58
CA THR C 93 1.77 -21.39 -14.85
C THR C 93 2.55 -20.95 -13.62
N LEU C 94 3.65 -21.63 -13.29
CA LEU C 94 4.61 -21.22 -12.23
C LEU C 94 5.13 -19.79 -12.45
N ASP C 95 5.03 -19.22 -13.65
CA ASP C 95 5.63 -17.88 -13.87
C ASP C 95 4.75 -16.81 -13.22
N ASP C 96 3.45 -17.07 -13.05
CA ASP C 96 2.53 -16.10 -12.39
C ASP C 96 1.86 -16.76 -11.17
N PHE C 97 2.61 -17.62 -10.46
CA PHE C 97 2.16 -18.29 -9.24
C PHE C 97 2.39 -17.32 -8.10
N THR C 98 1.33 -16.96 -7.37
CA THR C 98 1.41 -15.89 -6.33
C THR C 98 0.37 -16.07 -5.22
N ASP C 99 -0.77 -16.71 -5.49
CA ASP C 99 -1.77 -16.95 -4.43
C ASP C 99 -2.15 -18.43 -4.46
N PHE C 100 -2.16 -19.08 -3.29
CA PHE C 100 -2.72 -20.44 -3.13
C PHE C 100 -3.61 -20.49 -1.87
N TYR C 101 -4.38 -21.59 -1.73
CA TYR C 101 -5.55 -21.74 -0.81
C TYR C 101 -5.52 -23.11 -0.12
N LEU C 102 -5.80 -23.18 1.18
CA LEU C 102 -5.95 -24.45 1.92
C LEU C 102 -7.44 -24.71 2.16
N VAL C 103 -7.85 -25.98 2.11
CA VAL C 103 -9.27 -26.37 2.33
C VAL C 103 -9.32 -27.36 3.49
N MET C 104 -9.98 -26.94 4.57
CA MET C 104 -10.20 -27.77 5.78
C MET C 104 -11.69 -27.89 6.02
N PRO C 105 -12.13 -28.90 6.81
CA PRO C 105 -13.50 -29.02 7.27
C PRO C 105 -13.92 -27.78 8.06
N PHE C 106 -15.19 -27.42 7.95
CA PHE C 106 -15.79 -26.35 8.78
C PHE C 106 -16.74 -27.03 9.77
N MET C 107 -16.32 -27.11 11.03
CA MET C 107 -17.08 -27.79 12.10
C MET C 107 -18.40 -27.08 12.36
N GLY C 108 -18.39 -25.75 12.55
CA GLY C 108 -19.61 -25.00 12.90
C GLY C 108 -19.32 -23.70 13.63
N THR C 109 -18.70 -23.79 14.80
CA THR C 109 -18.15 -22.65 15.57
C THR C 109 -16.78 -23.04 16.11
N ASP C 110 -16.21 -22.14 16.90
CA ASP C 110 -15.13 -22.44 17.87
C ASP C 110 -15.73 -22.35 19.28
N LEU C 111 -15.09 -23.08 20.21
CA LEU C 111 -15.10 -22.82 21.67
C LEU C 111 -14.81 -21.33 21.82
N GLY C 112 -15.49 -20.63 22.69
CA GLY C 112 -15.16 -19.19 22.81
C GLY C 112 -15.93 -18.34 21.84
N LYS C 113 -16.61 -18.93 20.86
CA LYS C 113 -17.88 -18.35 20.37
C LYS C 113 -18.97 -18.97 21.25
N LEU C 114 -18.87 -20.28 21.51
CA LEU C 114 -19.67 -20.97 22.54
C LEU C 114 -19.64 -20.17 23.86
N MET C 115 -18.46 -19.88 24.40
CA MET C 115 -18.34 -19.33 25.76
C MET C 115 -18.93 -17.92 25.77
N LYS C 116 -18.76 -17.16 24.70
CA LYS C 116 -19.21 -15.75 24.58
C LYS C 116 -20.74 -15.69 24.54
N HIS C 117 -21.36 -16.56 23.73
CA HIS C 117 -22.84 -16.78 23.63
C HIS C 117 -23.30 -17.65 24.81
N GLU C 118 -22.56 -17.64 25.93
CA GLU C 118 -22.80 -18.41 27.18
C GLU C 118 -23.57 -19.71 26.90
N LYS C 119 -23.19 -20.47 25.85
CA LYS C 119 -23.88 -21.71 25.40
C LYS C 119 -23.06 -22.94 25.81
N LEU C 120 -21.98 -22.77 26.58
CA LEU C 120 -21.14 -23.92 27.01
C LEU C 120 -21.63 -24.44 28.37
N GLY C 121 -22.02 -25.72 28.41
CA GLY C 121 -22.59 -26.40 29.59
C GLY C 121 -21.54 -27.15 30.40
N GLU C 122 -21.79 -27.28 31.72
CA GLU C 122 -21.07 -28.14 32.71
C GLU C 122 -20.84 -29.56 32.14
N ASP C 123 -21.89 -30.18 31.59
CA ASP C 123 -21.92 -31.55 31.03
C ASP C 123 -20.82 -31.74 29.98
N ARG C 124 -20.46 -30.68 29.24
CA ARG C 124 -19.63 -30.75 28.01
C ARG C 124 -18.13 -30.57 28.31
N ILE C 125 -17.79 -29.86 29.38
CA ILE C 125 -16.39 -29.40 29.62
C ILE C 125 -15.45 -30.61 29.54
N GLN C 126 -15.71 -31.68 30.30
CA GLN C 126 -14.80 -32.88 30.38
C GLN C 126 -14.50 -33.40 28.97
N PHE C 127 -15.51 -33.48 28.10
CA PHE C 127 -15.44 -34.15 26.78
C PHE C 127 -14.61 -33.29 25.81
N LEU C 128 -14.80 -31.98 25.85
CA LEU C 128 -14.01 -31.01 25.06
C LEU C 128 -12.53 -31.05 25.49
N VAL C 129 -12.26 -31.03 26.79
CA VAL C 129 -10.85 -31.06 27.27
C VAL C 129 -10.23 -32.40 26.85
N TYR C 130 -11.01 -33.49 26.90
CA TYR C 130 -10.59 -34.85 26.47
C TYR C 130 -10.02 -34.79 25.05
N GLN C 131 -10.78 -34.18 24.17
CA GLN C 131 -10.51 -34.13 22.71
C GLN C 131 -9.30 -33.22 22.45
N MET C 132 -9.25 -32.04 23.06
CA MET C 132 -8.06 -31.16 23.00
C MET C 132 -6.83 -31.99 23.34
N LEU C 133 -6.94 -32.78 24.41
CA LEU C 133 -5.77 -33.49 24.95
C LEU C 133 -5.44 -34.69 24.08
N LYS C 134 -6.44 -35.41 23.55
CA LYS C 134 -6.18 -36.46 22.52
C LYS C 134 -5.46 -35.80 21.34
N GLY C 135 -5.96 -34.67 20.86
CA GLY C 135 -5.36 -33.84 19.79
C GLY C 135 -3.91 -33.50 20.07
N LEU C 136 -3.60 -32.84 21.19
CA LEU C 136 -2.20 -32.53 21.58
C LEU C 136 -1.37 -33.81 21.66
N ARG C 137 -1.91 -34.92 22.14
CA ARG C 137 -1.13 -36.13 22.44
C ARG C 137 -0.50 -36.60 21.14
N TYR C 138 -1.23 -36.38 20.05
CA TYR C 138 -0.86 -36.77 18.67
C TYR C 138 0.06 -35.72 18.05
N ILE C 139 -0.30 -34.46 18.17
CA ILE C 139 0.54 -33.35 17.67
C ILE C 139 1.93 -33.52 18.30
N HIS C 140 1.96 -33.68 19.63
CA HIS C 140 3.21 -33.75 20.46
C HIS C 140 3.98 -35.02 20.15
N ALA C 141 3.31 -36.14 19.92
CA ALA C 141 3.91 -37.44 19.53
C ALA C 141 4.65 -37.33 18.18
N ALA C 142 4.03 -36.71 17.19
CA ALA C 142 4.63 -36.38 15.87
C ALA C 142 5.78 -35.38 16.07
N GLY C 143 5.85 -34.78 17.26
CA GLY C 143 6.99 -33.98 17.70
C GLY C 143 6.86 -32.55 17.25
N ILE C 144 5.62 -32.06 17.25
CA ILE C 144 5.28 -30.65 16.93
C ILE C 144 4.86 -29.95 18.21
N ILE C 145 5.06 -28.63 18.26
CA ILE C 145 4.39 -27.72 19.23
C ILE C 145 3.46 -26.81 18.42
N HIS C 146 2.15 -26.93 18.56
CA HIS C 146 1.22 -25.81 18.25
C HIS C 146 1.80 -24.69 19.06
N ARG C 147 1.71 -23.42 18.78
CA ARG C 147 2.21 -22.55 19.88
C ARG C 147 1.16 -21.52 20.31
N ASP C 148 -0.08 -21.68 19.84
CA ASP C 148 -1.07 -20.60 19.95
C ASP C 148 -2.46 -21.22 20.19
N LEU C 149 -2.54 -22.29 20.98
CA LEU C 149 -3.83 -22.83 21.49
C LEU C 149 -4.58 -21.69 22.17
N LYS C 150 -5.84 -21.53 21.83
CA LYS C 150 -6.77 -20.54 22.44
C LYS C 150 -8.16 -21.00 22.02
N PRO C 151 -9.22 -20.50 22.71
CA PRO C 151 -10.58 -20.94 22.39
C PRO C 151 -10.88 -20.87 20.88
N GLY C 152 -10.43 -19.80 20.23
CA GLY C 152 -10.69 -19.54 18.79
C GLY C 152 -10.13 -20.62 17.89
N ASN C 153 -9.08 -21.32 18.31
CA ASN C 153 -8.42 -22.37 17.49
C ASN C 153 -8.97 -23.75 17.88
N LEU C 154 -10.12 -23.78 18.54
CA LEU C 154 -10.77 -25.05 18.91
C LEU C 154 -12.11 -25.08 18.20
N ALA C 155 -12.16 -25.74 17.06
CA ALA C 155 -13.40 -25.84 16.26
C ALA C 155 -14.30 -26.86 16.95
N VAL C 156 -15.61 -26.62 16.93
CA VAL C 156 -16.64 -27.50 17.57
C VAL C 156 -17.86 -27.59 16.64
N ASN C 157 -18.38 -28.79 16.41
CA ASN C 157 -19.59 -29.04 15.57
C ASN C 157 -20.79 -29.24 16.51
N GLU C 158 -21.94 -29.61 15.95
CA GLU C 158 -23.22 -29.73 16.71
C GLU C 158 -23.20 -30.93 17.68
N ASP C 159 -22.27 -31.87 17.60
CA ASP C 159 -22.21 -33.02 18.54
C ASP C 159 -21.07 -32.82 19.57
N CYS C 160 -20.70 -31.58 19.87
CA CYS C 160 -19.55 -31.20 20.74
C CYS C 160 -18.28 -32.03 20.45
N GLU C 161 -17.98 -32.26 19.16
CA GLU C 161 -16.73 -32.86 18.66
C GLU C 161 -15.77 -31.75 18.24
N LEU C 162 -14.48 -31.92 18.51
CA LEU C 162 -13.49 -30.81 18.54
C LEU C 162 -12.29 -31.12 17.65
N LYS C 163 -11.77 -30.06 17.01
CA LYS C 163 -10.49 -30.05 16.27
C LYS C 163 -9.66 -28.83 16.66
N ILE C 164 -8.36 -29.06 16.83
CA ILE C 164 -7.31 -28.03 16.96
C ILE C 164 -7.11 -27.41 15.57
N LEU C 165 -6.89 -26.09 15.50
CA LEU C 165 -7.12 -25.34 14.24
C LEU C 165 -5.84 -24.73 13.64
N ASP C 166 -5.09 -23.87 14.30
CA ASP C 166 -4.25 -22.96 13.46
C ASP C 166 -2.74 -23.29 13.57
N PHE C 167 -2.16 -23.87 12.51
CA PHE C 167 -0.77 -24.45 12.52
C PHE C 167 0.28 -23.45 12.01
N GLY C 168 -0.11 -22.19 11.82
CA GLY C 168 0.71 -21.17 11.13
C GLY C 168 1.96 -20.77 11.92
N LEU C 169 1.98 -21.14 13.19
CA LEU C 169 3.02 -20.77 14.16
C LEU C 169 3.59 -22.05 14.79
N ALA C 170 2.94 -23.19 14.55
CA ALA C 170 3.46 -24.52 14.91
C ALA C 170 4.89 -24.68 14.34
N ARG C 171 5.79 -25.25 15.15
CA ARG C 171 7.19 -25.62 14.84
C ARG C 171 7.42 -27.08 15.27
N GLN C 172 8.49 -27.70 14.76
CA GLN C 172 9.00 -29.00 15.24
C GLN C 172 9.69 -28.73 16.60
N ALA C 173 9.56 -29.66 17.56
CA ALA C 173 9.71 -29.43 19.03
C ALA C 173 11.16 -29.16 19.43
N ASP C 174 12.11 -29.47 18.54
CA ASP C 174 13.58 -29.36 18.77
C ASP C 174 14.16 -28.25 17.89
N SER C 175 13.41 -27.69 16.94
CA SER C 175 13.84 -26.50 16.17
C SER C 175 13.79 -25.26 17.08
N GLU C 176 14.40 -24.17 16.63
CA GLU C 176 14.30 -22.83 17.28
C GLU C 176 12.85 -22.34 17.19
N MET C 177 12.34 -21.79 18.27
CA MET C 177 10.94 -21.32 18.38
C MET C 177 10.89 -19.88 17.87
N THR C 178 10.88 -19.72 16.55
CA THR C 178 10.89 -18.43 15.84
C THR C 178 9.46 -17.94 15.67
N GLY C 179 9.27 -16.73 15.14
CA GLY C 179 7.95 -16.09 15.06
C GLY C 179 7.54 -15.58 16.44
N TYR C 180 6.43 -14.85 16.52
CA TYR C 180 5.94 -14.17 17.74
C TYR C 180 4.47 -14.54 18.03
N VAL C 181 4.21 -15.22 19.14
CA VAL C 181 2.83 -15.51 19.60
C VAL C 181 2.24 -14.18 20.10
N VAL C 182 1.15 -13.74 19.43
CA VAL C 182 0.45 -12.44 19.63
C VAL C 182 -0.55 -12.55 20.79
N THR C 183 -1.49 -13.51 20.67
CA THR C 183 -2.50 -13.94 21.68
C THR C 183 -1.92 -13.95 23.11
N ARG C 184 -2.48 -13.18 24.05
CA ARG C 184 -1.76 -12.88 25.32
C ARG C 184 -2.05 -13.90 26.43
N TRP C 185 -3.31 -14.25 26.65
CA TRP C 185 -3.79 -14.87 27.91
C TRP C 185 -3.28 -16.31 28.12
N TYR C 186 -3.19 -17.13 27.07
CA TYR C 186 -3.09 -18.60 27.19
C TYR C 186 -1.65 -19.07 27.02
N ARG C 187 -0.65 -18.20 27.11
CA ARG C 187 0.72 -18.61 26.70
C ARG C 187 1.59 -18.79 27.95
N ALA C 188 2.36 -19.88 27.93
CA ALA C 188 3.23 -20.39 29.02
C ALA C 188 4.29 -19.36 29.38
N PRO C 189 4.81 -19.37 30.63
CA PRO C 189 5.88 -18.46 31.02
C PRO C 189 7.01 -18.43 29.99
N GLU C 190 7.40 -19.58 29.45
CA GLU C 190 8.62 -19.66 28.62
C GLU C 190 8.35 -18.94 27.29
N VAL C 191 7.12 -18.99 26.79
CA VAL C 191 6.68 -18.13 25.63
C VAL C 191 6.69 -16.65 26.02
N ILE C 192 6.09 -16.28 27.15
CA ILE C 192 6.10 -14.86 27.62
C ILE C 192 7.56 -14.38 27.77
N LEU C 193 8.48 -15.24 28.20
CA LEU C 193 9.90 -14.87 28.42
C LEU C 193 10.68 -14.90 27.09
N ASN C 194 10.08 -15.42 26.01
CA ASN C 194 10.59 -15.30 24.60
C ASN C 194 11.77 -16.26 24.37
N TRP C 195 11.73 -17.45 24.99
CA TRP C 195 12.80 -18.47 24.93
C TRP C 195 12.84 -19.07 23.53
N MET C 196 14.06 -19.24 23.02
CA MET C 196 14.32 -19.72 21.65
C MET C 196 14.13 -21.24 21.61
N ARG C 197 14.25 -21.90 22.76
CA ARG C 197 13.99 -23.36 22.91
C ARG C 197 13.01 -23.61 24.06
N TYR C 198 12.01 -24.44 23.79
CA TYR C 198 11.06 -24.96 24.79
C TYR C 198 10.39 -26.20 24.21
N THR C 199 9.41 -26.70 24.95
CA THR C 199 8.97 -28.11 24.92
C THR C 199 7.46 -28.15 24.81
N GLN C 200 6.91 -29.32 24.56
CA GLN C 200 5.48 -29.46 24.22
C GLN C 200 4.60 -29.01 25.39
N THR C 201 5.15 -28.86 26.60
CA THR C 201 4.37 -28.52 27.81
C THR C 201 3.86 -27.08 27.77
N VAL C 202 4.34 -26.26 26.84
CA VAL C 202 3.78 -24.89 26.63
C VAL C 202 2.30 -25.07 26.25
N ASP C 203 2.01 -26.06 25.40
CA ASP C 203 0.63 -26.35 24.92
C ASP C 203 -0.25 -26.71 26.13
N ILE C 204 0.29 -27.47 27.07
CA ILE C 204 -0.47 -27.94 28.25
C ILE C 204 -0.89 -26.74 29.09
N TRP C 205 0.04 -25.82 29.36
CA TRP C 205 -0.24 -24.56 30.07
C TRP C 205 -1.46 -23.86 29.44
N SER C 206 -1.56 -23.85 28.12
CA SER C 206 -2.65 -23.13 27.42
C SER C 206 -3.97 -23.85 27.71
N VAL C 207 -3.98 -25.19 27.62
CA VAL C 207 -5.17 -26.03 27.89
C VAL C 207 -5.67 -25.72 29.29
N GLY C 208 -4.75 -25.66 30.26
CA GLY C 208 -5.07 -25.30 31.65
C GLY C 208 -5.77 -23.96 31.73
N CYS C 209 -5.29 -22.96 31.01
CA CYS C 209 -5.90 -21.61 30.97
C CYS C 209 -7.29 -21.69 30.35
N ILE C 210 -7.46 -22.58 29.38
CA ILE C 210 -8.71 -22.66 28.59
C ILE C 210 -9.75 -23.34 29.46
N MET C 211 -9.40 -24.49 30.05
CA MET C 211 -10.26 -25.25 30.98
C MET C 211 -10.75 -24.32 32.10
N ALA C 212 -9.85 -23.58 32.72
CA ALA C 212 -10.18 -22.58 33.77
C ALA C 212 -11.27 -21.63 33.26
N GLU C 213 -11.12 -21.11 32.06
CA GLU C 213 -12.07 -20.12 31.51
C GLU C 213 -13.37 -20.82 31.13
N MET C 214 -13.31 -22.07 30.67
CA MET C 214 -14.55 -22.86 30.35
C MET C 214 -15.38 -23.00 31.64
N ILE C 215 -14.72 -23.31 32.76
CA ILE C 215 -15.36 -23.55 34.08
C ILE C 215 -15.85 -22.23 34.72
N THR C 216 -15.18 -21.09 34.51
CA THR C 216 -15.47 -19.84 35.25
C THR C 216 -15.99 -18.73 34.33
N GLY C 217 -16.21 -18.99 33.04
CA GLY C 217 -16.51 -17.97 32.01
C GLY C 217 -15.64 -16.73 32.15
N LYS C 218 -14.40 -16.86 32.60
CA LYS C 218 -13.58 -15.71 33.06
C LYS C 218 -12.10 -16.04 32.79
N THR C 219 -11.45 -15.21 31.97
CA THR C 219 -10.03 -15.34 31.51
C THR C 219 -9.17 -15.38 32.78
N LEU C 220 -8.27 -16.36 32.88
CA LEU C 220 -7.55 -16.68 34.13
C LEU C 220 -6.48 -15.62 34.36
N PHE C 221 -5.56 -15.47 33.43
CA PHE C 221 -4.45 -14.50 33.49
C PHE C 221 -4.71 -13.40 32.46
N LYS C 222 -4.96 -12.17 32.93
CA LYS C 222 -4.96 -10.95 32.09
C LYS C 222 -3.59 -10.28 32.22
N GLY C 223 -3.40 -9.09 31.67
CA GLY C 223 -2.05 -8.48 31.62
C GLY C 223 -1.92 -7.60 30.42
N SER C 224 -1.41 -6.37 30.60
CA SER C 224 -1.17 -5.42 29.49
C SER C 224 -0.08 -6.03 28.60
N ASP C 225 1.06 -6.30 29.21
CA ASP C 225 2.33 -6.63 28.50
C ASP C 225 2.90 -7.94 29.03
N HIS C 226 4.05 -8.37 28.52
CA HIS C 226 4.69 -9.65 28.89
C HIS C 226 4.95 -9.70 30.40
N LEU C 227 5.53 -8.65 30.97
CA LEU C 227 5.98 -8.66 32.38
C LEU C 227 4.76 -8.78 33.29
N ASP C 228 3.71 -8.05 32.96
CA ASP C 228 2.48 -7.93 33.78
C ASP C 228 1.81 -9.29 33.85
N GLN C 229 1.66 -9.90 32.68
CA GLN C 229 1.16 -11.29 32.47
C GLN C 229 1.89 -12.24 33.43
N LEU C 230 3.20 -12.08 33.69
CA LEU C 230 3.97 -12.93 34.65
C LEU C 230 3.55 -12.56 36.07
N LYS C 231 3.59 -11.27 36.40
CA LYS C 231 3.05 -10.74 37.70
C LYS C 231 1.69 -11.41 37.97
N GLU C 232 0.80 -11.47 36.98
CA GLU C 232 -0.52 -12.10 37.13
C GLU C 232 -0.39 -13.59 37.40
N ILE C 233 0.52 -14.27 36.73
CA ILE C 233 0.76 -15.72 36.92
C ILE C 233 1.33 -15.89 38.33
N MET C 234 2.35 -15.11 38.71
CA MET C 234 3.01 -15.23 40.04
C MET C 234 1.92 -15.12 41.13
N LYS C 235 0.98 -14.15 40.99
CA LYS C 235 -0.12 -13.86 41.96
C LYS C 235 -0.85 -15.12 42.41
N VAL C 236 -1.08 -16.03 41.46
CA VAL C 236 -1.85 -17.30 41.60
C VAL C 236 -0.94 -18.47 42.02
N THR C 237 0.40 -18.32 42.03
CA THR C 237 1.39 -19.44 42.03
C THR C 237 2.77 -19.07 42.66
N GLY C 238 2.83 -18.17 43.64
CA GLY C 238 4.02 -17.84 44.49
C GLY C 238 5.32 -17.52 43.75
N THR C 239 6.23 -16.73 44.35
CA THR C 239 7.57 -16.38 43.78
C THR C 239 8.38 -17.66 43.61
N PRO C 240 9.23 -17.79 42.55
CA PRO C 240 10.18 -18.89 42.40
C PRO C 240 11.67 -18.55 42.56
N PRO C 241 12.56 -19.58 42.67
CA PRO C 241 13.96 -19.38 43.07
C PRO C 241 15.01 -19.11 41.96
N ALA C 242 15.08 -20.01 40.96
CA ALA C 242 16.01 -19.95 39.81
C ALA C 242 15.55 -18.86 38.82
N GLU C 243 14.27 -18.87 38.43
CA GLU C 243 13.65 -18.02 37.36
C GLU C 243 14.12 -16.55 37.48
N PHE C 244 14.18 -15.96 38.68
CA PHE C 244 14.53 -14.52 38.84
C PHE C 244 16.05 -14.34 38.65
N VAL C 245 16.93 -15.20 39.21
CA VAL C 245 18.39 -14.91 39.49
C VAL C 245 19.24 -14.80 38.20
N GLN C 246 18.94 -15.53 37.11
CA GLN C 246 19.64 -15.36 35.79
C GLN C 246 18.82 -15.90 34.62
N ARG C 247 17.50 -15.99 34.76
CA ARG C 247 16.59 -16.55 33.71
C ARG C 247 15.48 -15.52 33.41
N LEU C 248 15.71 -14.25 33.77
CA LEU C 248 14.87 -13.10 33.32
C LEU C 248 15.71 -12.19 32.42
N GLN C 249 17.05 -12.25 32.55
CA GLN C 249 18.02 -11.77 31.53
C GLN C 249 17.91 -10.24 31.37
N SER C 250 17.62 -9.49 32.44
CA SER C 250 16.96 -8.16 32.33
C SER C 250 16.96 -7.48 33.70
N ASP C 251 18.06 -6.80 34.06
CA ASP C 251 18.22 -6.18 35.41
C ASP C 251 16.93 -5.42 35.71
N GLU C 252 16.58 -4.45 34.88
CA GLU C 252 15.29 -3.70 34.88
C GLU C 252 14.12 -4.61 35.32
N ALA C 253 13.84 -5.70 34.61
CA ALA C 253 12.68 -6.58 34.88
C ALA C 253 12.87 -7.31 36.22
N LYS C 254 14.10 -7.74 36.53
CA LYS C 254 14.49 -8.45 37.79
C LYS C 254 14.21 -7.57 39.01
N ASN C 255 14.81 -6.39 39.06
CA ASN C 255 14.57 -5.39 40.13
C ASN C 255 13.05 -5.26 40.38
N TYR C 256 12.25 -5.27 39.30
CA TYR C 256 10.78 -5.07 39.34
C TYR C 256 10.07 -6.23 40.08
N MET C 257 10.45 -7.49 39.81
CA MET C 257 9.81 -8.67 40.47
C MET C 257 10.08 -8.55 41.97
N LYS C 258 11.35 -8.33 42.34
CA LYS C 258 11.82 -8.47 43.74
C LYS C 258 11.19 -7.39 44.63
N GLY C 259 10.96 -6.19 44.11
CA GLY C 259 10.32 -5.08 44.86
C GLY C 259 8.81 -5.00 44.64
N LEU C 260 8.06 -6.01 45.09
CA LEU C 260 6.61 -6.17 44.77
C LEU C 260 5.84 -6.64 46.01
N PRO C 261 4.72 -5.96 46.39
CA PRO C 261 3.92 -6.36 47.56
C PRO C 261 3.54 -7.85 47.55
N GLU C 262 4.18 -8.64 48.43
CA GLU C 262 4.14 -10.13 48.52
C GLU C 262 2.71 -10.70 48.40
N LEU C 263 2.54 -11.84 47.71
CA LEU C 263 1.43 -12.84 47.86
C LEU C 263 2.06 -14.24 47.99
N GLU C 264 2.05 -14.84 49.19
CA GLU C 264 2.64 -16.19 49.50
C GLU C 264 2.25 -17.19 48.40
N LYS C 265 0.96 -17.26 48.08
CA LYS C 265 0.35 -18.01 46.95
C LYS C 265 -1.10 -17.50 46.79
N LYS C 266 -1.98 -18.37 46.30
CA LYS C 266 -3.46 -18.28 46.48
C LYS C 266 -4.08 -19.60 46.01
N ASP C 267 -5.33 -19.82 46.44
CA ASP C 267 -6.00 -21.15 46.44
C ASP C 267 -6.86 -21.30 45.18
N PHE C 268 -6.44 -22.17 44.26
CA PHE C 268 -7.16 -22.40 42.98
C PHE C 268 -8.67 -22.50 43.25
N ALA C 269 -9.04 -23.13 44.37
CA ALA C 269 -10.42 -23.53 44.69
C ALA C 269 -11.31 -22.30 44.90
N SER C 270 -10.75 -21.20 45.41
CA SER C 270 -11.49 -19.91 45.55
C SER C 270 -11.48 -19.10 44.24
N ILE C 271 -10.44 -19.21 43.42
CA ILE C 271 -10.40 -18.59 42.05
C ILE C 271 -11.52 -19.24 41.21
N LEU C 272 -11.55 -20.58 41.17
CA LEU C 272 -12.46 -21.38 40.33
C LEU C 272 -13.60 -21.85 41.23
N THR C 273 -14.41 -20.91 41.69
CA THR C 273 -15.32 -21.12 42.85
C THR C 273 -16.38 -22.20 42.52
N ASN C 274 -16.40 -22.80 41.32
CA ASN C 274 -17.44 -23.82 41.01
C ASN C 274 -16.81 -25.04 40.30
N ALA C 275 -15.64 -25.50 40.76
CA ALA C 275 -14.87 -26.60 40.13
C ALA C 275 -14.82 -27.83 41.06
N SER C 276 -15.09 -29.03 40.52
CA SER C 276 -14.85 -30.35 41.17
C SER C 276 -13.46 -30.30 41.81
N PRO C 277 -13.24 -30.84 43.02
CA PRO C 277 -11.88 -30.92 43.57
C PRO C 277 -10.94 -31.67 42.61
N LEU C 278 -11.53 -32.58 41.84
CA LEU C 278 -10.83 -33.40 40.84
C LEU C 278 -10.29 -32.47 39.73
N ALA C 279 -11.13 -31.61 39.17
CA ALA C 279 -10.77 -30.60 38.14
C ALA C 279 -9.59 -29.73 38.64
N VAL C 280 -9.78 -29.11 39.80
CA VAL C 280 -8.75 -28.27 40.48
C VAL C 280 -7.47 -29.08 40.67
N ASN C 281 -7.57 -30.36 41.01
CA ASN C 281 -6.36 -31.21 41.09
C ASN C 281 -5.64 -31.15 39.73
N LEU C 282 -6.32 -31.53 38.64
CA LEU C 282 -5.72 -31.58 37.27
C LEU C 282 -5.20 -30.19 36.86
N LEU C 283 -5.89 -29.11 37.24
CA LEU C 283 -5.47 -27.77 36.79
C LEU C 283 -4.12 -27.45 37.42
N GLU C 284 -3.94 -27.83 38.68
CA GLU C 284 -2.67 -27.60 39.42
C GLU C 284 -1.51 -28.38 38.78
N LYS C 285 -1.76 -29.50 38.09
CA LYS C 285 -0.67 -30.30 37.47
C LYS C 285 -0.30 -29.73 36.10
N MET C 286 -1.20 -28.94 35.51
CA MET C 286 -1.03 -28.34 34.17
C MET C 286 -0.44 -26.93 34.31
N LEU C 287 -0.62 -26.25 35.43
CA LEU C 287 -0.19 -24.83 35.59
C LEU C 287 0.98 -24.75 36.57
N VAL C 288 1.99 -25.58 36.37
CA VAL C 288 3.31 -25.54 37.09
C VAL C 288 4.24 -24.60 36.30
N LEU C 289 5.02 -23.72 36.95
CA LEU C 289 6.00 -22.86 36.23
C LEU C 289 7.06 -23.78 35.63
N ASP C 290 7.59 -24.71 36.42
CA ASP C 290 8.62 -25.67 35.95
C ASP C 290 8.08 -26.41 34.72
N ALA C 291 8.60 -26.11 33.52
CA ALA C 291 8.27 -26.79 32.25
C ALA C 291 8.26 -28.31 32.43
N GLU C 292 9.12 -28.82 33.31
CA GLU C 292 9.43 -30.27 33.45
C GLU C 292 8.47 -30.93 34.44
N GLN C 293 8.04 -30.23 35.50
CA GLN C 293 7.04 -30.74 36.47
C GLN C 293 5.65 -30.66 35.84
N ARG C 294 5.43 -29.73 34.91
CA ARG C 294 4.17 -29.63 34.11
C ARG C 294 3.92 -30.98 33.45
N VAL C 295 2.68 -31.45 33.61
CA VAL C 295 2.19 -32.76 33.11
C VAL C 295 2.20 -32.72 31.58
N THR C 296 2.45 -33.84 30.92
CA THR C 296 2.41 -33.97 29.44
C THR C 296 0.97 -34.28 29.03
N ALA C 297 0.67 -34.33 27.74
CA ALA C 297 -0.73 -34.51 27.28
C ALA C 297 -1.20 -35.91 27.69
N GLY C 298 -0.34 -36.91 27.50
CA GLY C 298 -0.66 -38.31 27.80
C GLY C 298 -0.87 -38.48 29.28
N GLU C 299 0.03 -37.90 30.07
CA GLU C 299 0.01 -37.92 31.55
C GLU C 299 -1.36 -37.36 31.97
N ALA C 300 -1.82 -36.28 31.34
CA ALA C 300 -3.02 -35.54 31.76
C ALA C 300 -4.26 -36.40 31.50
N LEU C 301 -4.30 -37.10 30.37
CA LEU C 301 -5.42 -38.02 30.03
C LEU C 301 -5.53 -39.16 31.07
N ALA C 302 -4.43 -39.58 31.70
CA ALA C 302 -4.43 -40.65 32.73
C ALA C 302 -5.10 -40.16 34.04
N HIS C 303 -5.19 -38.84 34.24
CA HIS C 303 -5.83 -38.25 35.44
C HIS C 303 -7.21 -38.84 35.71
N PRO C 304 -7.53 -39.00 37.01
CA PRO C 304 -8.88 -39.37 37.43
C PRO C 304 -10.00 -38.53 36.81
N TYR C 305 -9.73 -37.27 36.52
CA TYR C 305 -10.77 -36.33 36.01
C TYR C 305 -11.45 -36.95 34.79
N PHE C 306 -10.72 -37.84 34.07
CA PHE C 306 -11.14 -38.49 32.80
C PHE C 306 -11.48 -39.98 32.99
N GLU C 307 -11.67 -40.46 34.22
CA GLU C 307 -12.18 -41.81 34.57
C GLU C 307 -13.40 -42.13 33.68
N SER C 308 -14.51 -41.36 33.79
CA SER C 308 -15.78 -41.58 33.03
C SER C 308 -15.54 -42.16 31.63
N LEU C 309 -14.49 -41.71 30.92
CA LEU C 309 -14.32 -41.94 29.47
C LEU C 309 -13.43 -43.18 29.26
N HIS C 310 -14.03 -44.36 29.49
CA HIS C 310 -13.35 -45.69 29.60
C HIS C 310 -12.61 -46.00 28.29
N ASP C 311 -11.31 -45.65 28.19
CA ASP C 311 -10.50 -45.76 26.95
C ASP C 311 -9.01 -45.94 27.25
N THR C 312 -8.38 -47.03 26.77
CA THR C 312 -6.93 -47.10 26.37
C THR C 312 -6.84 -47.39 24.86
N GLU C 313 -7.97 -47.20 24.14
CA GLU C 313 -8.15 -47.41 22.67
C GLU C 313 -7.13 -46.59 21.86
N ASP C 314 -7.48 -45.34 21.52
CA ASP C 314 -6.79 -44.45 20.54
C ASP C 314 -5.33 -44.21 20.97
N GLU C 315 -4.40 -45.05 20.51
CA GLU C 315 -2.98 -44.66 20.32
C GLU C 315 -2.29 -45.54 19.27
N PRO C 316 -2.78 -45.55 18.00
CA PRO C 316 -1.94 -45.96 16.87
C PRO C 316 -0.51 -45.39 16.91
N GLN C 317 0.35 -45.94 16.05
CA GLN C 317 1.68 -45.36 15.71
C GLN C 317 1.45 -43.92 15.24
N VAL C 318 2.20 -42.98 15.76
CA VAL C 318 2.26 -41.62 15.17
C VAL C 318 3.58 -41.52 14.41
N GLN C 319 3.52 -41.45 13.08
CA GLN C 319 4.68 -41.11 12.23
C GLN C 319 5.25 -39.78 12.75
N LYS C 320 6.50 -39.72 13.21
CA LYS C 320 7.16 -38.44 13.61
C LYS C 320 7.19 -37.51 12.39
N TYR C 321 7.04 -36.19 12.58
CA TYR C 321 7.08 -35.22 11.46
C TYR C 321 8.54 -35.09 11.06
N ASP C 322 8.81 -34.99 9.75
CA ASP C 322 10.21 -34.94 9.26
C ASP C 322 10.62 -33.53 8.87
N ASP C 323 11.48 -32.95 9.72
CA ASP C 323 11.99 -31.56 9.69
C ASP C 323 12.67 -31.26 8.36
N SER C 324 13.27 -32.27 7.71
CA SER C 324 14.59 -32.22 7.02
C SER C 324 14.54 -31.98 5.50
N PHE C 325 13.47 -32.33 4.76
CA PHE C 325 13.30 -31.90 3.34
C PHE C 325 12.74 -30.46 3.33
N ASP C 326 12.05 -30.06 4.40
CA ASP C 326 11.26 -28.79 4.48
C ASP C 326 12.13 -27.65 5.03
N ASP C 327 13.02 -27.94 6.00
CA ASP C 327 13.77 -26.91 6.78
C ASP C 327 15.18 -26.78 6.19
N VAL C 328 15.26 -26.64 4.87
CA VAL C 328 16.52 -26.35 4.12
C VAL C 328 16.39 -24.92 3.60
N ASP C 329 17.38 -24.06 3.84
CA ASP C 329 17.38 -22.69 3.26
C ASP C 329 17.49 -22.83 1.73
N ARG C 330 16.82 -21.97 0.98
CA ARG C 330 16.79 -21.96 -0.51
C ARG C 330 16.14 -20.66 -0.96
N THR C 331 16.37 -20.22 -2.20
CA THR C 331 15.92 -18.91 -2.69
C THR C 331 14.41 -18.92 -2.80
N LEU C 332 13.82 -17.73 -2.87
CA LEU C 332 12.37 -17.52 -3.04
C LEU C 332 11.90 -18.31 -4.27
N ASP C 333 12.52 -18.09 -5.42
CA ASP C 333 12.17 -18.79 -6.68
C ASP C 333 12.09 -20.28 -6.39
N GLU C 334 13.01 -20.80 -5.56
CA GLU C 334 13.08 -22.24 -5.22
C GLU C 334 11.87 -22.60 -4.35
N TRP C 335 11.52 -21.77 -3.36
CA TRP C 335 10.32 -21.94 -2.50
C TRP C 335 9.04 -22.01 -3.35
N LYS C 336 8.81 -20.98 -4.17
CA LYS C 336 7.79 -20.98 -5.25
C LYS C 336 7.77 -22.32 -5.99
N ARG C 337 8.86 -22.69 -6.68
CA ARG C 337 8.93 -23.89 -7.57
C ARG C 337 8.50 -25.14 -6.77
N VAL C 338 9.05 -25.33 -5.56
CA VAL C 338 8.77 -26.46 -4.63
C VAL C 338 7.30 -26.47 -4.27
N THR C 339 6.81 -25.33 -3.76
CA THR C 339 5.43 -25.10 -3.29
C THR C 339 4.43 -25.37 -4.43
N TYR C 340 4.66 -24.84 -5.63
CA TYR C 340 3.81 -25.10 -6.84
C TYR C 340 3.58 -26.61 -7.00
N LYS C 341 4.67 -27.39 -6.90
CA LYS C 341 4.66 -28.86 -7.12
C LYS C 341 3.74 -29.51 -6.07
N GLU C 342 3.85 -29.12 -4.80
CA GLU C 342 3.02 -29.65 -3.68
C GLU C 342 1.54 -29.31 -3.89
N VAL C 343 1.26 -28.04 -4.14
CA VAL C 343 -0.12 -27.53 -4.43
C VAL C 343 -0.72 -28.42 -5.51
N LEU C 344 -0.04 -28.51 -6.65
CA LEU C 344 -0.59 -29.23 -7.84
C LEU C 344 -0.76 -30.73 -7.54
N SER C 345 0.06 -31.34 -6.67
CA SER C 345 0.00 -32.80 -6.36
C SER C 345 -1.14 -33.06 -5.36
N PHE C 346 -2.32 -32.56 -5.69
CA PHE C 346 -3.45 -32.32 -4.77
C PHE C 346 -4.69 -31.98 -5.60
N LYS C 347 -5.65 -32.92 -5.65
CA LYS C 347 -6.99 -32.79 -6.30
C LYS C 347 -8.06 -32.77 -5.20
N PRO C 348 -9.34 -32.45 -5.49
CA PRO C 348 -10.36 -32.25 -4.47
C PRO C 348 -11.00 -33.60 -4.04
N ASN D 2 -18.15 -37.03 -7.54
CA ASN D 2 -17.30 -36.23 -8.49
C ASN D 2 -18.14 -35.85 -9.74
N ALA D 3 -18.95 -36.80 -10.25
CA ALA D 3 -20.02 -36.57 -11.25
C ALA D 3 -21.31 -36.14 -10.54
N SER D 4 -21.24 -35.77 -9.24
CA SER D 4 -22.39 -35.48 -8.34
C SER D 4 -22.40 -33.99 -7.96
N GLY D 5 -23.57 -33.47 -7.59
CA GLY D 5 -23.77 -32.10 -7.06
C GLY D 5 -23.79 -31.05 -8.14
N PHE D 6 -23.42 -29.82 -7.78
CA PHE D 6 -23.41 -28.65 -8.69
C PHE D 6 -22.03 -28.02 -8.65
N TYR D 7 -21.69 -27.21 -9.65
CA TYR D 7 -20.45 -26.38 -9.74
C TYR D 7 -20.79 -24.99 -10.30
N ARG D 8 -19.93 -24.01 -10.02
CA ARG D 8 -20.10 -22.56 -10.34
C ARG D 8 -19.09 -22.17 -11.41
N GLN D 9 -19.54 -21.41 -12.39
CA GLN D 9 -18.78 -21.09 -13.61
C GLN D 9 -19.37 -19.79 -14.15
N GLU D 10 -18.56 -18.79 -14.38
CA GLU D 10 -19.11 -17.54 -14.95
C GLU D 10 -19.15 -17.70 -16.47
N VAL D 11 -20.27 -17.30 -17.05
CA VAL D 11 -20.52 -17.19 -18.52
C VAL D 11 -21.08 -15.80 -18.78
N THR D 12 -20.37 -14.97 -19.52
CA THR D 12 -20.86 -13.63 -19.93
C THR D 12 -21.37 -12.85 -18.71
N LYS D 13 -20.56 -12.78 -17.64
CA LYS D 13 -20.73 -11.89 -16.46
C LYS D 13 -21.84 -12.41 -15.53
N THR D 14 -22.36 -13.63 -15.77
CA THR D 14 -23.42 -14.26 -14.95
C THR D 14 -22.87 -15.55 -14.33
N ALA D 15 -23.17 -15.77 -13.04
CA ALA D 15 -22.97 -17.06 -12.37
C ALA D 15 -23.90 -18.08 -13.02
N TRP D 16 -23.36 -19.22 -13.47
CA TRP D 16 -24.15 -20.44 -13.77
C TRP D 16 -23.80 -21.50 -12.72
N GLU D 17 -24.80 -21.98 -11.99
CA GLU D 17 -24.63 -23.11 -11.04
C GLU D 17 -25.44 -24.30 -11.56
N VAL D 18 -24.76 -25.23 -12.25
CA VAL D 18 -25.40 -26.38 -12.95
C VAL D 18 -24.82 -27.68 -12.40
N ARG D 19 -25.61 -28.74 -12.53
CA ARG D 19 -25.21 -30.13 -12.18
C ARG D 19 -23.81 -30.40 -12.71
N ALA D 20 -23.00 -31.09 -11.91
CA ALA D 20 -21.60 -31.51 -12.20
C ALA D 20 -21.59 -32.28 -13.52
N VAL D 21 -22.72 -32.91 -13.79
CA VAL D 21 -22.96 -33.84 -14.92
C VAL D 21 -22.98 -33.07 -16.25
N TYR D 22 -23.32 -31.78 -16.26
CA TYR D 22 -23.36 -30.93 -17.48
C TYR D 22 -22.03 -30.18 -17.63
N ARG D 23 -21.26 -30.54 -18.65
CA ARG D 23 -19.90 -29.97 -18.90
C ARG D 23 -19.93 -29.13 -20.18
N ASP D 24 -18.96 -28.21 -20.30
CA ASP D 24 -18.58 -27.48 -21.53
C ASP D 24 -19.68 -26.44 -21.84
N LEU D 25 -20.05 -25.65 -20.82
CA LEU D 25 -21.03 -24.54 -20.98
C LEU D 25 -20.49 -23.56 -22.03
N GLN D 26 -21.24 -23.31 -23.10
CA GLN D 26 -21.00 -22.18 -24.06
C GLN D 26 -22.28 -21.35 -24.20
N PRO D 27 -22.18 -20.00 -24.27
CA PRO D 27 -23.35 -19.15 -24.43
C PRO D 27 -23.91 -19.29 -25.86
N VAL D 28 -25.23 -19.25 -26.02
CA VAL D 28 -25.91 -19.43 -27.35
C VAL D 28 -27.08 -18.46 -27.51
N GLY D 29 -27.59 -17.82 -26.48
CA GLY D 29 -28.91 -17.16 -26.62
C GLY D 29 -29.31 -16.32 -25.42
N SER D 30 -29.91 -15.17 -25.70
CA SER D 30 -30.51 -14.25 -24.71
C SER D 30 -31.94 -13.97 -25.14
N GLY D 31 -32.84 -13.90 -24.17
CA GLY D 31 -34.28 -13.64 -24.39
C GLY D 31 -34.81 -12.89 -23.19
N ALA D 32 -36.03 -12.37 -23.29
CA ALA D 32 -36.63 -11.43 -22.31
C ALA D 32 -36.62 -12.02 -20.90
N TYR D 33 -36.68 -13.35 -20.78
CA TYR D 33 -37.02 -14.02 -19.51
C TYR D 33 -35.91 -14.99 -19.12
N GLY D 34 -34.80 -15.01 -19.87
CA GLY D 34 -33.71 -15.96 -19.57
C GLY D 34 -32.54 -15.93 -20.54
N ALA D 35 -31.53 -16.71 -20.22
CA ALA D 35 -30.23 -16.80 -20.92
C ALA D 35 -29.97 -18.27 -21.16
N VAL D 36 -29.29 -18.62 -22.24
CA VAL D 36 -29.20 -20.02 -22.72
C VAL D 36 -27.74 -20.40 -22.98
N CYS D 37 -27.35 -21.57 -22.48
CA CYS D 37 -26.02 -22.18 -22.70
C CYS D 37 -26.23 -23.57 -23.30
N SER D 38 -25.39 -23.95 -24.25
CA SER D 38 -25.20 -25.35 -24.69
C SER D 38 -24.28 -26.02 -23.68
N ALA D 39 -24.42 -27.33 -23.53
CA ALA D 39 -23.59 -28.14 -22.61
C ALA D 39 -23.69 -29.59 -23.04
N VAL D 40 -22.83 -30.42 -22.46
CA VAL D 40 -22.73 -31.87 -22.80
C VAL D 40 -23.05 -32.69 -21.56
N ASP D 41 -24.13 -33.46 -21.64
CA ASP D 41 -24.47 -34.49 -20.63
C ASP D 41 -23.28 -35.43 -20.57
N GLY D 42 -22.55 -35.42 -19.45
CA GLY D 42 -21.35 -36.24 -19.22
C GLY D 42 -21.71 -37.72 -19.24
N ARG D 43 -22.93 -38.08 -18.84
CA ARG D 43 -23.41 -39.47 -18.95
C ARG D 43 -23.39 -39.92 -20.42
N THR D 44 -24.06 -39.16 -21.30
CA THR D 44 -24.60 -39.60 -22.63
C THR D 44 -23.63 -39.25 -23.75
N GLY D 45 -22.94 -38.11 -23.68
CA GLY D 45 -22.31 -37.46 -24.84
C GLY D 45 -23.27 -36.51 -25.52
N ALA D 46 -24.52 -36.46 -25.03
CA ALA D 46 -25.65 -35.73 -25.64
C ALA D 46 -25.46 -34.22 -25.44
N LYS D 47 -25.75 -33.44 -26.48
CA LYS D 47 -25.77 -31.96 -26.37
C LYS D 47 -27.15 -31.56 -25.87
N VAL D 48 -27.18 -30.41 -25.22
CA VAL D 48 -28.17 -30.05 -24.18
C VAL D 48 -28.17 -28.52 -24.12
N ALA D 49 -29.35 -27.91 -24.04
CA ALA D 49 -29.53 -26.46 -23.85
C ALA D 49 -29.94 -26.24 -22.40
N ILE D 50 -29.31 -25.31 -21.70
CA ILE D 50 -29.74 -24.98 -20.31
C ILE D 50 -30.19 -23.52 -20.33
N LYS D 51 -31.40 -23.27 -19.85
CA LYS D 51 -31.96 -21.89 -19.73
C LYS D 51 -31.95 -21.50 -18.26
N LYS D 52 -31.27 -20.41 -17.91
CA LYS D 52 -31.25 -19.85 -16.54
C LYS D 52 -32.26 -18.69 -16.51
N LEU D 53 -33.40 -18.88 -15.85
CA LEU D 53 -34.48 -17.86 -15.77
C LEU D 53 -33.85 -16.54 -15.30
N TYR D 54 -34.12 -15.44 -15.99
CA TYR D 54 -33.67 -14.10 -15.53
C TYR D 54 -34.53 -13.77 -14.32
N ARG D 55 -33.91 -13.73 -13.14
CA ARG D 55 -34.48 -13.15 -11.88
C ARG D 55 -35.97 -13.46 -11.78
N PRO D 56 -36.35 -14.76 -11.73
CA PRO D 56 -37.75 -15.16 -11.78
C PRO D 56 -38.61 -14.66 -10.62
N PHE D 57 -38.06 -14.47 -9.42
CA PHE D 57 -38.89 -14.11 -8.22
C PHE D 57 -38.80 -12.60 -7.94
N GLN D 58 -38.44 -11.81 -8.95
CA GLN D 58 -38.29 -10.35 -8.86
C GLN D 58 -39.65 -9.74 -8.50
N SER D 59 -40.76 -10.31 -8.94
CA SER D 59 -42.11 -9.79 -8.64
C SER D 59 -43.10 -10.96 -8.64
N GLU D 60 -44.29 -10.75 -8.10
CA GLU D 60 -45.36 -11.79 -8.08
C GLU D 60 -45.62 -12.28 -9.50
N LEU D 61 -45.84 -11.35 -10.44
CA LEU D 61 -46.21 -11.73 -11.82
C LEU D 61 -45.02 -12.41 -12.52
N PHE D 62 -43.79 -12.04 -12.18
CA PHE D 62 -42.61 -12.58 -12.91
C PHE D 62 -42.46 -14.05 -12.54
N ALA D 63 -42.73 -14.35 -11.26
CA ALA D 63 -42.74 -15.71 -10.64
C ALA D 63 -43.80 -16.56 -11.33
N LYS D 64 -45.03 -16.05 -11.37
CA LYS D 64 -46.16 -16.69 -12.10
C LYS D 64 -45.78 -17.02 -13.57
N ARG D 65 -45.21 -16.11 -14.36
CA ARG D 65 -44.97 -16.48 -15.79
C ARG D 65 -43.86 -17.55 -15.85
N ALA D 66 -42.91 -17.55 -14.91
CA ALA D 66 -41.80 -18.53 -14.92
C ALA D 66 -42.35 -19.93 -14.55
N TYR D 67 -43.33 -19.96 -13.64
CA TYR D 67 -44.12 -21.16 -13.29
C TYR D 67 -44.82 -21.69 -14.55
N ARG D 68 -45.70 -20.87 -15.14
CA ARG D 68 -46.44 -21.21 -16.38
C ARG D 68 -45.47 -21.77 -17.44
N GLU D 69 -44.33 -21.14 -17.65
CA GLU D 69 -43.38 -21.60 -18.71
C GLU D 69 -42.92 -23.02 -18.36
N LEU D 70 -42.55 -23.25 -17.10
CA LEU D 70 -42.14 -24.58 -16.57
C LEU D 70 -43.25 -25.61 -16.82
N ARG D 71 -44.49 -25.25 -16.52
CA ARG D 71 -45.62 -26.22 -16.51
C ARG D 71 -45.92 -26.69 -17.93
N LEU D 72 -46.07 -25.73 -18.86
CA LEU D 72 -46.20 -25.90 -20.33
C LEU D 72 -45.06 -26.79 -20.90
N LEU D 73 -43.83 -26.62 -20.44
CA LEU D 73 -42.70 -27.37 -21.04
C LEU D 73 -42.79 -28.81 -20.58
N LYS D 74 -43.12 -28.98 -19.29
CA LYS D 74 -43.38 -30.28 -18.64
C LYS D 74 -44.54 -30.97 -19.37
N HIS D 75 -45.51 -30.20 -19.84
CA HIS D 75 -46.76 -30.73 -20.45
C HIS D 75 -46.48 -31.35 -21.83
N MET D 76 -45.33 -31.12 -22.44
CA MET D 76 -45.26 -31.30 -23.90
C MET D 76 -44.21 -32.31 -24.33
N ARG D 77 -44.78 -33.48 -24.65
CA ARG D 77 -44.11 -34.73 -25.02
C ARG D 77 -44.55 -35.07 -26.46
N HIS D 78 -43.94 -34.44 -27.47
CA HIS D 78 -44.17 -34.66 -28.93
C HIS D 78 -42.91 -34.31 -29.72
N GLU D 79 -42.69 -35.02 -30.82
CA GLU D 79 -41.38 -35.19 -31.50
C GLU D 79 -40.91 -33.89 -32.18
N ASN D 80 -41.79 -32.94 -32.49
CA ASN D 80 -41.42 -31.61 -33.06
C ASN D 80 -41.75 -30.48 -32.07
N VAL D 81 -41.75 -30.78 -30.79
CA VAL D 81 -41.92 -29.74 -29.72
C VAL D 81 -40.88 -29.99 -28.64
N ILE D 82 -40.14 -28.96 -28.30
CA ILE D 82 -39.03 -29.10 -27.34
C ILE D 82 -39.55 -29.66 -26.01
N GLY D 83 -38.88 -30.69 -25.53
CA GLY D 83 -39.24 -31.36 -24.26
C GLY D 83 -38.36 -30.90 -23.13
N LEU D 84 -38.72 -31.26 -21.89
CA LEU D 84 -37.93 -30.98 -20.68
C LEU D 84 -37.17 -32.26 -20.28
N LEU D 85 -35.87 -32.30 -20.54
CA LEU D 85 -35.00 -33.44 -20.10
C LEU D 85 -34.86 -33.41 -18.56
N ASP D 86 -34.76 -32.20 -18.01
CA ASP D 86 -34.28 -31.93 -16.63
C ASP D 86 -34.70 -30.51 -16.20
N VAL D 87 -35.00 -30.32 -14.92
CA VAL D 87 -35.09 -28.98 -14.27
C VAL D 87 -34.48 -29.08 -12.86
N PHE D 88 -33.65 -28.13 -12.45
CA PHE D 88 -32.91 -28.18 -11.17
C PHE D 88 -32.74 -26.77 -10.58
N THR D 89 -32.37 -26.71 -9.30
CA THR D 89 -31.91 -25.48 -8.63
C THR D 89 -30.71 -25.84 -7.74
N PRO D 90 -29.67 -24.97 -7.73
CA PRO D 90 -28.52 -25.18 -6.85
C PRO D 90 -28.82 -24.75 -5.41
N ASP D 91 -29.79 -23.85 -5.22
CA ASP D 91 -30.29 -23.40 -3.89
C ASP D 91 -30.74 -24.63 -3.07
N GLU D 92 -30.19 -24.83 -1.85
CA GLU D 92 -30.37 -26.10 -1.09
C GLU D 92 -31.51 -25.97 -0.07
N THR D 93 -32.19 -24.82 0.01
CA THR D 93 -33.42 -24.62 0.82
C THR D 93 -34.39 -23.66 0.13
N LEU D 94 -35.66 -23.70 0.52
CA LEU D 94 -36.72 -22.76 0.05
C LEU D 94 -36.33 -21.33 0.41
N ASP D 95 -35.82 -21.10 1.62
CA ASP D 95 -35.45 -19.74 2.09
C ASP D 95 -34.39 -19.15 1.16
N ASP D 96 -33.50 -19.99 0.61
CA ASP D 96 -32.38 -19.55 -0.25
C ASP D 96 -32.76 -19.53 -1.73
N PHE D 97 -34.03 -19.80 -2.08
CA PHE D 97 -34.43 -20.10 -3.48
C PHE D 97 -34.46 -18.79 -4.25
N THR D 98 -33.54 -18.63 -5.21
CA THR D 98 -33.48 -17.45 -6.10
C THR D 98 -33.60 -17.87 -7.56
N ASP D 99 -32.99 -18.98 -7.98
CA ASP D 99 -33.09 -19.34 -9.42
C ASP D 99 -33.13 -20.85 -9.66
N PHE D 100 -33.72 -21.20 -10.80
CA PHE D 100 -33.79 -22.56 -11.36
C PHE D 100 -33.53 -22.50 -12.87
N TYR D 101 -33.19 -23.67 -13.41
CA TYR D 101 -32.61 -23.91 -14.74
C TYR D 101 -33.44 -24.99 -15.44
N LEU D 102 -33.84 -24.73 -16.68
CA LEU D 102 -34.51 -25.70 -17.58
C LEU D 102 -33.46 -26.34 -18.49
N VAL D 103 -33.49 -27.65 -18.64
CA VAL D 103 -32.64 -28.38 -19.61
C VAL D 103 -33.53 -28.96 -20.70
N MET D 104 -33.23 -28.62 -21.95
CA MET D 104 -33.89 -29.10 -23.19
C MET D 104 -32.84 -29.73 -24.09
N PRO D 105 -33.22 -30.53 -25.13
CA PRO D 105 -32.25 -31.07 -26.09
C PRO D 105 -31.71 -29.94 -26.95
N PHE D 106 -30.43 -30.03 -27.32
CA PHE D 106 -29.80 -29.04 -28.21
C PHE D 106 -29.93 -29.59 -29.61
N MET D 107 -30.68 -28.92 -30.50
CA MET D 107 -30.93 -29.53 -31.83
C MET D 107 -29.67 -29.43 -32.69
N GLY D 108 -29.10 -28.23 -32.83
CA GLY D 108 -27.89 -28.04 -33.65
C GLY D 108 -27.80 -26.64 -34.22
N THR D 109 -28.89 -26.14 -34.78
CA THR D 109 -29.09 -24.70 -35.12
C THR D 109 -30.59 -24.38 -35.22
N ASP D 110 -30.91 -23.12 -35.55
CA ASP D 110 -32.27 -22.63 -35.86
C ASP D 110 -32.42 -22.55 -37.38
N LEU D 111 -33.64 -22.33 -37.83
CA LEU D 111 -34.03 -22.22 -39.25
C LEU D 111 -33.58 -20.87 -39.78
N GLY D 112 -33.70 -19.80 -38.99
CA GLY D 112 -33.41 -18.42 -39.41
C GLY D 112 -31.97 -18.26 -39.89
N LYS D 113 -31.07 -19.02 -39.25
CA LYS D 113 -29.62 -19.08 -39.53
C LYS D 113 -29.39 -19.96 -40.77
N LEU D 114 -29.91 -21.18 -40.73
CA LEU D 114 -30.00 -22.10 -41.90
C LEU D 114 -30.49 -21.33 -43.14
N MET D 115 -31.42 -20.39 -43.01
CA MET D 115 -32.00 -19.62 -44.15
C MET D 115 -31.04 -18.52 -44.61
N LYS D 116 -30.18 -18.00 -43.73
CA LYS D 116 -29.23 -16.91 -44.08
C LYS D 116 -28.12 -17.52 -44.92
N HIS D 117 -27.72 -18.75 -44.58
CA HIS D 117 -26.65 -19.52 -45.26
C HIS D 117 -27.20 -20.11 -46.57
N GLU D 118 -27.72 -21.33 -46.55
CA GLU D 118 -28.34 -22.00 -47.73
C GLU D 118 -29.62 -21.29 -48.18
N LYS D 119 -30.09 -21.61 -49.40
CA LYS D 119 -31.52 -21.51 -49.80
C LYS D 119 -32.07 -22.94 -49.80
N LEU D 120 -33.32 -23.11 -49.34
CA LEU D 120 -33.85 -24.47 -49.05
C LEU D 120 -34.40 -25.08 -50.33
N GLY D 121 -34.21 -26.39 -50.45
CA GLY D 121 -34.83 -27.19 -51.53
C GLY D 121 -36.33 -27.32 -51.36
N GLU D 122 -37.07 -27.35 -52.47
CA GLU D 122 -38.51 -27.66 -52.51
C GLU D 122 -38.77 -28.81 -51.54
N ASP D 123 -37.98 -29.88 -51.61
CA ASP D 123 -38.14 -31.07 -50.74
C ASP D 123 -37.98 -30.69 -49.27
N ARG D 124 -36.95 -29.90 -48.94
CA ARG D 124 -36.61 -29.52 -47.55
C ARG D 124 -37.76 -28.68 -46.97
N ILE D 125 -38.23 -27.69 -47.71
CA ILE D 125 -39.35 -26.80 -47.24
C ILE D 125 -40.59 -27.65 -46.87
N GLN D 126 -41.11 -28.45 -47.80
CA GLN D 126 -42.22 -29.41 -47.52
C GLN D 126 -41.97 -30.09 -46.16
N PHE D 127 -40.80 -30.70 -45.95
CA PHE D 127 -40.51 -31.54 -44.75
C PHE D 127 -40.43 -30.68 -43.50
N LEU D 128 -40.00 -29.43 -43.65
CA LEU D 128 -39.83 -28.52 -42.49
C LEU D 128 -41.22 -27.99 -42.12
N VAL D 129 -41.95 -27.42 -43.10
CA VAL D 129 -43.31 -26.81 -42.90
C VAL D 129 -44.25 -27.89 -42.37
N TYR D 130 -44.06 -29.13 -42.82
CA TYR D 130 -44.74 -30.35 -42.31
C TYR D 130 -44.51 -30.49 -40.81
N GLN D 131 -43.25 -30.60 -40.40
CA GLN D 131 -42.86 -30.85 -38.99
C GLN D 131 -43.35 -29.70 -38.08
N MET D 132 -43.35 -28.45 -38.57
CA MET D 132 -43.93 -27.32 -37.79
C MET D 132 -45.39 -27.68 -37.53
N LEU D 133 -46.13 -27.98 -38.60
CA LEU D 133 -47.60 -28.17 -38.50
C LEU D 133 -47.90 -29.41 -37.64
N LYS D 134 -47.15 -30.50 -37.77
CA LYS D 134 -47.28 -31.68 -36.86
C LYS D 134 -47.17 -31.27 -35.38
N GLY D 135 -46.20 -30.42 -35.04
CA GLY D 135 -45.98 -29.93 -33.66
C GLY D 135 -47.09 -28.98 -33.25
N LEU D 136 -47.28 -27.92 -34.02
CA LEU D 136 -48.39 -26.95 -33.84
C LEU D 136 -49.70 -27.68 -33.58
N ARG D 137 -49.97 -28.78 -34.31
CA ARG D 137 -51.21 -29.60 -34.16
C ARG D 137 -51.31 -30.03 -32.71
N TYR D 138 -50.28 -30.69 -32.22
CA TYR D 138 -50.15 -31.16 -30.83
C TYR D 138 -50.27 -30.00 -29.84
N ILE D 139 -49.62 -28.88 -30.09
CA ILE D 139 -49.66 -27.74 -29.13
C ILE D 139 -51.11 -27.25 -29.03
N HIS D 140 -51.69 -26.93 -30.19
CA HIS D 140 -53.08 -26.45 -30.33
C HIS D 140 -54.06 -27.44 -29.72
N ALA D 141 -53.80 -28.76 -29.86
CA ALA D 141 -54.58 -29.89 -29.30
C ALA D 141 -54.60 -29.85 -27.77
N ALA D 142 -53.46 -29.55 -27.14
CA ALA D 142 -53.36 -29.29 -25.69
C ALA D 142 -54.08 -27.99 -25.30
N GLY D 143 -54.58 -27.20 -26.25
CA GLY D 143 -55.34 -25.97 -25.95
C GLY D 143 -54.41 -24.82 -25.60
N ILE D 144 -53.25 -24.76 -26.26
CA ILE D 144 -52.20 -23.73 -26.05
C ILE D 144 -52.00 -22.97 -27.36
N ILE D 145 -51.81 -21.65 -27.25
CA ILE D 145 -51.23 -20.77 -28.30
C ILE D 145 -49.78 -20.48 -27.90
N HIS D 146 -48.81 -20.77 -28.77
CA HIS D 146 -47.38 -20.34 -28.69
C HIS D 146 -47.29 -19.01 -29.40
N ARG D 147 -47.31 -17.85 -28.78
CA ARG D 147 -47.68 -16.69 -29.65
C ARG D 147 -46.51 -16.09 -30.45
N ASP D 148 -45.33 -16.70 -30.44
CA ASP D 148 -44.13 -16.09 -31.07
C ASP D 148 -43.42 -17.18 -31.87
N LEU D 149 -44.10 -17.82 -32.82
CA LEU D 149 -43.42 -18.62 -33.87
C LEU D 149 -42.64 -17.66 -34.76
N LYS D 150 -41.42 -18.06 -35.11
CA LYS D 150 -40.48 -17.32 -35.99
C LYS D 150 -39.32 -18.24 -36.32
N PRO D 151 -38.56 -17.96 -37.40
CA PRO D 151 -37.43 -18.80 -37.79
C PRO D 151 -36.47 -19.13 -36.63
N GLY D 152 -36.18 -18.14 -35.78
CA GLY D 152 -35.38 -18.36 -34.56
C GLY D 152 -35.90 -19.46 -33.65
N ASN D 153 -37.23 -19.63 -33.55
CA ASN D 153 -37.87 -20.54 -32.57
C ASN D 153 -38.09 -21.91 -33.20
N LEU D 154 -37.42 -22.22 -34.30
CA LEU D 154 -37.56 -23.53 -35.00
C LEU D 154 -36.20 -24.22 -35.05
N ALA D 155 -35.96 -25.13 -34.14
CA ALA D 155 -34.65 -25.81 -34.03
C ALA D 155 -34.60 -26.93 -35.07
N VAL D 156 -33.45 -27.08 -35.73
CA VAL D 156 -33.22 -28.08 -36.81
C VAL D 156 -31.90 -28.79 -36.52
N ASN D 157 -31.74 -30.05 -36.93
CA ASN D 157 -30.50 -30.83 -36.70
C ASN D 157 -29.96 -31.31 -38.05
N GLU D 158 -28.82 -32.01 -38.03
CA GLU D 158 -28.16 -32.66 -39.19
C GLU D 158 -29.18 -33.33 -40.14
N ASP D 159 -30.31 -33.84 -39.64
CA ASP D 159 -31.26 -34.71 -40.42
C ASP D 159 -32.51 -33.93 -40.87
N CYS D 160 -32.46 -32.60 -40.90
CA CYS D 160 -33.57 -31.67 -41.26
C CYS D 160 -34.83 -31.97 -40.44
N GLU D 161 -34.63 -32.47 -39.22
CA GLU D 161 -35.66 -32.70 -38.18
C GLU D 161 -35.83 -31.43 -37.36
N LEU D 162 -37.07 -31.09 -37.00
CA LEU D 162 -37.46 -29.76 -36.48
C LEU D 162 -38.14 -29.91 -35.11
N LYS D 163 -38.06 -28.83 -34.32
CA LYS D 163 -38.58 -28.69 -32.94
C LYS D 163 -39.03 -27.23 -32.72
N ILE D 164 -40.23 -27.04 -32.17
CA ILE D 164 -40.75 -25.70 -31.80
C ILE D 164 -40.25 -25.37 -30.38
N LEU D 165 -39.88 -24.10 -30.17
CA LEU D 165 -38.82 -23.76 -29.19
C LEU D 165 -39.25 -22.85 -28.03
N ASP D 166 -39.97 -21.74 -28.22
CA ASP D 166 -39.99 -20.79 -27.07
C ASP D 166 -41.39 -20.69 -26.42
N PHE D 167 -41.56 -21.28 -25.22
CA PHE D 167 -42.85 -21.31 -24.50
C PHE D 167 -43.01 -20.13 -23.55
N GLY D 168 -42.05 -19.21 -23.55
CA GLY D 168 -42.01 -18.10 -22.60
C GLY D 168 -43.14 -17.10 -22.82
N LEU D 169 -43.86 -17.19 -23.92
CA LEU D 169 -44.92 -16.20 -24.22
C LEU D 169 -46.23 -16.95 -24.36
N ALA D 170 -46.13 -18.29 -24.47
CA ALA D 170 -47.27 -19.20 -24.72
C ALA D 170 -48.27 -19.08 -23.57
N ARG D 171 -49.55 -19.10 -23.92
CA ARG D 171 -50.73 -19.01 -23.03
C ARG D 171 -51.70 -20.13 -23.38
N GLN D 172 -52.57 -20.53 -22.47
CA GLN D 172 -53.64 -21.47 -22.86
C GLN D 172 -54.69 -20.63 -23.60
N ALA D 173 -55.42 -21.28 -24.49
CA ALA D 173 -56.10 -20.68 -25.65
C ALA D 173 -57.17 -19.69 -25.18
N ASP D 174 -57.71 -19.88 -23.98
CA ASP D 174 -58.89 -19.14 -23.45
C ASP D 174 -58.49 -18.18 -22.31
N SER D 175 -57.20 -18.15 -21.95
CA SER D 175 -56.68 -17.11 -21.02
C SER D 175 -56.52 -15.77 -21.76
N GLU D 176 -56.27 -14.72 -20.99
CA GLU D 176 -55.93 -13.35 -21.45
C GLU D 176 -54.51 -13.40 -22.03
N MET D 177 -54.35 -12.74 -23.18
CA MET D 177 -53.09 -12.74 -23.96
C MET D 177 -52.25 -11.59 -23.45
N THR D 178 -51.56 -11.82 -22.34
CA THR D 178 -50.73 -10.80 -21.64
C THR D 178 -49.26 -10.96 -22.04
N GLY D 179 -48.47 -9.94 -21.78
CA GLY D 179 -47.11 -9.88 -22.35
C GLY D 179 -47.16 -9.18 -23.69
N TYR D 180 -46.00 -8.98 -24.31
CA TYR D 180 -45.85 -8.26 -25.58
C TYR D 180 -44.95 -9.11 -26.46
N VAL D 181 -45.53 -9.59 -27.56
CA VAL D 181 -44.78 -10.18 -28.69
C VAL D 181 -43.90 -9.08 -29.29
N VAL D 182 -42.59 -9.29 -29.23
CA VAL D 182 -41.55 -8.32 -29.69
C VAL D 182 -41.33 -8.53 -31.19
N THR D 183 -40.95 -9.74 -31.61
CA THR D 183 -40.76 -10.17 -33.03
C THR D 183 -41.83 -9.55 -33.95
N ARG D 184 -41.49 -8.98 -35.11
CA ARG D 184 -42.45 -8.07 -35.85
C ARG D 184 -43.04 -8.70 -37.15
N TRP D 185 -42.34 -9.61 -37.81
CA TRP D 185 -42.66 -10.00 -39.21
C TRP D 185 -43.79 -11.04 -39.26
N TYR D 186 -43.90 -11.83 -38.22
CA TYR D 186 -44.61 -13.12 -38.29
C TYR D 186 -45.95 -13.06 -37.55
N ARG D 187 -46.35 -11.92 -37.02
CA ARG D 187 -47.45 -11.95 -36.03
C ARG D 187 -48.76 -11.64 -36.77
N ALA D 188 -49.80 -12.40 -36.42
CA ALA D 188 -51.16 -12.30 -37.00
C ALA D 188 -51.69 -10.89 -36.75
N PRO D 189 -52.61 -10.40 -37.59
CA PRO D 189 -53.17 -9.06 -37.39
C PRO D 189 -53.76 -8.89 -35.98
N GLU D 190 -54.31 -9.94 -35.36
CA GLU D 190 -54.94 -9.77 -34.03
C GLU D 190 -53.83 -9.60 -32.99
N VAL D 191 -52.72 -10.34 -33.10
CA VAL D 191 -51.49 -10.05 -32.27
C VAL D 191 -51.04 -8.60 -32.53
N ILE D 192 -50.94 -8.16 -33.77
CA ILE D 192 -50.49 -6.77 -34.09
C ILE D 192 -51.44 -5.77 -33.43
N LEU D 193 -52.74 -6.04 -33.48
CA LEU D 193 -53.80 -5.10 -33.05
C LEU D 193 -53.87 -5.07 -31.52
N ASN D 194 -53.20 -6.02 -30.85
CA ASN D 194 -52.86 -5.97 -29.40
C ASN D 194 -54.08 -6.43 -28.60
N TRP D 195 -54.92 -7.24 -29.23
CA TRP D 195 -56.14 -7.83 -28.63
C TRP D 195 -55.81 -8.66 -27.42
N MET D 196 -56.69 -8.65 -26.42
CA MET D 196 -56.49 -9.37 -25.15
C MET D 196 -56.93 -10.82 -25.30
N ARG D 197 -57.75 -11.14 -26.32
CA ARG D 197 -58.27 -12.51 -26.58
C ARG D 197 -58.21 -12.85 -28.10
N TYR D 198 -57.76 -14.06 -28.43
CA TYR D 198 -57.60 -14.54 -29.82
C TYR D 198 -57.32 -16.04 -29.81
N THR D 199 -57.26 -16.65 -30.99
CA THR D 199 -57.35 -18.12 -31.16
C THR D 199 -56.01 -18.68 -31.67
N GLN D 200 -55.93 -19.99 -31.69
CA GLN D 200 -54.71 -20.71 -32.13
C GLN D 200 -54.36 -20.39 -33.60
N THR D 201 -55.27 -19.85 -34.41
CA THR D 201 -54.95 -19.57 -35.83
C THR D 201 -54.02 -18.35 -35.98
N VAL D 202 -53.71 -17.61 -34.91
CA VAL D 202 -52.59 -16.61 -34.94
C VAL D 202 -51.27 -17.35 -35.25
N ASP D 203 -51.08 -18.54 -34.69
CA ASP D 203 -49.86 -19.33 -34.94
C ASP D 203 -49.84 -19.81 -36.40
N ILE D 204 -50.98 -19.86 -37.07
CA ILE D 204 -51.05 -20.47 -38.42
C ILE D 204 -50.58 -19.40 -39.42
N TRP D 205 -50.99 -18.15 -39.17
CA TRP D 205 -50.51 -16.94 -39.88
C TRP D 205 -48.98 -16.87 -39.84
N SER D 206 -48.38 -17.13 -38.68
CA SER D 206 -46.90 -17.13 -38.48
C SER D 206 -46.28 -18.15 -39.43
N VAL D 207 -46.64 -19.43 -39.29
CA VAL D 207 -46.22 -20.53 -40.21
C VAL D 207 -46.40 -20.09 -41.67
N GLY D 208 -47.48 -19.36 -41.96
CA GLY D 208 -47.69 -18.73 -43.28
C GLY D 208 -46.49 -17.90 -43.65
N CYS D 209 -46.26 -16.82 -42.90
CA CYS D 209 -45.15 -15.84 -43.11
C CYS D 209 -43.78 -16.57 -43.23
N ILE D 210 -43.57 -17.63 -42.47
CA ILE D 210 -42.27 -18.36 -42.44
C ILE D 210 -42.14 -19.16 -43.73
N MET D 211 -43.08 -20.07 -43.99
CA MET D 211 -43.15 -20.83 -45.26
C MET D 211 -42.96 -19.86 -46.44
N ALA D 212 -43.59 -18.68 -46.43
CA ALA D 212 -43.47 -17.74 -47.57
C ALA D 212 -41.99 -17.40 -47.76
N GLU D 213 -41.39 -16.79 -46.75
CA GLU D 213 -39.96 -16.34 -46.70
C GLU D 213 -38.98 -17.49 -46.94
N MET D 214 -39.32 -18.73 -46.63
CA MET D 214 -38.45 -19.91 -46.92
C MET D 214 -38.34 -20.10 -48.43
N ILE D 215 -39.35 -19.65 -49.17
CA ILE D 215 -39.59 -19.97 -50.61
C ILE D 215 -39.08 -18.81 -51.44
N THR D 216 -39.29 -17.59 -50.93
CA THR D 216 -38.98 -16.32 -51.61
C THR D 216 -37.63 -15.79 -51.13
N GLY D 217 -37.03 -16.39 -50.10
CA GLY D 217 -35.84 -15.86 -49.41
C GLY D 217 -35.98 -14.39 -48.97
N LYS D 218 -37.16 -13.78 -49.12
CA LYS D 218 -37.47 -12.37 -48.76
C LYS D 218 -38.63 -12.40 -47.73
N THR D 219 -38.49 -11.67 -46.62
CA THR D 219 -39.54 -11.50 -45.55
C THR D 219 -40.81 -10.93 -46.16
N LEU D 220 -41.94 -11.64 -45.98
CA LEU D 220 -43.23 -11.35 -46.65
C LEU D 220 -43.82 -10.02 -46.18
N PHE D 221 -43.97 -9.76 -44.88
CA PHE D 221 -44.44 -8.44 -44.39
C PHE D 221 -43.34 -7.76 -43.57
N LYS D 222 -42.62 -6.83 -44.22
CA LYS D 222 -41.83 -5.73 -43.59
C LYS D 222 -42.78 -4.82 -42.81
N GLY D 223 -42.26 -3.89 -42.04
CA GLY D 223 -43.05 -2.93 -41.24
C GLY D 223 -42.22 -2.21 -40.21
N SER D 224 -42.29 -0.87 -40.17
CA SER D 224 -41.62 -0.03 -39.14
C SER D 224 -42.31 -0.25 -37.79
N ASP D 225 -43.57 0.16 -37.70
CA ASP D 225 -44.46 0.11 -36.50
C ASP D 225 -45.60 -0.89 -36.72
N HIS D 226 -46.40 -1.12 -35.67
CA HIS D 226 -47.65 -1.95 -35.71
C HIS D 226 -48.52 -1.54 -36.91
N LEU D 227 -48.84 -0.25 -37.04
CA LEU D 227 -49.83 0.17 -38.07
C LEU D 227 -49.27 -0.09 -39.46
N ASP D 228 -48.06 0.38 -39.71
CA ASP D 228 -47.40 0.25 -41.04
C ASP D 228 -47.41 -1.23 -41.45
N GLN D 229 -47.05 -2.14 -40.53
CA GLN D 229 -47.10 -3.61 -40.68
C GLN D 229 -48.48 -4.10 -41.14
N LEU D 230 -49.58 -3.58 -40.59
CA LEU D 230 -50.95 -3.96 -41.04
C LEU D 230 -51.14 -3.47 -42.47
N LYS D 231 -50.87 -2.19 -42.72
CA LYS D 231 -50.87 -1.58 -44.07
C LYS D 231 -50.06 -2.45 -45.07
N GLU D 232 -48.90 -2.96 -44.67
CA GLU D 232 -48.12 -3.92 -45.51
C GLU D 232 -48.92 -5.17 -45.82
N ILE D 233 -49.76 -5.63 -44.88
CA ILE D 233 -50.63 -6.85 -44.99
C ILE D 233 -51.81 -6.53 -45.90
N MET D 234 -52.47 -5.37 -45.72
CA MET D 234 -53.63 -4.95 -46.54
C MET D 234 -53.25 -4.96 -48.02
N LYS D 235 -52.01 -4.59 -48.38
CA LYS D 235 -51.44 -4.66 -49.76
C LYS D 235 -51.53 -6.07 -50.35
N VAL D 236 -51.08 -7.07 -49.61
CA VAL D 236 -51.03 -8.47 -50.12
C VAL D 236 -52.43 -9.11 -50.06
N THR D 237 -53.35 -8.62 -49.20
CA THR D 237 -54.66 -9.26 -48.92
C THR D 237 -55.85 -8.51 -49.55
N GLY D 238 -55.82 -7.18 -49.62
CA GLY D 238 -56.99 -6.35 -49.99
C GLY D 238 -57.64 -5.69 -48.78
N THR D 239 -58.26 -4.52 -49.00
CA THR D 239 -58.86 -3.65 -47.94
C THR D 239 -60.01 -4.40 -47.28
N PRO D 240 -60.16 -4.28 -45.94
CA PRO D 240 -61.11 -5.10 -45.17
C PRO D 240 -62.46 -4.55 -44.67
N PRO D 241 -63.39 -5.47 -44.31
CA PRO D 241 -64.80 -5.10 -44.06
C PRO D 241 -65.09 -4.33 -42.75
N ALA D 242 -65.35 -5.07 -41.64
CA ALA D 242 -65.73 -4.54 -40.31
C ALA D 242 -64.49 -4.06 -39.51
N GLU D 243 -63.27 -4.26 -40.04
CA GLU D 243 -61.95 -3.94 -39.38
C GLU D 243 -61.66 -2.43 -39.51
N PHE D 244 -61.45 -1.87 -40.71
CA PHE D 244 -61.08 -0.43 -40.87
C PHE D 244 -62.19 0.41 -40.23
N VAL D 245 -63.47 0.15 -40.55
CA VAL D 245 -64.68 0.80 -39.93
C VAL D 245 -65.03 0.07 -38.62
N GLN D 246 -64.88 0.75 -37.47
CA GLN D 246 -64.79 0.20 -36.08
C GLN D 246 -63.64 -0.82 -36.03
N ARG D 247 -63.36 -1.40 -34.85
CA ARG D 247 -62.37 -2.50 -34.60
C ARG D 247 -60.95 -1.98 -34.36
N LEU D 248 -60.72 -0.66 -34.22
CA LEU D 248 -59.34 -0.10 -34.13
C LEU D 248 -59.16 0.87 -32.95
N GLN D 249 -60.26 1.29 -32.29
CA GLN D 249 -60.42 2.49 -31.40
C GLN D 249 -59.18 3.38 -31.44
N SER D 250 -58.69 3.61 -32.64
CA SER D 250 -57.78 4.72 -32.96
C SER D 250 -58.51 5.47 -34.07
N ASP D 251 -59.13 6.60 -33.75
CA ASP D 251 -59.63 7.60 -34.74
C ASP D 251 -58.54 7.82 -35.79
N GLU D 252 -57.30 8.00 -35.32
CA GLU D 252 -56.10 8.30 -36.15
C GLU D 252 -55.75 7.08 -37.01
N ALA D 253 -55.79 5.86 -36.47
CA ALA D 253 -55.49 4.61 -37.22
C ALA D 253 -56.57 4.40 -38.31
N LYS D 254 -57.84 4.53 -37.93
CA LYS D 254 -59.03 4.51 -38.84
C LYS D 254 -58.80 5.46 -40.03
N ASN D 255 -58.65 6.75 -39.76
CA ASN D 255 -58.40 7.80 -40.79
C ASN D 255 -57.27 7.34 -41.72
N TYR D 256 -56.08 7.07 -41.18
CA TYR D 256 -54.88 6.65 -41.95
C TYR D 256 -55.24 5.46 -42.85
N MET D 257 -56.06 4.53 -42.36
CA MET D 257 -56.49 3.33 -43.13
C MET D 257 -57.52 3.73 -44.20
N LYS D 258 -58.53 4.54 -43.86
CA LYS D 258 -59.60 4.94 -44.83
C LYS D 258 -58.99 5.80 -45.94
N GLY D 259 -57.92 6.56 -45.62
CA GLY D 259 -57.28 7.52 -46.54
C GLY D 259 -55.94 7.05 -47.09
N LEU D 260 -55.85 5.85 -47.66
CA LEU D 260 -54.69 5.45 -48.50
C LEU D 260 -55.15 5.14 -49.92
N PRO D 261 -54.38 5.59 -50.93
CA PRO D 261 -54.68 5.30 -52.33
C PRO D 261 -54.61 3.77 -52.54
N GLU D 262 -55.78 3.14 -52.47
CA GLU D 262 -55.95 1.68 -52.25
C GLU D 262 -55.87 0.94 -53.60
N LEU D 263 -55.19 -0.23 -53.65
CA LEU D 263 -55.35 -1.28 -54.70
C LEU D 263 -55.94 -2.54 -54.03
N GLU D 264 -56.36 -3.55 -54.81
CA GLU D 264 -57.09 -4.75 -54.31
C GLU D 264 -56.11 -5.91 -54.13
N LYS D 265 -56.58 -7.12 -53.78
CA LYS D 265 -55.74 -8.35 -53.67
C LYS D 265 -54.65 -8.33 -54.74
N LYS D 266 -53.43 -8.73 -54.38
CA LYS D 266 -52.39 -9.21 -55.35
C LYS D 266 -52.57 -10.74 -55.46
N ASP D 267 -52.28 -11.27 -56.64
CA ASP D 267 -52.19 -12.73 -56.89
C ASP D 267 -50.97 -13.22 -56.12
N PHE D 268 -51.16 -13.95 -55.03
CA PHE D 268 -50.06 -14.55 -54.23
C PHE D 268 -49.04 -15.16 -55.19
N ALA D 269 -49.50 -15.89 -56.20
CA ALA D 269 -48.67 -16.57 -57.21
C ALA D 269 -47.70 -15.55 -57.82
N SER D 270 -48.18 -14.33 -58.09
CA SER D 270 -47.35 -13.19 -58.59
C SER D 270 -46.33 -12.73 -57.53
N ILE D 271 -46.77 -12.57 -56.27
CA ILE D 271 -45.96 -12.17 -55.07
C ILE D 271 -44.91 -13.26 -54.76
N LEU D 272 -45.29 -14.54 -54.72
CA LEU D 272 -44.45 -15.65 -54.21
C LEU D 272 -43.79 -16.34 -55.41
N THR D 273 -42.87 -15.61 -56.05
CA THR D 273 -42.52 -15.71 -57.49
C THR D 273 -42.10 -17.13 -57.89
N ASN D 274 -41.49 -17.92 -56.99
CA ASN D 274 -40.91 -19.25 -57.35
C ASN D 274 -41.57 -20.37 -56.52
N ALA D 275 -42.85 -20.24 -56.19
CA ALA D 275 -43.61 -21.19 -55.33
C ALA D 275 -44.53 -22.03 -56.21
N SER D 276 -44.63 -23.35 -55.96
CA SER D 276 -45.52 -24.27 -56.72
C SER D 276 -46.94 -23.77 -56.56
N PRO D 277 -47.88 -24.07 -57.49
CA PRO D 277 -49.22 -23.48 -57.44
C PRO D 277 -49.96 -24.12 -56.23
N LEU D 278 -49.48 -25.32 -55.85
CA LEU D 278 -49.93 -26.14 -54.72
C LEU D 278 -49.51 -25.48 -53.40
N ALA D 279 -48.28 -24.94 -53.32
CA ALA D 279 -47.79 -24.20 -52.13
C ALA D 279 -48.50 -22.86 -52.04
N VAL D 280 -48.73 -22.19 -53.18
CA VAL D 280 -49.54 -20.95 -53.24
C VAL D 280 -50.93 -21.22 -52.65
N ASN D 281 -51.52 -22.38 -52.95
CA ASN D 281 -52.92 -22.67 -52.56
C ASN D 281 -52.97 -22.72 -51.03
N LEU D 282 -52.09 -23.52 -50.42
CA LEU D 282 -51.95 -23.66 -48.95
C LEU D 282 -51.72 -22.28 -48.33
N LEU D 283 -50.86 -21.47 -48.91
CA LEU D 283 -50.55 -20.13 -48.34
C LEU D 283 -51.78 -19.24 -48.38
N GLU D 284 -52.65 -19.38 -49.40
CA GLU D 284 -53.86 -18.54 -49.51
C GLU D 284 -54.82 -18.86 -48.34
N LYS D 285 -54.71 -20.07 -47.80
CA LYS D 285 -55.63 -20.61 -46.78
C LYS D 285 -55.09 -20.27 -45.40
N MET D 286 -53.80 -19.99 -45.30
CA MET D 286 -53.10 -19.62 -44.03
C MET D 286 -53.13 -18.09 -43.83
N LEU D 287 -53.00 -17.29 -44.89
CA LEU D 287 -52.82 -15.82 -44.75
C LEU D 287 -54.14 -15.10 -45.03
N VAL D 288 -55.06 -15.21 -44.08
CA VAL D 288 -56.45 -14.70 -44.19
C VAL D 288 -56.72 -13.76 -43.02
N LEU D 289 -57.22 -12.55 -43.26
CA LEU D 289 -57.55 -11.64 -42.15
C LEU D 289 -58.51 -12.37 -41.20
N ASP D 290 -59.66 -12.84 -41.69
CA ASP D 290 -60.69 -13.41 -40.77
C ASP D 290 -60.12 -14.71 -40.19
N ALA D 291 -59.76 -14.71 -38.91
CA ALA D 291 -59.13 -15.87 -38.22
C ALA D 291 -60.01 -17.11 -38.34
N GLU D 292 -61.33 -16.96 -38.53
CA GLU D 292 -62.27 -18.10 -38.69
C GLU D 292 -61.97 -18.84 -40.00
N GLN D 293 -61.83 -18.11 -41.11
CA GLN D 293 -61.49 -18.65 -42.45
C GLN D 293 -60.10 -19.31 -42.42
N ARG D 294 -59.18 -18.80 -41.61
CA ARG D 294 -57.81 -19.35 -41.46
C ARG D 294 -57.89 -20.86 -41.19
N VAL D 295 -57.14 -21.66 -41.95
CA VAL D 295 -57.03 -23.14 -41.81
C VAL D 295 -56.46 -23.47 -40.42
N THR D 296 -56.78 -24.65 -39.88
CA THR D 296 -56.14 -25.19 -38.64
C THR D 296 -54.89 -26.00 -39.00
N ALA D 297 -54.05 -26.31 -38.03
CA ALA D 297 -52.83 -27.12 -38.22
C ALA D 297 -53.22 -28.42 -38.93
N GLY D 298 -54.23 -29.12 -38.41
CA GLY D 298 -54.62 -30.46 -38.90
C GLY D 298 -55.19 -30.37 -40.31
N GLU D 299 -56.04 -29.35 -40.54
CA GLU D 299 -56.61 -29.05 -41.89
C GLU D 299 -55.43 -28.81 -42.85
N ALA D 300 -54.42 -28.03 -42.46
CA ALA D 300 -53.29 -27.67 -43.36
C ALA D 300 -52.45 -28.91 -43.67
N LEU D 301 -52.23 -29.79 -42.68
CA LEU D 301 -51.50 -31.08 -42.86
C LEU D 301 -52.18 -31.97 -43.89
N ALA D 302 -53.49 -31.83 -44.08
CA ALA D 302 -54.31 -32.65 -44.99
C ALA D 302 -54.30 -32.07 -46.42
N HIS D 303 -53.74 -30.88 -46.60
CA HIS D 303 -53.61 -30.20 -47.93
C HIS D 303 -52.80 -31.10 -48.86
N PRO D 304 -53.09 -31.03 -50.18
CA PRO D 304 -52.29 -31.69 -51.22
C PRO D 304 -50.79 -31.36 -51.24
N TYR D 305 -50.44 -30.19 -50.70
CA TYR D 305 -49.04 -29.70 -50.70
C TYR D 305 -48.19 -30.68 -49.90
N PHE D 306 -48.79 -31.53 -49.06
CA PHE D 306 -48.01 -32.49 -48.23
C PHE D 306 -48.37 -33.92 -48.62
N GLU D 307 -48.91 -34.17 -49.84
CA GLU D 307 -49.50 -35.49 -50.17
C GLU D 307 -48.44 -36.60 -50.00
N SER D 308 -47.24 -36.44 -50.57
CA SER D 308 -46.06 -37.35 -50.42
C SER D 308 -46.02 -38.01 -49.02
N LEU D 309 -46.12 -37.20 -47.97
CA LEU D 309 -45.86 -37.58 -46.54
C LEU D 309 -47.17 -38.08 -45.88
N HIS D 310 -47.71 -39.24 -46.31
CA HIS D 310 -49.09 -39.76 -46.03
C HIS D 310 -49.28 -40.12 -44.55
N ASP D 311 -50.37 -39.67 -43.89
CA ASP D 311 -50.62 -39.89 -42.43
C ASP D 311 -51.96 -39.30 -41.97
N THR D 312 -52.65 -39.98 -41.05
CA THR D 312 -53.67 -39.39 -40.10
C THR D 312 -53.47 -39.93 -38.67
N GLU D 313 -52.44 -40.75 -38.43
CA GLU D 313 -52.23 -41.53 -37.18
C GLU D 313 -51.87 -40.61 -36.00
N ASP D 314 -50.90 -39.70 -36.21
CA ASP D 314 -50.36 -38.73 -35.21
C ASP D 314 -51.42 -37.65 -34.90
N GLU D 315 -52.59 -37.68 -35.55
CA GLU D 315 -53.81 -36.94 -35.11
C GLU D 315 -53.88 -37.19 -33.60
N PRO D 316 -53.38 -36.26 -32.75
CA PRO D 316 -52.66 -36.63 -31.53
C PRO D 316 -53.57 -36.72 -30.30
N GLN D 317 -53.67 -37.91 -29.70
CA GLN D 317 -54.19 -38.08 -28.32
C GLN D 317 -53.25 -37.30 -27.40
N VAL D 318 -53.68 -36.14 -26.90
CA VAL D 318 -52.96 -35.31 -25.88
C VAL D 318 -53.91 -35.03 -24.74
N GLN D 319 -53.39 -34.91 -23.51
CA GLN D 319 -54.12 -34.19 -22.44
C GLN D 319 -54.25 -32.73 -22.89
N LYS D 320 -55.44 -32.12 -22.83
CA LYS D 320 -55.54 -30.64 -22.74
C LYS D 320 -54.81 -30.18 -21.47
N TYR D 321 -53.95 -29.17 -21.57
CA TYR D 321 -53.32 -28.50 -20.40
C TYR D 321 -54.42 -27.97 -19.48
N ASP D 322 -54.29 -28.18 -18.17
CA ASP D 322 -55.24 -27.69 -17.13
C ASP D 322 -54.84 -26.30 -16.64
N ASP D 323 -55.63 -25.30 -17.03
CA ASP D 323 -55.47 -23.87 -16.68
C ASP D 323 -55.46 -23.75 -15.15
N SER D 324 -56.34 -24.52 -14.47
CA SER D 324 -56.97 -24.27 -13.15
C SER D 324 -55.96 -23.96 -12.03
N PHE D 325 -54.92 -24.77 -11.87
CA PHE D 325 -53.89 -24.52 -10.84
C PHE D 325 -53.28 -23.10 -10.99
N ASP D 326 -53.04 -22.65 -12.22
CA ASP D 326 -52.30 -21.40 -12.54
C ASP D 326 -53.18 -20.17 -12.23
N ASP D 327 -54.49 -20.30 -12.41
CA ASP D 327 -55.46 -19.18 -12.31
C ASP D 327 -55.78 -18.83 -10.85
N VAL D 328 -55.14 -19.49 -9.89
CA VAL D 328 -55.30 -19.14 -8.45
C VAL D 328 -54.37 -17.96 -8.15
N ASP D 329 -54.87 -16.96 -7.43
CA ASP D 329 -54.07 -15.80 -6.96
C ASP D 329 -53.11 -16.31 -5.90
N ARG D 330 -51.81 -16.20 -6.10
CA ARG D 330 -50.81 -16.49 -5.04
C ARG D 330 -49.94 -15.24 -4.80
N THR D 331 -49.42 -15.10 -3.59
CA THR D 331 -48.38 -14.11 -3.20
C THR D 331 -47.07 -14.51 -3.90
N LEU D 332 -46.12 -13.58 -3.98
CA LEU D 332 -44.77 -13.87 -4.50
C LEU D 332 -44.20 -15.07 -3.73
N ASP D 333 -44.48 -15.17 -2.44
CA ASP D 333 -43.87 -16.23 -1.58
C ASP D 333 -44.53 -17.57 -1.86
N GLU D 334 -45.86 -17.58 -1.93
CA GLU D 334 -46.63 -18.78 -2.34
C GLU D 334 -46.08 -19.29 -3.68
N TRP D 335 -45.83 -18.40 -4.66
CA TRP D 335 -45.33 -18.79 -6.01
C TRP D 335 -43.97 -19.48 -5.84
N LYS D 336 -43.05 -18.80 -5.16
CA LYS D 336 -41.70 -19.33 -4.89
C LYS D 336 -41.86 -20.76 -4.42
N ARG D 337 -42.70 -20.98 -3.40
CA ARG D 337 -42.76 -22.27 -2.66
C ARG D 337 -43.23 -23.36 -3.61
N VAL D 338 -44.40 -23.16 -4.18
CA VAL D 338 -45.01 -24.03 -5.21
C VAL D 338 -43.96 -24.44 -6.24
N THR D 339 -43.32 -23.45 -6.88
CA THR D 339 -42.26 -23.66 -7.92
C THR D 339 -41.17 -24.54 -7.31
N TYR D 340 -40.76 -24.26 -6.07
CA TYR D 340 -39.66 -25.01 -5.40
C TYR D 340 -40.05 -26.51 -5.38
N LYS D 341 -41.31 -26.80 -5.07
CA LYS D 341 -41.85 -28.18 -5.01
C LYS D 341 -41.77 -28.80 -6.40
N GLU D 342 -42.29 -28.11 -7.42
CA GLU D 342 -42.25 -28.53 -8.85
C GLU D 342 -40.81 -28.84 -9.27
N VAL D 343 -39.87 -27.94 -9.00
CA VAL D 343 -38.47 -28.14 -9.45
C VAL D 343 -37.94 -29.41 -8.76
N LEU D 344 -38.14 -29.49 -7.45
CA LEU D 344 -37.61 -30.59 -6.60
C LEU D 344 -38.31 -31.92 -6.89
N SER D 345 -39.52 -31.91 -7.41
CA SER D 345 -40.36 -33.12 -7.50
C SER D 345 -40.48 -33.47 -8.98
N PHE D 346 -39.37 -33.57 -9.67
CA PHE D 346 -39.34 -33.71 -11.14
C PHE D 346 -38.54 -34.96 -11.49
N LYS D 347 -39.22 -35.93 -12.10
CA LYS D 347 -38.61 -37.03 -12.90
C LYS D 347 -38.91 -36.72 -14.38
N PRO D 348 -37.96 -36.97 -15.32
CA PRO D 348 -38.04 -36.46 -16.70
C PRO D 348 -39.45 -36.39 -17.28
#